data_4BC9
#
_entry.id   4BC9
#
_cell.length_a   60.910
_cell.length_b   98.620
_cell.length_c   106.280
_cell.angle_alpha   90.92
_cell.angle_beta   89.84
_cell.angle_gamma   95.66
#
_symmetry.space_group_name_H-M   'P 1'
#
loop_
_entity.id
_entity.type
_entity.pdbx_description
1 polymer 'ALKYLDIHYDROXYACETONEPHOSPHATE SYNTHASE, PEROXISOMAL'
2 non-polymer propanenitrile
3 non-polymer 'FLAVIN-ADENINE DINUCLEOTIDE'
4 non-polymer 'SULFATE ION'
5 water water
#
_entity_poly.entity_id   1
_entity_poly.type   'polypeptide(L)'
_entity_poly.pdbx_seq_one_letter_code
;MAEAAAAAAAAAAAGETSASSGSAAERDPDQDRAGRRLRVLSGHLLGRPQEALSTNECKARRAASAATAAPTATPAAPES
GIIPKKRQELMKWNGWGYNDSKFFLNKKGQLELTGKRYPLSGVALPTFKDWIQNTFGINLDHKTTSKASLNPSDTPPSIV
NEDFLHELKKTNISYSQEADDRVFRAHGHCLHEIFLLREGMFERIPDIVLWPTCHDDVVKIVNLACKYNLCIIPIGGGTS
VSYGLMCPADETRTIISLDTSQMNRILWVDENNLTAHVEAGITGQELERQLKESGYCTGHEPDSLEFSTVGGWISTRASG
MKKNIYGNIEDLVVHMKVVTPRGVIEKSCQGPRMSTGPDIHHFIMGSEGTLGVITEATIKIRPTPEYQKYGSVAFPNFEQ
GVACLREIAKQRCAPASIRLMDNQQFQFGHALKPQVSSIFTSFLDGLKKFYITKFKGFDPNQLSVATLLFEGDREKVLQH
EKQVYDIAAKFGGLAAGEDNGQRGYLLTYVIAYMRDLGLEYYIIGESFETSAPWDRVVDLCRNVKERIRRECKEKGVQFP
PLSTCRVTQTYDAGACIYFYFAFNYRGISDPLAVFEQTEAAAREEILANGGSLSHHHGVGKLRKQWLKESISDVGFGMLK
SVKDYVDPTNIFGNRNLL
;
_entity_poly.pdbx_strand_id   A,B,C,D
#
loop_
_chem_comp.id
_chem_comp.type
_chem_comp.name
_chem_comp.formula
CNV non-polymer propanenitrile 'C3 H5 N'
FAD non-polymer 'FLAVIN-ADENINE DINUCLEOTIDE' 'C27 H33 N9 O15 P2'
SO4 non-polymer 'SULFATE ION' 'O4 S -2'
#
# COMPACT_ATOMS: atom_id res chain seq x y z
N GLY A 81 -20.65 9.42 16.23
CA GLY A 81 -21.39 8.77 15.11
C GLY A 81 -22.10 9.77 14.20
N ILE A 82 -22.43 10.96 14.73
CA ILE A 82 -22.95 12.11 13.94
C ILE A 82 -21.80 12.99 13.42
N ILE A 83 -21.79 13.22 12.10
CA ILE A 83 -20.70 13.96 11.43
C ILE A 83 -20.81 15.44 11.76
N PRO A 84 -19.69 16.08 12.17
CA PRO A 84 -19.82 17.53 12.44
C PRO A 84 -19.80 18.28 11.11
N LYS A 85 -20.39 19.46 11.05
CA LYS A 85 -20.34 20.25 9.81
C LYS A 85 -18.91 20.45 9.30
N LYS A 86 -17.99 20.86 10.19
CA LYS A 86 -16.55 20.98 9.86
C LYS A 86 -15.92 19.59 9.99
N ARG A 87 -15.76 18.90 8.88
CA ARG A 87 -15.38 17.51 8.91
C ARG A 87 -13.92 17.29 9.30
N GLN A 88 -13.06 18.23 8.92
CA GLN A 88 -11.60 18.12 9.11
C GLN A 88 -11.20 18.12 10.59
N GLU A 89 -12.04 18.74 11.42
CA GLU A 89 -11.92 18.62 12.87
C GLU A 89 -11.66 17.21 13.35
N LEU A 90 -12.10 16.22 12.57
CA LEU A 90 -12.25 14.86 13.08
C LEU A 90 -11.88 13.82 12.03
N MET A 91 -12.13 14.19 10.77
CA MET A 91 -11.76 13.39 9.62
C MET A 91 -10.60 13.95 8.82
N LYS A 92 -9.89 13.06 8.10
CA LYS A 92 -8.71 13.44 7.32
C LYS A 92 -9.08 14.27 6.11
N TRP A 93 -8.48 15.45 6.00
CA TRP A 93 -8.84 16.33 4.91
C TRP A 93 -8.34 15.75 3.62
N ASN A 94 -7.29 14.94 3.73
CA ASN A 94 -6.55 14.47 2.57
C ASN A 94 -6.53 12.94 2.40
N GLY A 95 -7.39 12.25 3.16
CA GLY A 95 -7.45 10.80 3.08
C GLY A 95 -8.68 10.23 3.77
N TRP A 96 -8.66 8.90 3.96
CA TRP A 96 -9.76 8.14 4.55
C TRP A 96 -9.75 8.21 6.05
N GLY A 97 -10.92 8.17 6.67
CA GLY A 97 -11.07 7.92 8.10
C GLY A 97 -10.73 9.07 9.01
N TYR A 98 -10.51 8.79 10.29
CA TYR A 98 -10.28 9.83 11.30
C TYR A 98 -8.87 10.35 11.38
N ASN A 99 -8.78 11.58 11.83
CA ASN A 99 -7.50 12.23 11.99
C ASN A 99 -6.57 11.41 12.84
N ASP A 100 -7.16 10.78 13.86
CA ASP A 100 -6.44 10.09 14.92
C ASP A 100 -6.06 8.67 14.58
N SER A 101 -6.51 8.17 13.43
CA SER A 101 -6.26 6.77 13.08
C SER A 101 -5.40 6.66 11.83
N LYS A 102 -4.11 6.35 12.04
CA LYS A 102 -3.14 6.20 10.92
C LYS A 102 -2.02 5.24 11.28
N PHE A 103 -1.39 4.67 10.27
CA PHE A 103 -0.26 3.80 10.43
C PHE A 103 1.08 4.53 10.58
N PHE A 104 1.90 4.03 11.50
CA PHE A 104 3.28 4.47 11.66
C PHE A 104 4.17 3.29 12.05
N LEU A 105 5.49 3.53 12.04
CA LEU A 105 6.46 2.56 12.54
C LEU A 105 6.58 2.81 14.01
N ASN A 106 6.43 1.74 14.79
CA ASN A 106 6.58 1.88 16.24
C ASN A 106 8.07 1.91 16.70
N LYS A 107 8.29 2.03 18.01
CA LYS A 107 9.63 2.07 18.60
C LYS A 107 10.48 0.86 18.24
N LYS A 108 9.85 -0.18 17.70
CA LYS A 108 10.54 -1.41 17.36
C LYS A 108 10.62 -1.62 15.86
N GLY A 109 10.24 -0.60 15.09
CA GLY A 109 10.22 -0.66 13.62
C GLY A 109 9.09 -1.53 13.08
N GLN A 110 8.02 -1.64 13.86
CA GLN A 110 6.87 -2.49 13.51
C GLN A 110 5.67 -1.59 13.08
N LEU A 111 4.95 -2.00 12.04
CA LEU A 111 3.74 -1.24 11.71
C LEU A 111 2.61 -1.39 12.75
N GLU A 112 2.00 -0.25 13.08
CA GLU A 112 0.97 -0.12 14.12
C GLU A 112 0.05 1.08 13.81
N LEU A 113 -1.17 1.03 14.29
CA LEU A 113 -2.19 2.04 14.00
C LEU A 113 -2.38 2.90 15.23
N THR A 114 -2.20 4.22 15.09
CA THR A 114 -2.35 5.11 16.22
C THR A 114 -3.78 5.09 16.68
N GLY A 115 -3.98 5.49 17.94
CA GLY A 115 -5.29 5.77 18.49
C GLY A 115 -5.91 4.56 19.12
N LYS A 116 -7.21 4.66 19.39
CA LYS A 116 -7.92 3.67 20.18
C LYS A 116 -9.23 3.25 19.51
N ARG A 117 -9.39 3.55 18.21
CA ARG A 117 -10.71 3.44 17.52
C ARG A 117 -11.18 2.04 17.15
N TYR A 118 -10.25 1.21 16.70
CA TYR A 118 -10.56 -0.12 16.23
C TYR A 118 -9.92 -1.12 17.17
N PRO A 119 -10.49 -2.33 17.26
CA PRO A 119 -9.89 -3.49 17.90
C PRO A 119 -8.39 -3.62 17.68
N LEU A 120 -7.95 -3.34 16.46
CA LEU A 120 -6.54 -3.46 16.10
C LEU A 120 -5.74 -2.17 16.31
N SER A 121 -6.38 -1.11 16.75
CA SER A 121 -5.68 0.10 17.18
C SER A 121 -4.68 -0.19 18.32
N GLY A 122 -3.46 0.31 18.16
CA GLY A 122 -2.43 0.21 19.20
C GLY A 122 -1.93 -1.22 19.39
N VAL A 123 -2.03 -2.01 18.32
CA VAL A 123 -1.53 -3.37 18.28
C VAL A 123 -0.45 -3.45 17.23
N ALA A 124 0.76 -3.83 17.64
CA ALA A 124 1.89 -4.02 16.78
C ALA A 124 1.63 -5.14 15.76
N LEU A 125 2.14 -4.95 14.54
CA LEU A 125 1.91 -5.91 13.46
C LEU A 125 3.27 -6.35 12.92
N PRO A 126 3.95 -7.19 13.69
CA PRO A 126 5.37 -7.46 13.49
C PRO A 126 5.77 -7.96 12.09
N THR A 127 4.90 -8.69 11.41
CA THR A 127 5.26 -9.26 10.09
C THR A 127 4.76 -8.42 8.89
N PHE A 128 4.15 -7.26 9.15
CA PHE A 128 3.48 -6.48 8.12
C PHE A 128 4.49 -5.76 7.21
N LYS A 129 5.52 -5.15 7.82
CA LYS A 129 6.66 -4.58 7.10
C LYS A 129 7.26 -5.61 6.13
N ASP A 130 7.50 -6.84 6.58
CA ASP A 130 8.08 -7.87 5.68
C ASP A 130 7.19 -8.15 4.49
N TRP A 131 5.90 -8.14 4.70
CA TRP A 131 4.99 -8.52 3.65
C TRP A 131 4.98 -7.43 2.63
N ILE A 132 5.00 -6.20 3.11
CA ILE A 132 5.08 -5.07 2.20
C ILE A 132 6.40 -5.17 1.41
N GLN A 133 7.49 -5.51 2.11
CA GLN A 133 8.80 -5.64 1.47
C GLN A 133 8.81 -6.64 0.33
N ASN A 134 8.52 -7.90 0.63
CA ASN A 134 8.39 -8.91 -0.42
C ASN A 134 7.30 -8.61 -1.45
N THR A 135 6.29 -7.86 -1.07
CA THR A 135 5.20 -7.64 -2.02
C THR A 135 5.47 -6.45 -2.98
N PHE A 136 5.98 -5.34 -2.47
CA PHE A 136 6.10 -4.16 -3.33
C PHE A 136 7.53 -3.78 -3.70
N GLY A 137 8.46 -4.26 -2.88
CA GLY A 137 9.90 -4.03 -3.06
C GLY A 137 10.36 -2.68 -2.58
N ILE A 138 9.96 -2.25 -1.37
CA ILE A 138 10.46 -1.00 -0.80
C ILE A 138 11.10 -1.23 0.56
N ASN A 139 12.11 -0.43 0.90
CA ASN A 139 12.84 -0.56 2.20
C ASN A 139 12.08 0.15 3.31
N LEU A 140 10.91 0.68 2.98
CA LEU A 140 10.08 1.37 3.95
C LEU A 140 10.85 2.37 4.82
N ASP A 141 11.89 2.97 4.25
CA ASP A 141 12.55 4.11 4.87
C ASP A 141 12.54 5.29 3.89
N HIS A 142 12.01 5.12 2.68
CA HIS A 142 11.94 6.24 1.72
C HIS A 142 10.55 6.80 1.62
N LYS A 143 10.28 7.84 2.40
CA LYS A 143 8.95 8.42 2.49
C LYS A 143 8.62 9.23 1.26
N THR A 144 7.59 10.06 1.40
CA THR A 144 7.27 11.11 0.45
C THR A 144 6.37 12.16 1.06
N ASP A 154 -4.30 29.55 -5.35
CA ASP A 154 -4.64 28.74 -4.19
C ASP A 154 -5.83 27.82 -4.52
N THR A 155 -7.06 28.37 -4.50
CA THR A 155 -8.30 27.64 -4.85
C THR A 155 -9.34 28.58 -5.53
N PRO A 156 -10.16 28.06 -6.47
CA PRO A 156 -11.20 28.89 -7.09
C PRO A 156 -12.06 29.65 -6.06
N PRO A 157 -12.32 30.93 -6.29
CA PRO A 157 -13.11 31.69 -5.31
C PRO A 157 -14.60 31.31 -5.39
N SER A 158 -15.38 31.58 -4.33
CA SER A 158 -16.81 31.27 -4.35
C SER A 158 -17.67 32.23 -5.21
N ILE A 159 -18.28 31.72 -6.29
CA ILE A 159 -19.11 32.59 -7.16
C ILE A 159 -20.58 32.41 -6.79
N VAL A 160 -21.12 33.35 -6.00
CA VAL A 160 -22.54 33.27 -5.59
C VAL A 160 -23.33 34.58 -5.77
N ASN A 161 -24.57 34.41 -6.21
CA ASN A 161 -25.50 35.47 -6.44
C ASN A 161 -26.08 35.96 -5.12
N GLU A 162 -26.11 37.29 -4.98
CA GLU A 162 -26.42 37.94 -3.74
C GLU A 162 -27.90 37.90 -3.38
N ASP A 163 -28.77 37.83 -4.38
CA ASP A 163 -30.21 37.68 -4.09
C ASP A 163 -30.51 36.31 -3.49
N PHE A 164 -29.95 35.27 -4.11
CA PHE A 164 -30.08 33.93 -3.55
C PHE A 164 -29.55 33.89 -2.10
N LEU A 165 -28.32 34.38 -1.92
CA LEU A 165 -27.71 34.56 -0.61
C LEU A 165 -28.65 35.22 0.42
N HIS A 166 -29.23 36.35 0.04
CA HIS A 166 -30.24 37.02 0.84
C HIS A 166 -31.34 36.09 1.28
N GLU A 167 -32.03 35.43 0.33
CA GLU A 167 -33.09 34.46 0.67
C GLU A 167 -32.64 33.30 1.54
N LEU A 168 -31.40 32.84 1.31
CA LEU A 168 -30.82 31.74 2.06
C LEU A 168 -30.61 32.06 3.54
N LYS A 169 -30.35 33.34 3.82
CA LYS A 169 -30.26 33.83 5.21
C LYS A 169 -31.62 33.71 5.88
N LYS A 170 -32.68 34.26 5.27
CA LYS A 170 -34.02 34.20 5.90
C LYS A 170 -34.48 32.77 6.23
N THR A 171 -33.86 31.74 5.65
CA THR A 171 -34.26 30.34 5.91
C THR A 171 -33.59 29.79 7.15
N ASN A 172 -32.50 30.42 7.58
CA ASN A 172 -31.72 29.90 8.71
C ASN A 172 -31.02 28.54 8.44
N ILE A 173 -31.04 28.05 7.18
CA ILE A 173 -30.28 26.84 6.84
C ILE A 173 -28.83 27.25 6.89
N SER A 174 -28.09 26.61 7.77
CA SER A 174 -26.63 26.66 7.86
C SER A 174 -25.88 26.52 6.49
N TYR A 175 -24.88 27.36 6.23
CA TYR A 175 -24.14 27.28 4.97
C TYR A 175 -22.69 27.74 5.05
N SER A 176 -21.86 27.23 4.16
CA SER A 176 -20.49 27.73 4.11
C SER A 176 -19.99 27.97 2.69
N GLN A 177 -19.26 29.08 2.55
CA GLN A 177 -18.47 29.40 1.36
C GLN A 177 -16.96 29.24 1.61
N GLU A 178 -16.57 28.75 2.80
CA GLU A 178 -15.16 28.48 3.15
C GLU A 178 -14.49 27.49 2.20
N ALA A 179 -13.23 27.76 1.89
CA ALA A 179 -12.50 26.90 0.99
C ALA A 179 -12.30 25.49 1.55
N ASP A 180 -11.92 25.36 2.81
CA ASP A 180 -11.74 24.04 3.37
C ASP A 180 -13.02 23.17 3.34
N ASP A 181 -14.17 23.75 3.71
CA ASP A 181 -15.48 23.08 3.62
C ASP A 181 -15.84 22.64 2.20
N ARG A 182 -15.46 23.47 1.22
CA ARG A 182 -15.83 23.23 -0.19
C ARG A 182 -14.94 22.16 -0.76
N VAL A 183 -13.66 22.23 -0.41
CA VAL A 183 -12.66 21.30 -0.90
C VAL A 183 -12.97 19.89 -0.39
N PHE A 184 -13.32 19.80 0.91
CA PHE A 184 -13.64 18.50 1.50
C PHE A 184 -14.74 17.77 0.70
N ARG A 185 -15.70 18.53 0.14
CA ARG A 185 -16.81 17.90 -0.52
C ARG A 185 -16.66 17.84 -2.02
N ALA A 186 -15.46 17.71 -2.53
CA ALA A 186 -15.28 17.79 -3.97
C ALA A 186 -14.87 16.44 -4.49
N HIS A 187 -14.94 15.45 -3.61
CA HIS A 187 -14.35 14.16 -3.98
C HIS A 187 -14.88 13.05 -3.14
N GLY A 188 -14.75 11.84 -3.67
CA GLY A 188 -14.87 10.64 -2.86
C GLY A 188 -13.48 10.06 -2.59
N HIS A 189 -13.35 8.75 -2.81
CA HIS A 189 -12.14 8.04 -2.44
C HIS A 189 -11.59 7.18 -3.52
N CYS A 190 -11.64 7.74 -4.72
CA CYS A 190 -10.88 7.22 -5.83
C CYS A 190 -9.41 7.63 -5.71
N LEU A 191 -8.55 6.74 -6.18
CA LEU A 191 -7.13 6.88 -6.01
C LEU A 191 -6.75 8.26 -6.55
N HIS A 192 -7.18 8.55 -7.78
CA HIS A 192 -6.96 9.79 -8.51
C HIS A 192 -7.25 11.04 -7.75
N GLU A 193 -8.27 10.99 -6.93
CA GLU A 193 -8.79 12.16 -6.27
C GLU A 193 -7.95 12.43 -5.05
N ILE A 194 -7.60 11.36 -4.36
CA ILE A 194 -6.82 11.38 -3.14
C ILE A 194 -5.43 11.89 -3.48
N PHE A 195 -4.92 11.47 -4.63
CA PHE A 195 -3.68 11.97 -5.19
C PHE A 195 -3.72 13.47 -5.44
N LEU A 196 -4.73 13.91 -6.18
CA LEU A 196 -4.96 15.33 -6.41
C LEU A 196 -5.04 16.17 -5.15
N LEU A 197 -5.55 15.58 -4.07
CA LEU A 197 -5.58 16.25 -2.75
C LEU A 197 -4.20 16.40 -2.09
N ARG A 198 -3.25 15.57 -2.52
CA ARG A 198 -1.95 15.53 -1.87
C ARG A 198 -0.88 16.19 -2.72
N GLU A 199 -1.18 16.37 -3.99
CA GLU A 199 -0.15 16.72 -4.94
C GLU A 199 -0.66 17.82 -5.89
N GLY A 200 -1.72 18.52 -5.48
CA GLY A 200 -2.29 19.62 -6.30
C GLY A 200 -3.66 20.17 -5.91
N MET A 201 -4.41 20.65 -6.91
CA MET A 201 -5.78 21.14 -6.70
C MET A 201 -6.80 20.63 -7.72
N PHE A 202 -8.08 20.76 -7.35
CA PHE A 202 -9.22 20.34 -8.16
C PHE A 202 -9.57 21.39 -9.19
N GLU A 203 -9.99 20.92 -10.36
CA GLU A 203 -10.45 21.81 -11.40
C GLU A 203 -11.68 22.60 -10.95
N ARG A 204 -12.75 21.90 -10.60
CA ARG A 204 -13.98 22.55 -10.16
C ARG A 204 -14.31 22.09 -8.72
N ILE A 205 -14.75 22.99 -7.85
CA ILE A 205 -15.22 22.57 -6.52
C ILE A 205 -16.59 23.21 -6.22
N PRO A 206 -17.36 22.64 -5.27
CA PRO A 206 -18.59 23.38 -4.96
C PRO A 206 -18.33 24.85 -4.55
N ASP A 207 -19.27 25.74 -4.86
CA ASP A 207 -19.15 27.15 -4.55
C ASP A 207 -19.67 27.45 -3.15
N ILE A 208 -20.69 26.69 -2.74
CA ILE A 208 -21.30 26.83 -1.44
C ILE A 208 -21.78 25.45 -0.96
N VAL A 209 -21.67 25.21 0.35
CA VAL A 209 -22.16 24.02 1.00
C VAL A 209 -23.33 24.42 1.88
N LEU A 210 -24.44 23.69 1.75
CA LEU A 210 -25.61 23.90 2.57
C LEU A 210 -25.87 22.68 3.48
N TRP A 211 -26.32 22.93 4.71
CA TRP A 211 -26.74 21.87 5.62
C TRP A 211 -28.21 21.84 5.96
N PRO A 212 -29.05 21.25 5.09
CA PRO A 212 -30.44 21.03 5.43
C PRO A 212 -30.61 20.11 6.63
N THR A 213 -31.65 20.35 7.44
CA THR A 213 -31.88 19.56 8.67
C THR A 213 -33.11 18.71 8.60
N CYS A 214 -33.91 18.92 7.55
CA CYS A 214 -35.17 18.20 7.41
C CYS A 214 -35.64 18.20 5.97
N HIS A 215 -36.63 17.38 5.65
CA HIS A 215 -37.20 17.32 4.32
C HIS A 215 -37.58 18.69 3.76
N ASP A 216 -38.24 19.52 4.59
CA ASP A 216 -38.76 20.82 4.11
C ASP A 216 -37.63 21.76 3.70
N ASP A 217 -36.47 21.59 4.32
CA ASP A 217 -35.25 22.31 3.92
C ASP A 217 -34.79 21.92 2.52
N VAL A 218 -34.89 20.64 2.20
CA VAL A 218 -34.54 20.23 0.87
C VAL A 218 -35.57 20.74 -0.12
N VAL A 219 -36.84 20.81 0.27
CA VAL A 219 -37.80 21.45 -0.65
C VAL A 219 -37.40 22.93 -0.86
N LYS A 220 -37.14 23.66 0.21
CA LYS A 220 -36.76 25.06 0.04
C LYS A 220 -35.55 25.28 -0.84
N ILE A 221 -34.58 24.37 -0.77
CA ILE A 221 -33.30 24.61 -1.48
C ILE A 221 -33.48 24.35 -2.97
N VAL A 222 -34.10 23.22 -3.28
CA VAL A 222 -34.45 22.87 -4.66
C VAL A 222 -35.26 24.00 -5.32
N ASN A 223 -36.29 24.50 -4.63
CA ASN A 223 -37.03 25.71 -5.05
C ASN A 223 -36.13 26.91 -5.35
N LEU A 224 -35.12 27.13 -4.51
CA LEU A 224 -34.14 28.18 -4.80
C LEU A 224 -33.25 27.84 -6.00
N ALA A 225 -32.98 26.56 -6.22
CA ALA A 225 -32.14 26.23 -7.36
C ALA A 225 -32.89 26.41 -8.68
N CYS A 226 -34.21 26.21 -8.65
CA CYS A 226 -35.08 26.51 -9.77
C CYS A 226 -35.07 28.01 -10.04
N LYS A 227 -35.30 28.79 -9.00
CA LYS A 227 -35.33 30.25 -9.09
C LYS A 227 -34.03 30.93 -9.52
N TYR A 228 -32.90 30.57 -8.93
CA TYR A 228 -31.66 31.28 -9.28
C TYR A 228 -30.77 30.51 -10.24
N ASN A 229 -31.33 29.47 -10.86
CA ASN A 229 -30.57 28.61 -11.78
C ASN A 229 -29.29 28.03 -11.21
N LEU A 230 -29.40 27.48 -10.01
CA LEU A 230 -28.30 26.76 -9.36
C LEU A 230 -28.18 25.27 -9.72
N CYS A 231 -26.99 24.70 -9.57
CA CYS A 231 -26.77 23.27 -9.75
C CYS A 231 -26.58 22.69 -8.35
N ILE A 232 -27.09 21.50 -8.11
CA ILE A 232 -26.99 20.86 -6.81
C ILE A 232 -26.38 19.47 -6.90
N ILE A 233 -25.27 19.26 -6.19
CA ILE A 233 -24.69 17.92 -6.03
C ILE A 233 -24.84 17.45 -4.56
N PRO A 234 -25.69 16.43 -4.32
CA PRO A 234 -25.85 15.92 -2.97
C PRO A 234 -24.59 15.24 -2.45
N ILE A 235 -24.30 15.35 -1.16
CA ILE A 235 -23.23 14.55 -0.52
C ILE A 235 -23.71 14.04 0.84
N GLY A 236 -23.44 12.77 1.10
CA GLY A 236 -23.73 12.12 2.36
C GLY A 236 -22.42 11.77 3.03
N GLY A 237 -21.94 10.56 2.78
CA GLY A 237 -20.71 10.06 3.39
C GLY A 237 -19.44 10.67 2.79
N GLY A 238 -19.48 10.92 1.48
CA GLY A 238 -18.35 11.38 0.73
C GLY A 238 -17.48 10.20 0.38
N THR A 239 -18.07 8.99 0.29
CA THR A 239 -17.33 7.73 0.20
C THR A 239 -17.44 7.12 -1.17
N SER A 240 -17.95 7.91 -2.11
CA SER A 240 -18.16 7.47 -3.50
C SER A 240 -16.88 6.88 -4.08
N VAL A 241 -16.96 5.80 -4.83
CA VAL A 241 -15.73 5.25 -5.46
C VAL A 241 -15.79 5.21 -6.96
N SER A 242 -16.49 6.21 -7.51
CA SER A 242 -16.85 6.23 -8.95
C SER A 242 -16.82 7.62 -9.60
N TYR A 243 -16.25 8.60 -8.92
CA TYR A 243 -16.31 10.03 -9.32
C TYR A 243 -17.71 10.63 -9.31
N GLY A 244 -18.63 10.06 -8.52
CA GLY A 244 -19.98 10.58 -8.37
C GLY A 244 -20.09 11.93 -7.67
N LEU A 245 -19.01 12.38 -7.03
CA LEU A 245 -19.08 13.70 -6.40
C LEU A 245 -18.33 14.77 -7.17
N MET A 246 -17.60 14.35 -8.18
CA MET A 246 -16.72 15.27 -8.87
C MET A 246 -17.57 16.30 -9.60
N CYS A 247 -17.23 17.57 -9.37
CA CYS A 247 -17.84 18.69 -10.08
C CYS A 247 -17.34 18.70 -11.53
N PRO A 248 -18.25 18.70 -12.51
CA PRO A 248 -17.71 18.75 -13.89
C PRO A 248 -17.05 20.11 -14.16
N ALA A 249 -15.91 20.09 -14.84
CA ALA A 249 -15.08 21.28 -15.02
C ALA A 249 -15.81 22.49 -15.65
N ASP A 250 -16.71 22.22 -16.59
CA ASP A 250 -17.35 23.27 -17.38
C ASP A 250 -18.78 23.58 -16.92
N GLU A 251 -19.09 23.18 -15.70
CA GLU A 251 -20.33 23.58 -15.10
C GLU A 251 -20.12 25.00 -14.60
N THR A 252 -20.83 25.93 -15.24
CA THR A 252 -20.68 27.35 -15.01
C THR A 252 -21.66 27.91 -14.00
N ARG A 253 -22.75 27.17 -13.77
CA ARG A 253 -23.68 27.55 -12.74
C ARG A 253 -23.04 27.47 -11.35
N THR A 254 -23.63 28.17 -10.39
CA THR A 254 -23.20 28.09 -9.00
C THR A 254 -23.57 26.71 -8.50
N ILE A 255 -22.55 25.97 -8.05
CA ILE A 255 -22.70 24.59 -7.60
C ILE A 255 -22.96 24.53 -6.13
N ILE A 256 -24.11 23.98 -5.77
CA ILE A 256 -24.38 23.75 -4.34
C ILE A 256 -23.92 22.36 -3.97
N SER A 257 -23.19 22.23 -2.85
CA SER A 257 -23.00 20.92 -2.25
C SER A 257 -24.03 20.81 -1.14
N LEU A 258 -25.07 20.01 -1.37
CA LEU A 258 -26.14 19.87 -0.41
C LEU A 258 -25.70 18.70 0.51
N ASP A 259 -25.21 19.08 1.70
CA ASP A 259 -24.70 18.13 2.67
C ASP A 259 -25.86 17.61 3.49
N THR A 260 -26.12 16.31 3.44
CA THR A 260 -27.21 15.71 4.24
C THR A 260 -26.85 15.34 5.70
N SER A 261 -25.58 15.45 6.09
CA SER A 261 -25.13 15.00 7.42
C SER A 261 -25.90 15.54 8.63
N GLN A 262 -26.63 16.64 8.49
CA GLN A 262 -27.47 17.06 9.61
C GLN A 262 -28.98 16.65 9.51
N MET A 263 -29.32 15.76 8.56
CA MET A 263 -30.61 15.12 8.47
C MET A 263 -30.41 13.65 8.86
N ASN A 264 -30.30 13.45 10.17
CA ASN A 264 -29.85 12.19 10.75
C ASN A 264 -30.73 11.54 11.79
N ARG A 265 -32.00 11.95 11.89
CA ARG A 265 -32.94 11.37 12.83
C ARG A 265 -33.53 10.03 12.40
N ILE A 266 -33.75 9.21 13.42
CA ILE A 266 -34.59 8.05 13.26
C ILE A 266 -35.99 8.57 13.56
N LEU A 267 -36.85 8.71 12.55
CA LEU A 267 -38.16 9.32 12.76
C LEU A 267 -39.12 8.43 13.57
N TRP A 268 -39.20 7.15 13.24
CA TRP A 268 -39.94 6.17 14.07
C TRP A 268 -39.44 4.77 13.90
N VAL A 269 -39.58 3.98 14.95
CA VAL A 269 -39.30 2.56 14.93
C VAL A 269 -40.64 1.81 15.08
N ASP A 270 -41.09 1.15 14.03
CA ASP A 270 -42.33 0.45 14.10
C ASP A 270 -42.05 -1.03 14.43
N GLU A 271 -42.17 -1.37 15.71
CA GLU A 271 -42.03 -2.77 16.18
C GLU A 271 -43.13 -3.74 15.73
N ASN A 272 -44.30 -3.25 15.33
CA ASN A 272 -45.29 -4.17 14.78
C ASN A 272 -44.86 -4.68 13.42
N ASN A 273 -44.40 -3.75 12.57
CA ASN A 273 -44.05 -4.06 11.20
C ASN A 273 -42.59 -4.37 11.01
N LEU A 274 -41.79 -3.95 11.97
CA LEU A 274 -40.34 -4.07 11.93
C LEU A 274 -39.77 -3.23 10.78
N THR A 275 -39.95 -1.94 10.94
CA THR A 275 -39.45 -0.96 9.99
C THR A 275 -39.04 0.26 10.77
N ALA A 276 -38.02 0.97 10.26
CA ALA A 276 -37.66 2.24 10.84
C ALA A 276 -37.65 3.30 9.74
N HIS A 277 -38.34 4.40 10.01
CA HIS A 277 -38.31 5.52 9.12
C HIS A 277 -37.30 6.49 9.58
N VAL A 278 -36.39 6.84 8.66
CA VAL A 278 -35.24 7.67 9.03
C VAL A 278 -34.93 8.73 7.96
N GLU A 279 -34.25 9.79 8.38
CA GLU A 279 -33.73 10.76 7.46
C GLU A 279 -32.46 10.22 6.76
N ALA A 280 -32.19 10.72 5.56
CA ALA A 280 -31.24 10.02 4.66
C ALA A 280 -29.76 10.27 4.90
N GLY A 281 -29.41 11.19 5.83
CA GLY A 281 -28.03 11.51 6.18
C GLY A 281 -27.45 10.65 7.32
N ILE A 282 -28.28 9.94 8.04
CA ILE A 282 -27.78 9.05 9.10
C ILE A 282 -26.79 8.05 8.49
N THR A 283 -25.61 7.96 9.14
CA THR A 283 -24.56 6.97 8.89
C THR A 283 -25.02 5.57 9.36
N GLY A 284 -24.56 4.51 8.68
CA GLY A 284 -24.85 3.14 9.09
C GLY A 284 -24.49 2.88 10.55
N GLN A 285 -23.38 3.44 10.97
CA GLN A 285 -22.87 3.28 12.31
C GLN A 285 -23.89 3.80 13.29
N GLU A 286 -24.27 5.07 13.11
CA GLU A 286 -25.26 5.73 13.93
C GLU A 286 -26.63 5.03 13.89
N LEU A 287 -27.03 4.64 12.69
CA LEU A 287 -28.28 3.90 12.50
C LEU A 287 -28.29 2.62 13.32
N GLU A 288 -27.21 1.84 13.24
CA GLU A 288 -27.10 0.60 13.99
C GLU A 288 -27.01 0.83 15.51
N ARG A 289 -26.28 1.88 15.92
CA ARG A 289 -26.05 2.15 17.32
C ARG A 289 -27.33 2.55 18.00
N GLN A 290 -28.19 3.27 17.28
CA GLN A 290 -29.40 3.79 17.88
C GLN A 290 -30.48 2.74 17.91
N LEU A 291 -30.54 1.91 16.88
CA LEU A 291 -31.53 0.88 16.88
C LEU A 291 -31.25 -0.22 17.92
N LYS A 292 -30.00 -0.41 18.26
CA LYS A 292 -29.58 -1.48 19.13
C LYS A 292 -30.00 -1.13 20.55
N GLU A 293 -30.13 0.17 20.81
CA GLU A 293 -30.70 0.65 22.08
C GLU A 293 -32.13 0.18 22.32
N SER A 294 -32.84 -0.20 21.25
CA SER A 294 -34.21 -0.70 21.37
C SER A 294 -34.24 -2.17 21.06
N GLY A 295 -33.05 -2.77 20.87
CA GLY A 295 -32.98 -4.19 20.58
C GLY A 295 -33.15 -4.57 19.13
N TYR A 296 -33.00 -3.60 18.23
CA TYR A 296 -33.11 -3.88 16.78
C TYR A 296 -31.86 -3.47 16.05
N CYS A 297 -31.83 -3.79 14.76
CA CYS A 297 -30.75 -3.46 13.84
C CYS A 297 -31.28 -3.59 12.38
N THR A 298 -30.53 -3.07 11.40
CA THR A 298 -30.82 -3.36 9.97
C THR A 298 -29.92 -4.44 9.41
N GLY A 299 -28.75 -4.62 10.03
CA GLY A 299 -27.70 -5.52 9.49
C GLY A 299 -27.08 -5.12 8.15
N HIS A 300 -27.47 -3.97 7.61
CA HIS A 300 -26.79 -3.42 6.45
C HIS A 300 -25.42 -2.89 6.83
N GLU A 301 -24.39 -3.66 6.47
CA GLU A 301 -23.04 -3.34 6.84
C GLU A 301 -22.03 -3.31 5.67
N PRO A 302 -22.08 -2.22 4.87
CA PRO A 302 -21.07 -1.95 3.84
C PRO A 302 -19.80 -1.49 4.53
N ASP A 303 -18.63 -1.72 3.94
CA ASP A 303 -17.35 -1.46 4.66
C ASP A 303 -17.18 0.01 5.02
N SER A 304 -17.87 0.91 4.29
CA SER A 304 -17.82 2.34 4.57
C SER A 304 -18.87 2.80 5.59
N LEU A 305 -19.50 1.83 6.25
CA LEU A 305 -20.62 2.10 7.16
C LEU A 305 -20.40 3.18 8.18
N GLU A 306 -19.14 3.43 8.52
CA GLU A 306 -18.81 4.50 9.45
C GLU A 306 -19.25 5.88 8.99
N PHE A 307 -19.20 6.10 7.69
CA PHE A 307 -19.53 7.38 7.06
C PHE A 307 -20.61 7.32 5.99
N SER A 308 -20.77 6.17 5.32
CA SER A 308 -21.80 6.11 4.31
C SER A 308 -23.20 6.15 4.91
N THR A 309 -24.10 6.85 4.19
CA THR A 309 -25.45 7.16 4.68
C THR A 309 -26.56 6.38 3.93
N VAL A 310 -27.77 6.44 4.50
CA VAL A 310 -29.02 5.89 3.89
C VAL A 310 -29.33 6.35 2.46
N GLY A 311 -29.28 7.66 2.21
CA GLY A 311 -29.48 8.20 0.90
C GLY A 311 -28.34 7.87 -0.04
N GLY A 312 -27.14 7.69 0.50
CA GLY A 312 -26.04 7.22 -0.34
C GLY A 312 -26.32 5.81 -0.83
N TRP A 313 -26.79 4.95 0.07
CA TRP A 313 -26.96 3.56 -0.24
C TRP A 313 -28.00 3.38 -1.29
N ILE A 314 -29.13 4.09 -1.12
CA ILE A 314 -30.20 4.11 -2.12
C ILE A 314 -29.66 4.63 -3.43
N SER A 315 -28.89 5.73 -3.36
CA SER A 315 -28.35 6.38 -4.53
C SER A 315 -27.38 5.52 -5.31
N THR A 316 -26.56 4.77 -4.57
CA THR A 316 -25.59 3.92 -5.22
C THR A 316 -25.97 2.44 -5.38
N ARG A 317 -27.19 2.07 -4.99
CA ARG A 317 -27.53 0.63 -4.88
C ARG A 317 -26.48 -0.14 -4.03
N ALA A 318 -26.20 0.34 -2.82
CA ALA A 318 -25.18 -0.26 -1.97
C ALA A 318 -25.51 -1.70 -1.60
N SER A 319 -24.45 -2.46 -1.28
CA SER A 319 -24.53 -3.85 -0.86
C SER A 319 -23.70 -3.99 0.42
N GLY A 320 -24.14 -4.82 1.36
CA GLY A 320 -23.55 -4.84 2.70
C GLY A 320 -23.04 -6.23 3.02
N MET A 321 -22.17 -6.34 4.00
CA MET A 321 -21.50 -7.63 4.26
C MET A 321 -22.46 -8.80 4.52
N LYS A 322 -23.56 -8.48 5.20
CA LYS A 322 -24.51 -9.49 5.68
C LYS A 322 -25.80 -9.57 4.88
N LYS A 323 -25.70 -9.38 3.58
CA LYS A 323 -26.90 -9.24 2.75
C LYS A 323 -27.64 -10.56 2.69
N ASN A 324 -26.89 -11.62 2.98
CA ASN A 324 -27.42 -12.96 2.86
C ASN A 324 -28.56 -13.21 3.81
N ILE A 325 -28.53 -12.45 4.91
CA ILE A 325 -29.56 -12.44 5.92
C ILE A 325 -30.49 -11.26 5.76
N TYR A 326 -29.94 -10.04 5.73
CA TYR A 326 -30.74 -8.79 5.73
C TYR A 326 -31.22 -8.31 4.37
N GLY A 327 -30.54 -8.69 3.29
CA GLY A 327 -30.87 -8.15 1.96
C GLY A 327 -29.89 -7.03 1.60
N ASN A 328 -29.92 -6.63 0.32
CA ASN A 328 -29.20 -5.47 -0.18
C ASN A 328 -30.13 -4.33 -0.11
N ILE A 329 -29.64 -3.15 -0.44
CA ILE A 329 -30.44 -1.96 -0.21
C ILE A 329 -31.80 -2.09 -0.89
N GLU A 330 -31.89 -2.72 -2.06
CA GLU A 330 -33.19 -2.84 -2.73
C GLU A 330 -34.18 -3.71 -1.97
N ASP A 331 -33.63 -4.65 -1.21
CA ASP A 331 -34.42 -5.52 -0.34
C ASP A 331 -34.83 -4.84 0.95
N LEU A 332 -33.89 -4.09 1.56
CA LEU A 332 -34.14 -3.34 2.78
C LEU A 332 -35.18 -2.18 2.66
N VAL A 333 -35.18 -1.46 1.54
CA VAL A 333 -36.03 -0.24 1.46
C VAL A 333 -37.46 -0.59 1.11
N VAL A 334 -38.37 -0.18 1.98
CA VAL A 334 -39.80 -0.47 1.86
C VAL A 334 -40.55 0.76 1.35
N HIS A 335 -39.94 1.95 1.47
CA HIS A 335 -40.58 3.25 1.25
C HIS A 335 -39.51 4.32 1.25
N MET A 336 -39.78 5.44 0.57
CA MET A 336 -38.86 6.55 0.49
C MET A 336 -39.57 7.83 0.05
N LYS A 337 -39.00 8.98 0.41
CA LYS A 337 -39.54 10.29 0.06
C LYS A 337 -38.41 10.97 -0.71
N VAL A 338 -38.71 11.67 -1.83
CA VAL A 338 -37.64 12.21 -2.72
C VAL A 338 -38.05 13.58 -3.26
N VAL A 339 -37.19 14.58 -3.12
CA VAL A 339 -37.45 15.93 -3.64
C VAL A 339 -36.82 15.98 -5.01
N THR A 340 -37.56 16.45 -6.01
CA THR A 340 -36.95 16.68 -7.34
C THR A 340 -37.45 18.02 -7.77
N PRO A 341 -36.80 18.63 -8.80
CA PRO A 341 -37.37 19.93 -9.21
C PRO A 341 -38.79 19.82 -9.75
N ARG A 342 -39.25 18.61 -10.08
CA ARG A 342 -40.61 18.39 -10.60
C ARG A 342 -41.64 18.31 -9.48
N GLY A 343 -41.18 17.96 -8.29
CA GLY A 343 -42.05 17.78 -7.11
C GLY A 343 -41.48 16.62 -6.26
N VAL A 344 -42.32 16.12 -5.35
CA VAL A 344 -41.96 15.10 -4.38
C VAL A 344 -42.50 13.73 -4.77
N ILE A 345 -41.62 12.76 -4.86
CA ILE A 345 -42.03 11.40 -5.15
C ILE A 345 -42.19 10.67 -3.83
N GLU A 346 -43.36 10.05 -3.67
CA GLU A 346 -43.71 9.29 -2.49
C GLU A 346 -44.94 8.45 -2.82
N LYS A 347 -44.83 7.14 -2.62
CA LYS A 347 -46.01 6.27 -2.60
C LYS A 347 -46.92 6.60 -1.40
N SER A 348 -48.20 6.27 -1.54
CA SER A 348 -49.17 6.67 -0.53
C SER A 348 -49.37 5.62 0.56
N CYS A 349 -48.69 4.49 0.48
CA CYS A 349 -48.85 3.45 1.51
C CYS A 349 -47.56 2.71 1.72
N GLN A 350 -47.57 1.90 2.77
CA GLN A 350 -46.37 1.35 3.41
C GLN A 350 -46.38 -0.14 3.30
N GLY A 351 -47.23 -0.69 2.44
CA GLY A 351 -47.32 -2.14 2.22
C GLY A 351 -46.02 -2.78 1.79
N PRO A 352 -45.90 -4.11 1.93
CA PRO A 352 -44.62 -4.75 1.64
C PRO A 352 -44.40 -4.97 0.15
N ARG A 353 -45.46 -5.24 -0.59
CA ARG A 353 -45.24 -5.74 -1.91
C ARG A 353 -46.45 -5.40 -2.73
N MET A 354 -46.26 -4.68 -3.85
CA MET A 354 -47.38 -4.35 -4.72
C MET A 354 -47.20 -4.61 -6.20
N SER A 355 -48.30 -4.52 -6.92
CA SER A 355 -48.26 -4.55 -8.37
C SER A 355 -49.12 -3.36 -8.85
N THR A 356 -48.47 -2.18 -8.84
CA THR A 356 -49.06 -0.96 -9.33
C THR A 356 -48.21 -0.31 -10.42
N GLY A 357 -47.82 -1.07 -11.43
CA GLY A 357 -47.02 -0.53 -12.51
C GLY A 357 -45.54 -0.67 -12.28
N PRO A 358 -44.71 -0.14 -13.21
CA PRO A 358 -43.27 -0.21 -12.90
C PRO A 358 -42.96 0.41 -11.56
N ASP A 359 -42.20 -0.32 -10.74
CA ASP A 359 -41.80 0.13 -9.39
C ASP A 359 -40.94 1.40 -9.38
N ILE A 360 -41.54 2.54 -9.04
CA ILE A 360 -40.81 3.84 -9.03
C ILE A 360 -39.62 3.91 -8.06
N HIS A 361 -39.67 3.08 -7.00
CA HIS A 361 -38.46 2.88 -6.17
C HIS A 361 -37.25 2.52 -6.96
N HIS A 362 -37.40 1.59 -7.90
CA HIS A 362 -36.32 1.16 -8.74
C HIS A 362 -35.87 2.21 -9.73
N PHE A 363 -36.68 3.26 -9.91
CA PHE A 363 -36.28 4.41 -10.73
C PHE A 363 -35.28 5.26 -9.95
N ILE A 364 -35.34 5.23 -8.62
CA ILE A 364 -34.53 6.09 -7.75
C ILE A 364 -33.28 5.40 -7.25
N MET A 365 -33.40 4.11 -6.97
CA MET A 365 -32.25 3.30 -6.59
C MET A 365 -31.23 3.21 -7.74
N GLY A 366 -30.01 3.72 -7.54
CA GLY A 366 -29.04 3.73 -8.64
C GLY A 366 -29.06 5.00 -9.49
N SER A 367 -29.84 5.99 -9.06
CA SER A 367 -29.93 7.29 -9.69
C SER A 367 -28.71 8.20 -9.32
N GLU A 368 -27.97 7.82 -8.28
CA GLU A 368 -26.67 8.41 -8.05
C GLU A 368 -26.71 9.93 -8.17
N GLY A 369 -27.66 10.58 -7.50
CA GLY A 369 -27.66 12.03 -7.37
C GLY A 369 -28.13 12.79 -8.61
N THR A 370 -28.56 12.09 -9.66
CA THR A 370 -28.85 12.75 -10.91
C THR A 370 -30.29 13.14 -11.09
N LEU A 371 -31.13 12.86 -10.11
CA LEU A 371 -32.58 13.13 -10.21
C LEU A 371 -33.12 14.09 -9.16
N GLY A 372 -32.60 13.98 -7.95
CA GLY A 372 -32.95 14.89 -6.88
C GLY A 372 -32.39 14.32 -5.57
N VAL A 373 -33.11 14.56 -4.48
CA VAL A 373 -32.63 14.24 -3.15
C VAL A 373 -33.52 13.25 -2.44
N ILE A 374 -32.92 12.17 -1.96
CA ILE A 374 -33.68 11.26 -1.08
C ILE A 374 -33.68 11.90 0.30
N THR A 375 -34.85 12.28 0.84
CA THR A 375 -34.85 12.88 2.21
C THR A 375 -35.09 11.89 3.36
N GLU A 376 -35.86 10.85 3.04
CA GLU A 376 -36.33 9.90 4.04
C GLU A 376 -36.62 8.53 3.45
N ALA A 377 -36.39 7.50 4.27
CA ALA A 377 -36.54 6.14 3.80
C ALA A 377 -37.00 5.29 4.97
N THR A 378 -37.83 4.27 4.67
CA THR A 378 -38.22 3.25 5.62
C THR A 378 -37.43 1.98 5.32
N ILE A 379 -36.72 1.47 6.31
CA ILE A 379 -35.85 0.29 6.13
C ILE A 379 -36.34 -0.85 6.99
N LYS A 380 -36.24 -2.08 6.52
CA LYS A 380 -36.58 -3.22 7.40
C LYS A 380 -35.60 -3.24 8.59
N ILE A 381 -36.07 -3.65 9.75
CA ILE A 381 -35.21 -3.87 10.89
C ILE A 381 -35.50 -5.26 11.38
N ARG A 382 -34.53 -5.84 12.07
CA ARG A 382 -34.65 -7.17 12.69
C ARG A 382 -34.22 -7.10 14.17
N PRO A 383 -34.75 -8.01 15.02
CA PRO A 383 -34.23 -8.01 16.41
C PRO A 383 -32.74 -8.29 16.37
N THR A 384 -31.97 -7.58 17.18
CA THR A 384 -30.55 -7.82 17.33
C THR A 384 -30.31 -9.33 17.53
N PRO A 385 -29.32 -9.91 16.82
CA PRO A 385 -29.18 -11.36 16.93
C PRO A 385 -28.55 -11.77 18.27
N GLU A 386 -29.01 -12.89 18.83
CA GLU A 386 -28.42 -13.50 20.06
C GLU A 386 -26.89 -13.52 20.03
N TYR A 387 -26.40 -14.07 18.93
CA TYR A 387 -25.10 -14.69 18.93
C TYR A 387 -24.44 -14.48 17.58
N GLN A 388 -23.13 -14.26 17.63
CA GLN A 388 -22.33 -14.27 16.42
C GLN A 388 -21.27 -15.35 16.53
N LYS A 389 -20.98 -16.02 15.42
CA LYS A 389 -19.90 -16.98 15.40
C LYS A 389 -19.00 -16.72 14.21
N TYR A 390 -17.70 -16.66 14.44
CA TYR A 390 -16.72 -16.55 13.38
C TYR A 390 -16.02 -17.87 13.09
N GLY A 391 -15.41 -18.01 11.92
CA GLY A 391 -14.78 -19.26 11.55
C GLY A 391 -14.06 -19.11 10.22
N SER A 392 -13.37 -20.17 9.81
CA SER A 392 -12.65 -20.18 8.55
C SER A 392 -12.32 -21.59 8.06
N VAL A 393 -12.16 -21.72 6.76
CA VAL A 393 -11.88 -22.99 6.14
C VAL A 393 -10.81 -22.71 5.11
N ALA A 394 -9.85 -23.63 5.02
CA ALA A 394 -8.85 -23.68 3.96
C ALA A 394 -9.22 -24.75 2.92
N PHE A 395 -8.88 -24.43 1.68
CA PHE A 395 -9.08 -25.37 0.57
C PHE A 395 -7.75 -25.61 -0.12
N PRO A 396 -7.62 -26.75 -0.86
CA PRO A 396 -6.37 -27.01 -1.60
C PRO A 396 -5.99 -25.91 -2.58
N ASN A 397 -6.97 -25.18 -3.09
CA ASN A 397 -6.71 -24.14 -4.11
C ASN A 397 -7.95 -23.27 -4.26
N PHE A 398 -7.86 -22.24 -5.09
CA PHE A 398 -8.97 -21.28 -5.22
C PHE A 398 -10.18 -21.97 -5.88
N GLU A 399 -9.92 -22.73 -6.94
CA GLU A 399 -10.99 -23.41 -7.68
C GLU A 399 -11.89 -24.18 -6.73
N GLN A 400 -11.34 -25.11 -5.96
CA GLN A 400 -12.13 -25.85 -4.98
C GLN A 400 -12.93 -24.96 -4.03
N GLY A 401 -12.37 -23.82 -3.63
CA GLY A 401 -13.11 -22.85 -2.80
C GLY A 401 -14.36 -22.34 -3.51
N VAL A 402 -14.18 -21.95 -4.78
CA VAL A 402 -15.24 -21.35 -5.60
C VAL A 402 -16.36 -22.36 -5.76
N ALA A 403 -15.98 -23.61 -6.07
CA ALA A 403 -16.93 -24.76 -6.16
C ALA A 403 -17.72 -25.02 -4.90
N CYS A 404 -17.07 -24.88 -3.75
CA CYS A 404 -17.71 -25.04 -2.45
C CYS A 404 -18.68 -23.89 -2.18
N LEU A 405 -18.23 -22.65 -2.39
CA LEU A 405 -19.19 -21.56 -2.43
C LEU A 405 -20.35 -21.82 -3.42
N ARG A 406 -20.07 -22.22 -4.66
CA ARG A 406 -21.16 -22.62 -5.56
C ARG A 406 -22.13 -23.62 -4.89
N GLU A 407 -21.62 -24.67 -4.27
CA GLU A 407 -22.52 -25.71 -3.71
C GLU A 407 -23.29 -25.18 -2.52
N ILE A 408 -22.64 -24.30 -1.74
CA ILE A 408 -23.32 -23.63 -0.64
C ILE A 408 -24.51 -22.79 -1.13
N ALA A 409 -24.36 -22.07 -2.25
CA ALA A 409 -25.50 -21.30 -2.76
C ALA A 409 -26.56 -22.24 -3.41
N LYS A 410 -26.13 -23.38 -3.93
CA LYS A 410 -27.03 -24.34 -4.54
C LYS A 410 -27.97 -24.92 -3.48
N GLN A 411 -27.42 -25.12 -2.29
CA GLN A 411 -28.21 -25.58 -1.13
C GLN A 411 -28.91 -24.42 -0.36
N ARG A 412 -28.79 -23.21 -0.90
CA ARG A 412 -29.29 -22.01 -0.25
C ARG A 412 -29.01 -21.98 1.24
N CYS A 413 -27.76 -22.13 1.65
CA CYS A 413 -27.46 -22.02 3.08
C CYS A 413 -26.22 -21.15 3.40
N ALA A 414 -26.07 -20.08 2.66
CA ALA A 414 -24.93 -19.23 2.90
C ALA A 414 -25.07 -18.70 4.28
N PRO A 415 -23.95 -18.59 5.01
CA PRO A 415 -23.91 -17.91 6.30
C PRO A 415 -24.21 -16.45 6.08
N ALA A 416 -24.33 -15.70 7.18
CA ALA A 416 -24.46 -14.23 7.16
C ALA A 416 -23.40 -13.60 6.25
N SER A 417 -22.17 -14.02 6.45
CA SER A 417 -21.10 -13.62 5.55
C SER A 417 -20.26 -14.82 5.22
N ILE A 418 -19.89 -14.92 3.94
CA ILE A 418 -18.81 -15.81 3.52
C ILE A 418 -17.96 -15.11 2.45
N ARG A 419 -16.65 -15.31 2.56
CA ARG A 419 -15.67 -14.69 1.68
C ARG A 419 -14.55 -15.66 1.45
N LEU A 420 -14.14 -15.77 0.20
CA LEU A 420 -13.10 -16.69 -0.23
C LEU A 420 -11.96 -15.87 -0.79
N MET A 421 -10.79 -15.91 -0.15
CA MET A 421 -9.66 -15.13 -0.61
CA MET A 421 -9.64 -15.12 -0.61
C MET A 421 -8.65 -16.02 -1.36
N ASP A 422 -8.06 -15.52 -2.45
CA ASP A 422 -7.06 -16.34 -3.15
C ASP A 422 -5.81 -16.52 -2.30
N ASN A 423 -4.82 -17.26 -2.81
CA ASN A 423 -3.59 -17.50 -2.03
C ASN A 423 -2.88 -16.22 -1.63
N GLN A 424 -2.67 -15.31 -2.58
CA GLN A 424 -2.05 -13.99 -2.26
C GLN A 424 -2.74 -13.27 -1.11
N GLN A 425 -4.07 -13.27 -1.08
CA GLN A 425 -4.77 -12.65 0.08
C GLN A 425 -4.67 -13.46 1.38
N PHE A 426 -4.53 -14.78 1.26
CA PHE A 426 -4.21 -15.60 2.44
C PHE A 426 -2.80 -15.26 2.96
N GLN A 427 -1.86 -14.92 2.07
CA GLN A 427 -0.49 -14.57 2.53
C GLN A 427 -0.53 -13.24 3.29
N PHE A 428 -1.35 -12.34 2.79
CA PHE A 428 -1.54 -11.02 3.38
C PHE A 428 -2.04 -11.12 4.79
N GLY A 429 -3.06 -11.94 4.98
CA GLY A 429 -3.74 -12.03 6.26
C GLY A 429 -2.80 -12.62 7.28
N HIS A 430 -2.10 -13.68 6.90
CA HIS A 430 -1.19 -14.37 7.80
C HIS A 430 -0.05 -13.44 8.22
N ALA A 431 0.35 -12.55 7.33
CA ALA A 431 1.34 -11.53 7.63
C ALA A 431 0.83 -10.45 8.57
N LEU A 432 -0.41 -10.56 9.03
CA LEU A 432 -0.89 -9.62 10.05
C LEU A 432 -1.13 -10.28 11.42
N LYS A 433 -0.72 -11.55 11.56
CA LYS A 433 -0.87 -12.30 12.82
C LYS A 433 0.10 -11.76 13.90
N PRO A 434 -0.17 -12.06 15.19
CA PRO A 434 0.44 -11.25 16.28
C PRO A 434 1.87 -11.61 16.73
N GLN A 435 2.37 -12.78 16.32
CA GLN A 435 3.74 -13.24 16.68
C GLN A 435 4.85 -12.53 15.90
N VAL A 436 6.11 -12.73 16.30
CA VAL A 436 7.29 -12.30 15.52
C VAL A 436 7.98 -13.56 14.96
N SER A 437 8.62 -13.44 13.80
CA SER A 437 9.26 -14.60 13.16
C SER A 437 10.78 -14.42 13.03
N SER A 438 11.49 -15.53 12.81
CA SER A 438 12.96 -15.51 12.67
C SER A 438 13.38 -14.95 11.33
N ILE A 439 14.35 -14.04 11.36
CA ILE A 439 14.72 -13.27 10.16
C ILE A 439 15.66 -14.04 9.20
N PHE A 440 16.07 -15.22 9.61
CA PHE A 440 16.79 -16.14 8.72
C PHE A 440 15.86 -17.27 8.34
N THR A 441 14.56 -17.01 8.43
CA THR A 441 13.56 -17.83 7.74
C THR A 441 12.81 -17.00 6.67
N SER A 442 12.29 -17.69 5.65
CA SER A 442 11.46 -17.08 4.61
C SER A 442 10.02 -16.88 5.11
N GLY A 457 -1.67 -31.71 4.18
CA GLY A 457 -0.63 -31.71 3.15
C GLY A 457 -1.02 -30.78 2.02
N PHE A 458 -1.32 -29.54 2.42
CA PHE A 458 -1.77 -28.50 1.49
C PHE A 458 -0.59 -27.71 0.96
N ASP A 459 -0.62 -27.38 -0.34
CA ASP A 459 0.43 -26.53 -0.95
C ASP A 459 0.24 -25.03 -0.55
N PRO A 460 1.22 -24.45 0.16
CA PRO A 460 0.96 -23.17 0.85
C PRO A 460 0.92 -21.95 -0.06
N ASN A 461 1.27 -22.14 -1.33
CA ASN A 461 1.29 -21.10 -2.34
C ASN A 461 0.08 -21.15 -3.23
N GLN A 462 -0.77 -22.14 -2.97
CA GLN A 462 -1.91 -22.44 -3.84
C GLN A 462 -3.21 -22.40 -3.05
N LEU A 463 -3.11 -22.66 -1.76
CA LEU A 463 -4.29 -22.73 -0.92
C LEU A 463 -4.97 -21.40 -0.77
N SER A 464 -6.29 -21.47 -0.61
CA SER A 464 -7.13 -20.32 -0.39
C SER A 464 -7.93 -20.57 0.89
N VAL A 465 -8.50 -19.51 1.43
CA VAL A 465 -9.20 -19.58 2.68
C VAL A 465 -10.50 -18.80 2.58
N ALA A 466 -11.58 -19.41 3.02
CA ALA A 466 -12.84 -18.69 3.24
C ALA A 466 -12.94 -18.22 4.71
N THR A 467 -13.46 -17.01 4.92
CA THR A 467 -13.74 -16.58 6.27
C THR A 467 -15.24 -16.53 6.40
N LEU A 468 -15.74 -16.85 7.59
CA LEU A 468 -17.19 -17.01 7.79
C LEU A 468 -17.66 -16.26 9.00
N LEU A 469 -18.91 -15.81 8.93
CA LEU A 469 -19.61 -15.17 10.00
C LEU A 469 -21.07 -15.67 10.04
N PHE A 470 -21.49 -16.19 11.18
CA PHE A 470 -22.83 -16.69 11.41
C PHE A 470 -23.41 -15.85 12.52
N GLU A 471 -24.66 -15.45 12.38
CA GLU A 471 -25.36 -14.71 13.42
C GLU A 471 -26.86 -14.99 13.47
N GLY A 472 -27.42 -14.93 14.68
CA GLY A 472 -28.83 -15.25 14.90
C GLY A 472 -28.95 -15.89 16.28
N ASP A 473 -29.96 -16.74 16.41
CA ASP A 473 -30.08 -17.63 17.58
C ASP A 473 -28.90 -18.59 17.66
N ARG A 474 -28.36 -18.76 18.85
CA ARG A 474 -27.17 -19.58 19.02
C ARG A 474 -27.37 -21.02 18.62
N GLU A 475 -28.50 -21.63 18.97
CA GLU A 475 -28.76 -23.02 18.56
C GLU A 475 -28.83 -23.13 17.05
N LYS A 476 -29.59 -22.26 16.37
CA LYS A 476 -29.60 -22.27 14.91
C LYS A 476 -28.21 -21.97 14.33
N VAL A 477 -27.53 -21.00 14.92
CA VAL A 477 -26.21 -20.57 14.42
C VAL A 477 -25.22 -21.70 14.37
N LEU A 478 -25.20 -22.48 15.45
CA LEU A 478 -24.25 -23.56 15.63
C LEU A 478 -24.61 -24.74 14.76
N GLN A 479 -25.89 -25.04 14.66
CA GLN A 479 -26.29 -26.12 13.76
C GLN A 479 -25.88 -25.69 12.35
N HIS A 480 -26.17 -24.45 12.01
CA HIS A 480 -25.88 -23.92 10.67
C HIS A 480 -24.41 -24.02 10.31
N GLU A 481 -23.52 -23.58 11.21
CA GLU A 481 -22.08 -23.66 11.02
C GLU A 481 -21.63 -25.07 10.69
N LYS A 482 -22.21 -26.04 11.38
CA LYS A 482 -21.86 -27.43 11.11
C LYS A 482 -22.29 -27.88 9.72
N GLN A 483 -23.45 -27.43 9.26
CA GLN A 483 -23.91 -27.87 7.95
C GLN A 483 -23.01 -27.28 6.89
N VAL A 484 -22.53 -26.08 7.15
CA VAL A 484 -21.62 -25.38 6.21
C VAL A 484 -20.27 -26.10 6.14
N TYR A 485 -19.66 -26.29 7.32
CA TYR A 485 -18.43 -27.10 7.44
C TYR A 485 -18.57 -28.54 6.93
N ASP A 486 -19.76 -29.11 7.01
CA ASP A 486 -19.94 -30.41 6.39
C ASP A 486 -19.87 -30.38 4.85
N ILE A 487 -20.45 -29.34 4.25
CA ILE A 487 -20.34 -29.10 2.80
C ILE A 487 -18.89 -28.85 2.34
N ALA A 488 -18.17 -27.96 3.05
CA ALA A 488 -16.81 -27.58 2.68
C ALA A 488 -15.87 -28.77 2.68
N ALA A 489 -16.15 -29.77 3.51
CA ALA A 489 -15.26 -30.95 3.64
C ALA A 489 -15.31 -31.78 2.38
N LYS A 490 -16.43 -31.77 1.68
CA LYS A 490 -16.53 -32.48 0.40
C LYS A 490 -15.58 -31.95 -0.68
N PHE A 491 -15.13 -30.69 -0.51
CA PHE A 491 -14.22 -30.01 -1.46
C PHE A 491 -12.80 -29.93 -0.86
N GLY A 492 -12.52 -30.82 0.10
CA GLY A 492 -11.25 -30.84 0.79
C GLY A 492 -11.08 -29.69 1.75
N GLY A 493 -12.20 -29.11 2.20
CA GLY A 493 -12.16 -28.06 3.21
C GLY A 493 -11.72 -28.57 4.57
N LEU A 494 -10.86 -27.80 5.23
CA LEU A 494 -10.41 -28.09 6.60
C LEU A 494 -10.60 -26.86 7.43
N ALA A 495 -11.24 -27.03 8.57
CA ALA A 495 -11.56 -25.90 9.38
C ALA A 495 -10.22 -25.24 9.77
N ALA A 496 -10.13 -23.91 9.68
CA ALA A 496 -8.85 -23.21 9.87
C ALA A 496 -8.86 -22.29 11.06
N GLY A 497 -9.92 -22.36 11.85
CA GLY A 497 -9.95 -21.62 13.08
C GLY A 497 -10.75 -20.33 13.14
N GLU A 498 -11.42 -20.21 14.26
CA GLU A 498 -12.24 -19.07 14.58
C GLU A 498 -11.37 -17.82 14.65
N ASP A 499 -10.21 -17.96 15.31
CA ASP A 499 -9.38 -16.82 15.59
C ASP A 499 -8.98 -16.10 14.30
N ASN A 500 -8.71 -16.88 13.25
CA ASN A 500 -8.45 -16.31 11.95
C ASN A 500 -9.68 -15.65 11.39
N GLY A 501 -10.79 -16.38 11.33
CA GLY A 501 -12.05 -15.87 10.81
C GLY A 501 -12.39 -14.54 11.43
N GLN A 502 -12.30 -14.50 12.76
CA GLN A 502 -12.48 -13.29 13.53
C GLN A 502 -11.51 -12.20 13.10
N ARG A 503 -10.23 -12.55 12.86
CA ARG A 503 -9.25 -11.52 12.54
C ARG A 503 -9.53 -10.94 11.16
N GLY A 504 -9.89 -11.81 10.22
CA GLY A 504 -10.40 -11.40 8.92
C GLY A 504 -11.52 -10.38 8.98
N TYR A 505 -12.48 -10.56 9.89
CA TYR A 505 -13.56 -9.59 10.05
C TYR A 505 -13.18 -8.25 10.65
N LEU A 506 -12.20 -8.23 11.57
CA LEU A 506 -11.80 -6.99 12.24
C LEU A 506 -11.07 -6.08 11.28
N LEU A 507 -10.39 -6.72 10.36
CA LEU A 507 -9.41 -6.09 9.51
C LEU A 507 -10.09 -5.31 8.40
N THR A 508 -11.38 -5.56 8.19
CA THR A 508 -12.05 -5.00 7.01
C THR A 508 -12.11 -3.48 7.08
N TYR A 509 -12.27 -2.96 8.31
CA TYR A 509 -12.47 -1.54 8.60
C TYR A 509 -11.16 -0.78 8.72
N VAL A 510 -10.08 -1.52 8.58
CA VAL A 510 -8.72 -1.00 8.73
C VAL A 510 -8.01 -0.92 7.38
N ILE A 511 -8.48 -1.74 6.42
CA ILE A 511 -7.86 -1.90 5.11
C ILE A 511 -7.78 -0.58 4.40
N ALA A 512 -8.79 0.26 4.53
CA ALA A 512 -8.78 1.48 3.75
C ALA A 512 -7.80 2.49 4.37
N TYR A 513 -7.39 2.28 5.62
CA TYR A 513 -6.28 3.05 6.21
C TYR A 513 -4.94 2.65 5.59
N MET A 514 -4.90 1.49 4.93
CA MET A 514 -3.66 0.96 4.43
C MET A 514 -3.25 1.64 3.14
N ARG A 515 -4.26 2.18 2.43
CA ARG A 515 -4.04 2.87 1.18
C ARG A 515 -3.32 4.18 1.41
N ASP A 516 -3.68 4.88 2.48
CA ASP A 516 -2.96 6.09 2.84
C ASP A 516 -1.50 5.78 3.21
N LEU A 517 -1.24 4.60 3.79
CA LEU A 517 0.13 4.20 4.15
C LEU A 517 0.97 3.89 2.92
N GLY A 518 0.41 3.13 1.99
CA GLY A 518 1.09 2.84 0.76
C GLY A 518 1.44 4.12 0.04
N LEU A 519 0.55 5.10 0.09
CA LEU A 519 0.78 6.33 -0.66
C LEU A 519 2.02 7.10 -0.17
N GLU A 520 2.33 6.99 1.12
CA GLU A 520 3.56 7.62 1.66
C GLU A 520 4.84 6.88 1.36
N TYR A 521 4.77 5.67 0.80
CA TYR A 521 5.95 4.92 0.35
C TYR A 521 5.88 4.51 -1.11
N TYR A 522 5.40 5.42 -1.96
CA TYR A 522 5.37 5.22 -3.42
C TYR A 522 4.54 4.02 -3.95
N ILE A 523 3.58 3.55 -3.14
CA ILE A 523 2.69 2.43 -3.54
C ILE A 523 1.26 2.90 -3.73
N ILE A 524 0.73 2.77 -4.96
CA ILE A 524 -0.70 3.04 -5.26
C ILE A 524 -1.54 1.78 -5.42
N GLY A 525 -2.76 1.83 -4.87
CA GLY A 525 -3.67 0.69 -4.90
C GLY A 525 -5.14 1.09 -4.96
N GLU A 526 -5.95 0.28 -5.63
CA GLU A 526 -7.41 0.47 -5.62
C GLU A 526 -8.06 -0.89 -5.79
N SER A 527 -9.27 -1.05 -5.25
CA SER A 527 -9.99 -2.28 -5.53
C SER A 527 -11.14 -2.03 -6.45
N PHE A 528 -11.67 -3.09 -7.03
CA PHE A 528 -12.76 -2.92 -7.96
C PHE A 528 -13.44 -4.27 -8.17
N GLU A 529 -14.69 -4.26 -8.59
CA GLU A 529 -15.52 -5.39 -8.34
C GLU A 529 -16.32 -5.66 -9.57
N THR A 530 -16.82 -6.89 -9.68
CA THR A 530 -17.79 -7.20 -10.72
C THR A 530 -18.75 -8.23 -10.16
N SER A 531 -19.80 -8.59 -10.92
CA SER A 531 -20.61 -9.76 -10.61
C SER A 531 -20.69 -10.55 -11.89
N ALA A 532 -20.78 -11.89 -11.75
CA ALA A 532 -20.73 -12.79 -12.89
C ALA A 532 -21.44 -14.10 -12.58
N PRO A 533 -21.93 -14.81 -13.62
CA PRO A 533 -22.51 -16.12 -13.49
C PRO A 533 -21.47 -17.06 -12.88
N TRP A 534 -21.93 -18.09 -12.19
CA TRP A 534 -21.06 -19.05 -11.51
C TRP A 534 -20.10 -19.63 -12.49
N ASP A 535 -20.62 -20.04 -13.64
CA ASP A 535 -19.78 -20.68 -14.61
C ASP A 535 -18.74 -19.79 -15.27
N ARG A 536 -18.60 -18.52 -14.82
CA ARG A 536 -17.52 -17.61 -15.30
C ARG A 536 -16.43 -17.21 -14.29
N VAL A 537 -16.71 -17.47 -13.01
CA VAL A 537 -15.92 -16.93 -11.89
C VAL A 537 -14.45 -17.36 -11.99
N VAL A 538 -14.24 -18.65 -12.23
CA VAL A 538 -12.87 -19.17 -12.21
C VAL A 538 -12.03 -18.51 -13.33
N ASP A 539 -12.52 -18.57 -14.59
CA ASP A 539 -11.73 -18.01 -15.71
C ASP A 539 -11.60 -16.48 -15.69
N LEU A 540 -12.65 -15.81 -15.21
CA LEU A 540 -12.62 -14.35 -15.07
C LEU A 540 -11.52 -13.88 -14.10
N CYS A 541 -11.43 -14.54 -12.95
CA CYS A 541 -10.44 -14.26 -11.94
C CYS A 541 -9.03 -14.49 -12.46
N ARG A 542 -8.79 -15.65 -13.03
CA ARG A 542 -7.52 -15.92 -13.71
C ARG A 542 -7.23 -14.88 -14.82
N ASN A 543 -8.18 -14.60 -15.70
CA ASN A 543 -7.85 -13.69 -16.81
C ASN A 543 -7.63 -12.27 -16.46
N VAL A 544 -8.40 -11.78 -15.50
CA VAL A 544 -8.36 -10.37 -15.11
C VAL A 544 -7.07 -10.08 -14.35
N LYS A 545 -6.60 -11.06 -13.58
CA LYS A 545 -5.37 -10.90 -12.81
C LYS A 545 -4.16 -10.98 -13.73
N GLU A 546 -4.27 -11.82 -14.76
CA GLU A 546 -3.24 -11.97 -15.77
C GLU A 546 -3.14 -10.68 -16.60
N ARG A 547 -4.29 -10.23 -17.08
CA ARG A 547 -4.40 -8.96 -17.78
C ARG A 547 -3.68 -7.85 -17.03
N ILE A 548 -4.00 -7.70 -15.73
CA ILE A 548 -3.40 -6.65 -14.90
C ILE A 548 -1.88 -6.75 -14.86
N ARG A 549 -1.35 -7.97 -14.69
CA ARG A 549 0.12 -8.19 -14.66
C ARG A 549 0.81 -7.91 -15.99
N ARG A 550 0.17 -8.29 -17.08
CA ARG A 550 0.69 -7.99 -18.39
C ARG A 550 0.63 -6.47 -18.66
N GLU A 551 -0.50 -5.83 -18.39
CA GLU A 551 -0.62 -4.39 -18.66
C GLU A 551 0.48 -3.57 -17.97
N CYS A 552 0.71 -3.88 -16.69
CA CYS A 552 1.73 -3.23 -15.88
C CYS A 552 3.16 -3.39 -16.40
N LYS A 553 3.53 -4.60 -16.84
CA LYS A 553 4.85 -4.82 -17.38
C LYS A 553 4.99 -4.06 -18.71
N GLU A 554 4.05 -4.28 -19.63
CA GLU A 554 4.03 -3.51 -20.90
C GLU A 554 4.07 -1.98 -20.71
N LYS A 555 3.69 -1.48 -19.53
CA LYS A 555 3.62 -0.02 -19.28
C LYS A 555 4.78 0.44 -18.42
N GLY A 556 5.73 -0.47 -18.24
CA GLY A 556 7.01 -0.15 -17.61
C GLY A 556 7.11 -0.21 -16.10
N VAL A 557 6.14 -0.84 -15.46
CA VAL A 557 6.26 -1.17 -14.03
C VAL A 557 7.21 -2.38 -13.94
N GLN A 558 8.37 -2.16 -13.30
CA GLN A 558 9.44 -3.18 -13.27
C GLN A 558 9.24 -4.28 -12.18
N PHE A 559 8.81 -3.88 -10.98
CA PHE A 559 8.43 -4.83 -9.93
C PHE A 559 6.96 -5.26 -10.10
N PRO A 560 6.69 -6.58 -10.28
CA PRO A 560 5.31 -7.06 -10.58
C PRO A 560 4.18 -6.55 -9.63
N PRO A 561 2.98 -6.31 -10.17
CA PRO A 561 1.91 -5.80 -9.30
C PRO A 561 1.26 -6.91 -8.47
N LEU A 562 0.77 -6.55 -7.30
CA LEU A 562 -0.19 -7.35 -6.59
C LEU A 562 -1.49 -7.30 -7.38
N SER A 563 -1.93 -8.49 -7.76
CA SER A 563 -3.21 -8.71 -8.42
C SER A 563 -3.89 -9.83 -7.68
N THR A 564 -4.61 -9.47 -6.62
CA THR A 564 -5.31 -10.44 -5.81
C THR A 564 -6.83 -10.32 -5.98
N CYS A 565 -7.51 -11.47 -6.03
CA CYS A 565 -8.98 -11.47 -6.10
C CYS A 565 -9.62 -12.16 -4.89
N ARG A 566 -10.87 -11.84 -4.58
CA ARG A 566 -11.60 -12.60 -3.56
C ARG A 566 -13.08 -12.66 -3.86
N VAL A 567 -13.73 -13.70 -3.40
CA VAL A 567 -15.17 -13.70 -3.60
C VAL A 567 -15.89 -13.25 -2.36
N THR A 568 -16.74 -12.24 -2.50
CA THR A 568 -17.41 -11.64 -1.36
C THR A 568 -18.93 -11.91 -1.22
N GLN A 569 -19.64 -12.26 -2.26
CA GLN A 569 -21.06 -12.56 -2.06
C GLN A 569 -21.49 -13.71 -2.96
N THR A 570 -22.53 -14.42 -2.53
CA THR A 570 -23.06 -15.49 -3.36
C THR A 570 -24.50 -15.13 -3.65
N TYR A 571 -24.96 -15.59 -4.82
CA TYR A 571 -26.33 -15.46 -5.21
C TYR A 571 -26.70 -16.79 -5.83
N ASP A 572 -28.01 -17.01 -6.01
CA ASP A 572 -28.44 -18.13 -6.80
C ASP A 572 -27.74 -18.19 -8.16
N ALA A 573 -27.66 -17.03 -8.81
CA ALA A 573 -27.27 -16.96 -10.23
C ALA A 573 -25.80 -16.62 -10.55
N GLY A 574 -24.99 -16.29 -9.52
CA GLY A 574 -23.55 -16.12 -9.62
C GLY A 574 -22.96 -15.39 -8.39
N ALA A 575 -21.84 -14.68 -8.58
CA ALA A 575 -21.08 -14.14 -7.44
C ALA A 575 -20.59 -12.73 -7.67
N CYS A 576 -20.38 -12.03 -6.55
CA CYS A 576 -19.59 -10.80 -6.54
C CYS A 576 -18.13 -11.21 -6.43
N ILE A 577 -17.30 -10.68 -7.32
CA ILE A 577 -15.87 -10.82 -7.26
C ILE A 577 -15.14 -9.49 -6.96
N TYR A 578 -14.33 -9.48 -5.92
CA TYR A 578 -13.48 -8.30 -5.63
C TYR A 578 -12.01 -8.41 -6.04
N PHE A 579 -11.51 -7.44 -6.78
CA PHE A 579 -10.11 -7.38 -7.08
C PHE A 579 -9.44 -6.30 -6.26
N TYR A 580 -8.18 -6.57 -5.94
CA TYR A 580 -7.30 -5.52 -5.46
C TYR A 580 -6.04 -5.47 -6.31
N PHE A 581 -5.59 -4.26 -6.59
CA PHE A 581 -4.48 -4.06 -7.50
C PHE A 581 -3.66 -2.89 -6.95
N ALA A 582 -2.36 -3.11 -6.87
CA ALA A 582 -1.46 -2.14 -6.28
C ALA A 582 -0.08 -2.30 -6.89
N PHE A 583 0.63 -1.16 -7.06
CA PHE A 583 2.06 -1.20 -7.42
C PHE A 583 2.91 -0.10 -6.84
N ASN A 584 4.21 -0.37 -6.81
CA ASN A 584 5.25 0.59 -6.47
C ASN A 584 5.40 1.46 -7.67
N TYR A 585 5.20 2.76 -7.52
CA TYR A 585 5.29 3.61 -8.70
C TYR A 585 6.61 4.37 -8.87
N ARG A 586 7.54 4.30 -7.91
CA ARG A 586 8.77 5.15 -7.94
C ARG A 586 9.67 4.74 -9.10
N GLY A 587 9.79 5.65 -10.08
CA GLY A 587 10.52 5.37 -11.33
C GLY A 587 9.69 5.59 -12.57
N ILE A 588 8.42 5.24 -12.50
CA ILE A 588 7.49 5.42 -13.61
C ILE A 588 7.14 6.87 -13.88
N SER A 589 7.02 7.16 -15.18
CA SER A 589 6.82 8.50 -15.75
C SER A 589 5.57 9.25 -15.27
N ASP A 590 4.40 8.72 -15.58
CA ASP A 590 3.13 9.31 -15.15
C ASP A 590 2.40 8.25 -14.34
N PRO A 591 2.65 8.17 -13.02
CA PRO A 591 2.10 7.09 -12.19
C PRO A 591 0.56 6.95 -12.27
N LEU A 592 -0.14 8.09 -12.29
CA LEU A 592 -1.61 8.16 -12.41
C LEU A 592 -2.23 7.63 -13.69
N ALA A 593 -1.59 7.87 -14.84
CA ALA A 593 -2.10 7.47 -16.15
C ALA A 593 -1.93 5.97 -16.30
N VAL A 594 -0.80 5.51 -15.79
CA VAL A 594 -0.50 4.10 -15.73
C VAL A 594 -1.59 3.33 -14.96
N PHE A 595 -1.97 3.85 -13.80
CA PHE A 595 -2.97 3.17 -13.00
C PHE A 595 -4.35 3.17 -13.67
N GLU A 596 -4.78 4.37 -14.06
CA GLU A 596 -6.03 4.51 -14.76
C GLU A 596 -6.14 3.55 -15.97
N GLN A 597 -5.10 3.48 -16.78
CA GLN A 597 -5.14 2.70 -18.03
C GLN A 597 -5.21 1.23 -17.73
N THR A 598 -4.47 0.82 -16.70
CA THR A 598 -4.53 -0.58 -16.28
C THR A 598 -5.92 -0.94 -15.77
N GLU A 599 -6.45 -0.10 -14.90
CA GLU A 599 -7.77 -0.28 -14.34
C GLU A 599 -8.79 -0.40 -15.47
N ALA A 600 -8.74 0.52 -16.44
CA ALA A 600 -9.68 0.49 -17.57
C ALA A 600 -9.62 -0.82 -18.37
N ALA A 601 -8.42 -1.38 -18.48
CA ALA A 601 -8.15 -2.58 -19.23
C ALA A 601 -8.67 -3.78 -18.45
N ALA A 602 -8.51 -3.74 -17.14
CA ALA A 602 -9.04 -4.82 -16.28
C ALA A 602 -10.56 -4.86 -16.47
N ARG A 603 -11.15 -3.65 -16.50
CA ARG A 603 -12.60 -3.49 -16.77
C ARG A 603 -13.06 -4.08 -18.06
N GLU A 604 -12.33 -3.84 -19.15
CA GLU A 604 -12.58 -4.52 -20.45
C GLU A 604 -12.44 -6.05 -20.37
N GLU A 605 -11.48 -6.50 -19.57
CA GLU A 605 -11.24 -7.93 -19.41
C GLU A 605 -12.43 -8.58 -18.70
N ILE A 606 -12.90 -7.93 -17.64
CA ILE A 606 -14.08 -8.37 -16.87
C ILE A 606 -15.31 -8.54 -17.76
N LEU A 607 -15.67 -7.44 -18.43
CA LEU A 607 -16.77 -7.44 -19.39
C LEU A 607 -16.60 -8.53 -20.42
N ALA A 608 -15.38 -8.67 -20.94
CA ALA A 608 -15.00 -9.72 -21.87
C ALA A 608 -15.22 -11.11 -21.32
N ASN A 609 -14.99 -11.32 -20.02
CA ASN A 609 -15.22 -12.65 -19.41
C ASN A 609 -16.65 -12.92 -18.88
N GLY A 610 -17.59 -12.05 -19.25
CA GLY A 610 -18.97 -12.18 -18.84
C GLY A 610 -19.38 -11.53 -17.53
N GLY A 611 -18.49 -10.74 -16.94
CA GLY A 611 -18.80 -10.01 -15.70
C GLY A 611 -19.54 -8.73 -15.96
N SER A 612 -20.14 -8.15 -14.94
CA SER A 612 -20.97 -7.00 -15.16
C SER A 612 -20.12 -5.78 -14.94
N LEU A 613 -20.71 -4.62 -15.21
CA LEU A 613 -20.00 -3.37 -15.13
C LEU A 613 -19.78 -2.95 -13.65
N SER A 614 -20.77 -3.22 -12.79
CA SER A 614 -20.59 -3.03 -11.32
C SER A 614 -21.54 -3.91 -10.49
N HIS A 615 -21.06 -4.37 -9.34
CA HIS A 615 -21.95 -5.05 -8.42
C HIS A 615 -22.50 -4.09 -7.44
N HIS A 616 -21.69 -3.17 -6.96
CA HIS A 616 -22.17 -2.23 -5.99
C HIS A 616 -21.48 -0.89 -6.04
N HIS A 617 -20.33 -0.79 -6.70
CA HIS A 617 -19.66 0.49 -6.84
C HIS A 617 -20.51 1.54 -7.48
N GLY A 618 -21.16 1.15 -8.57
CA GLY A 618 -21.91 2.08 -9.39
C GLY A 618 -21.10 2.57 -10.59
N VAL A 619 -21.58 3.62 -11.24
CA VAL A 619 -21.03 4.09 -12.48
C VAL A 619 -20.40 5.47 -12.27
N GLY A 620 -21.09 6.35 -11.56
CA GLY A 620 -20.65 7.73 -11.36
C GLY A 620 -20.24 8.36 -12.69
N LYS A 621 -19.00 8.88 -12.73
CA LYS A 621 -18.38 9.35 -13.97
C LYS A 621 -17.22 8.45 -14.39
N LEU A 622 -16.96 7.40 -13.62
CA LEU A 622 -15.86 6.49 -13.95
C LEU A 622 -16.19 5.43 -14.98
N ARG A 623 -17.42 4.92 -15.04
CA ARG A 623 -17.70 3.83 -15.99
C ARG A 623 -18.74 4.18 -17.02
N LYS A 624 -19.04 5.48 -17.14
CA LYS A 624 -20.01 6.02 -18.09
C LYS A 624 -19.85 5.41 -19.47
N GLN A 625 -18.63 5.34 -19.96
CA GLN A 625 -18.42 4.94 -21.34
C GLN A 625 -18.83 3.49 -21.69
N TRP A 626 -19.19 2.67 -20.70
CA TRP A 626 -19.62 1.29 -20.97
C TRP A 626 -21.10 1.09 -20.75
N LEU A 627 -21.78 2.13 -20.28
CA LEU A 627 -23.17 2.02 -19.85
C LEU A 627 -24.12 1.60 -20.94
N LYS A 628 -24.15 2.37 -22.02
CA LYS A 628 -24.97 2.03 -23.18
C LYS A 628 -24.82 0.57 -23.55
N GLU A 629 -23.60 0.05 -23.57
CA GLU A 629 -23.42 -1.34 -23.92
C GLU A 629 -24.02 -2.30 -22.87
N SER A 630 -23.92 -1.97 -21.58
CA SER A 630 -24.44 -2.85 -20.49
C SER A 630 -25.96 -3.01 -20.45
N ILE A 631 -26.66 -1.91 -20.34
CA ILE A 631 -28.10 -1.88 -20.53
C ILE A 631 -28.15 -1.62 -22.00
N SER A 632 -29.27 -1.51 -22.65
CA SER A 632 -29.05 -1.33 -24.12
C SER A 632 -29.14 0.20 -24.51
N ASP A 633 -29.20 0.55 -25.81
CA ASP A 633 -29.52 1.95 -26.18
C ASP A 633 -30.84 2.41 -25.70
N VAL A 634 -31.86 1.58 -25.90
CA VAL A 634 -33.17 1.97 -25.48
C VAL A 634 -33.19 2.14 -23.98
N GLY A 635 -32.45 1.27 -23.25
CA GLY A 635 -32.47 1.26 -21.78
C GLY A 635 -31.90 2.56 -21.24
N PHE A 636 -30.81 2.99 -21.85
CA PHE A 636 -30.21 4.30 -21.68
C PHE A 636 -31.23 5.43 -22.04
N GLY A 637 -31.90 5.29 -23.18
CA GLY A 637 -32.90 6.25 -23.55
C GLY A 637 -34.02 6.38 -22.53
N MET A 638 -34.38 5.25 -21.91
CA MET A 638 -35.37 5.23 -20.83
C MET A 638 -34.87 6.02 -19.62
N LEU A 639 -33.59 5.82 -19.27
CA LEU A 639 -33.02 6.57 -18.17
C LEU A 639 -33.03 8.09 -18.46
N LYS A 640 -32.68 8.45 -19.69
CA LYS A 640 -32.60 9.83 -20.13
C LYS A 640 -33.96 10.49 -20.09
N SER A 641 -34.99 9.74 -20.49
CA SER A 641 -36.32 10.30 -20.45
C SER A 641 -36.79 10.60 -19.01
N VAL A 642 -36.40 9.78 -18.06
CA VAL A 642 -36.81 10.06 -16.69
C VAL A 642 -36.05 11.29 -16.19
N LYS A 643 -34.74 11.31 -16.44
CA LYS A 643 -33.92 12.43 -16.10
C LYS A 643 -34.47 13.71 -16.71
N ASP A 644 -34.91 13.65 -17.97
CA ASP A 644 -35.36 14.87 -18.66
C ASP A 644 -36.73 15.31 -18.16
N TYR A 645 -37.53 14.38 -17.66
CA TYR A 645 -38.82 14.78 -17.16
C TYR A 645 -38.73 15.33 -15.73
N VAL A 646 -38.03 14.60 -14.90
CA VAL A 646 -37.93 14.94 -13.48
C VAL A 646 -37.00 16.13 -13.26
N ASP A 647 -35.93 16.22 -14.04
CA ASP A 647 -34.92 17.32 -13.87
C ASP A 647 -34.64 18.01 -15.24
N PRO A 648 -35.67 18.69 -15.79
CA PRO A 648 -35.53 19.15 -17.20
C PRO A 648 -34.41 20.17 -17.35
N THR A 649 -34.12 20.97 -16.32
CA THR A 649 -33.02 21.93 -16.42
C THR A 649 -31.67 21.47 -15.84
N ASN A 650 -31.53 20.14 -15.62
CA ASN A 650 -30.26 19.62 -15.11
C ASN A 650 -29.71 20.32 -13.85
N ILE A 651 -30.61 20.59 -12.91
CA ILE A 651 -30.20 21.10 -11.60
C ILE A 651 -29.28 20.11 -10.91
N PHE A 652 -29.65 18.83 -11.01
CA PHE A 652 -28.87 17.74 -10.42
C PHE A 652 -27.85 17.31 -11.41
N GLY A 653 -26.78 18.09 -11.45
CA GLY A 653 -25.83 18.11 -12.53
C GLY A 653 -24.47 17.54 -12.28
N ASN A 654 -24.35 16.56 -11.39
CA ASN A 654 -23.06 15.88 -11.21
C ASN A 654 -22.68 15.06 -12.48
N ARG A 655 -23.61 14.99 -13.44
CA ARG A 655 -23.46 14.22 -14.69
C ARG A 655 -23.06 12.77 -14.54
N ASN A 656 -23.48 12.13 -13.47
CA ASN A 656 -23.28 10.67 -13.36
C ASN A 656 -24.14 9.95 -14.36
N LEU A 657 -23.69 8.75 -14.76
CA LEU A 657 -24.51 7.82 -15.51
C LEU A 657 -24.64 8.17 -16.98
N LEU A 658 -25.28 9.31 -17.26
CA LEU A 658 -25.64 9.69 -18.63
C LEU A 658 -24.81 10.89 -19.07
N GLY B 81 -49.67 -28.84 -21.14
CA GLY B 81 -49.56 -28.77 -22.65
C GLY B 81 -49.42 -27.38 -23.27
N ILE B 82 -49.33 -27.35 -24.59
CA ILE B 82 -49.30 -26.09 -25.36
C ILE B 82 -50.74 -25.62 -25.71
N ILE B 83 -50.91 -24.29 -25.81
CA ILE B 83 -52.16 -23.66 -26.22
C ILE B 83 -52.25 -23.65 -27.76
N PRO B 84 -53.29 -24.32 -28.34
CA PRO B 84 -53.39 -24.32 -29.79
C PRO B 84 -53.86 -22.95 -30.28
N LYS B 85 -53.73 -22.69 -31.58
CA LYS B 85 -54.07 -21.38 -32.12
C LYS B 85 -55.55 -21.10 -31.93
N LYS B 86 -56.39 -22.06 -32.33
CA LYS B 86 -57.83 -21.94 -32.12
C LYS B 86 -58.19 -22.48 -30.73
N ARG B 87 -58.25 -21.56 -29.79
CA ARG B 87 -58.31 -21.93 -28.39
C ARG B 87 -59.60 -22.63 -28.04
N GLN B 88 -60.70 -22.20 -28.68
CA GLN B 88 -62.06 -22.70 -28.38
C GLN B 88 -62.26 -24.20 -28.60
N GLU B 89 -61.33 -24.83 -29.32
CA GLU B 89 -61.20 -26.30 -29.33
C GLU B 89 -61.06 -26.94 -27.94
N LEU B 90 -60.32 -26.30 -27.06
CA LEU B 90 -59.91 -26.90 -25.82
C LEU B 90 -60.40 -26.09 -24.63
N MET B 91 -60.52 -24.78 -24.85
CA MET B 91 -60.97 -23.88 -23.81
C MET B 91 -62.40 -23.46 -24.03
N LYS B 92 -63.10 -23.14 -22.95
CA LYS B 92 -64.47 -22.67 -23.00
C LYS B 92 -64.48 -21.27 -23.62
N TRP B 93 -65.28 -21.05 -24.65
CA TRP B 93 -65.29 -19.74 -25.30
C TRP B 93 -65.81 -18.70 -24.39
N ASN B 94 -66.57 -19.08 -23.36
CA ASN B 94 -67.28 -18.06 -22.56
C ASN B 94 -67.13 -18.09 -21.06
N GLY B 95 -66.17 -18.89 -20.57
CA GLY B 95 -65.84 -18.91 -19.15
C GLY B 95 -64.39 -19.34 -18.95
N TRP B 96 -64.09 -19.74 -17.72
CA TRP B 96 -62.75 -20.16 -17.37
C TRP B 96 -62.46 -21.57 -17.78
N GLY B 97 -61.22 -21.83 -18.15
CA GLY B 97 -60.67 -23.18 -18.21
C GLY B 97 -60.98 -24.01 -19.42
N TYR B 98 -61.03 -25.33 -19.19
CA TYR B 98 -61.18 -26.36 -20.25
C TYR B 98 -62.61 -26.75 -20.55
N ASN B 99 -62.91 -27.01 -21.81
CA ASN B 99 -64.24 -27.48 -22.20
C ASN B 99 -64.69 -28.73 -21.43
N ASP B 100 -63.75 -29.67 -21.27
CA ASP B 100 -64.01 -30.95 -20.64
C ASP B 100 -64.08 -30.85 -19.13
N SER B 101 -64.01 -29.63 -18.59
CA SER B 101 -64.10 -29.43 -17.13
C SER B 101 -65.18 -28.45 -16.73
N LYS B 102 -66.22 -28.97 -16.07
CA LYS B 102 -67.33 -28.17 -15.57
C LYS B 102 -67.95 -28.82 -14.34
N PHE B 103 -68.49 -28.01 -13.42
CA PHE B 103 -69.31 -28.55 -12.33
C PHE B 103 -70.70 -28.94 -12.84
N PHE B 104 -71.08 -30.20 -12.64
CA PHE B 104 -72.44 -30.65 -12.89
C PHE B 104 -72.95 -31.42 -11.67
N LEU B 105 -74.26 -31.58 -11.62
CA LEU B 105 -74.93 -32.40 -10.63
C LEU B 105 -74.84 -33.87 -11.12
N ASN B 106 -74.31 -34.76 -10.31
CA ASN B 106 -74.16 -36.16 -10.77
C ASN B 106 -75.38 -37.07 -10.48
N LYS B 107 -75.24 -38.36 -10.70
CA LYS B 107 -76.41 -39.27 -10.55
C LYS B 107 -76.90 -39.52 -9.11
N LYS B 108 -76.32 -38.77 -8.17
CA LYS B 108 -76.67 -38.79 -6.74
C LYS B 108 -76.94 -37.39 -6.24
N GLY B 109 -77.09 -36.45 -7.17
CA GLY B 109 -77.43 -35.08 -6.83
C GLY B 109 -76.35 -34.44 -6.01
N GLN B 110 -75.11 -34.82 -6.29
CA GLN B 110 -73.93 -34.21 -5.67
C GLN B 110 -73.11 -33.46 -6.69
N LEU B 111 -72.66 -32.27 -6.33
CA LEU B 111 -71.82 -31.52 -7.28
C LEU B 111 -70.47 -32.18 -7.57
N GLU B 112 -70.17 -32.27 -8.85
CA GLU B 112 -68.98 -32.95 -9.29
C GLU B 112 -68.37 -32.33 -10.55
N LEU B 113 -67.06 -32.45 -10.70
CA LEU B 113 -66.36 -31.89 -11.84
C LEU B 113 -66.23 -32.93 -12.92
N THR B 114 -66.51 -32.53 -14.14
CA THR B 114 -66.42 -33.36 -15.33
C THR B 114 -64.94 -33.63 -15.64
N GLY B 115 -64.65 -34.73 -16.32
CA GLY B 115 -63.34 -34.93 -16.88
C GLY B 115 -62.30 -35.56 -15.98
N LYS B 116 -61.08 -35.68 -16.52
CA LYS B 116 -59.98 -36.41 -15.89
C LYS B 116 -58.76 -35.53 -15.54
N ARG B 117 -58.88 -34.22 -15.74
CA ARG B 117 -57.74 -33.29 -15.59
C ARG B 117 -57.17 -33.11 -14.20
N TYR B 118 -58.03 -32.77 -13.24
CA TYR B 118 -57.60 -32.41 -11.89
C TYR B 118 -57.69 -33.57 -10.91
N PRO B 119 -56.86 -33.52 -9.87
CA PRO B 119 -57.01 -34.56 -8.85
C PRO B 119 -58.42 -34.62 -8.27
N LEU B 120 -59.18 -33.52 -8.37
CA LEU B 120 -60.60 -33.50 -7.98
C LEU B 120 -61.60 -33.86 -9.12
N SER B 121 -61.09 -34.06 -10.32
CA SER B 121 -61.96 -34.50 -11.40
C SER B 121 -62.62 -35.84 -11.09
N GLY B 122 -63.96 -35.86 -11.17
CA GLY B 122 -64.76 -37.06 -10.99
C GLY B 122 -64.78 -37.56 -9.56
N VAL B 123 -64.71 -36.60 -8.63
CA VAL B 123 -64.69 -36.85 -7.20
C VAL B 123 -65.90 -36.10 -6.60
N ALA B 124 -66.96 -36.85 -6.29
CA ALA B 124 -68.17 -36.30 -5.68
C ALA B 124 -67.88 -35.42 -4.45
N LEU B 125 -68.59 -34.31 -4.36
CA LEU B 125 -68.48 -33.36 -3.26
C LEU B 125 -69.86 -33.24 -2.61
N PRO B 126 -70.20 -34.16 -1.70
CA PRO B 126 -71.57 -34.32 -1.16
C PRO B 126 -72.09 -33.09 -0.43
N THR B 127 -71.20 -32.38 0.28
CA THR B 127 -71.62 -31.25 1.10
C THR B 127 -71.51 -29.89 0.38
N PHE B 128 -71.11 -29.93 -0.87
CA PHE B 128 -70.96 -28.70 -1.64
C PHE B 128 -72.32 -28.01 -1.93
N LYS B 129 -73.25 -28.78 -2.52
CA LYS B 129 -74.61 -28.31 -2.84
C LYS B 129 -75.27 -27.65 -1.60
N ASP B 130 -75.19 -28.34 -0.47
CA ASP B 130 -75.65 -27.82 0.79
C ASP B 130 -75.06 -26.45 1.14
N TRP B 131 -73.78 -26.28 0.86
CA TRP B 131 -73.11 -25.04 1.21
C TRP B 131 -73.63 -23.88 0.39
N ILE B 132 -73.74 -24.10 -0.92
CA ILE B 132 -74.22 -23.07 -1.82
C ILE B 132 -75.61 -22.62 -1.42
N GLN B 133 -76.52 -23.58 -1.21
CA GLN B 133 -77.92 -23.26 -0.85
C GLN B 133 -77.94 -22.45 0.42
N ASN B 134 -77.25 -22.94 1.43
CA ASN B 134 -77.23 -22.23 2.68
C ASN B 134 -76.65 -20.84 2.53
N THR B 135 -75.56 -20.74 1.77
CA THR B 135 -74.82 -19.49 1.66
C THR B 135 -75.56 -18.44 0.82
N PHE B 136 -76.05 -18.80 -0.36
CA PHE B 136 -76.67 -17.81 -1.24
C PHE B 136 -78.20 -17.80 -1.36
N GLY B 137 -78.84 -18.79 -0.72
CA GLY B 137 -80.30 -18.87 -0.73
C GLY B 137 -80.90 -19.25 -2.06
N ILE B 138 -80.24 -20.11 -2.82
CA ILE B 138 -80.87 -20.59 -4.02
C ILE B 138 -81.33 -22.02 -3.77
N ASN B 139 -81.80 -22.66 -4.83
CA ASN B 139 -82.34 -24.00 -4.66
C ASN B 139 -81.66 -25.04 -5.53
N LEU B 140 -81.43 -24.75 -6.81
CA LEU B 140 -80.75 -25.70 -7.72
C LEU B 140 -81.70 -26.47 -8.68
N THR B 155 -71.15 -9.24 -34.54
CA THR B 155 -69.69 -9.07 -34.56
C THR B 155 -69.23 -7.97 -35.53
N PRO B 156 -68.53 -6.91 -35.04
CA PRO B 156 -67.92 -5.89 -35.92
C PRO B 156 -67.11 -6.47 -37.11
N PRO B 157 -67.10 -5.76 -38.26
CA PRO B 157 -66.35 -6.33 -39.38
C PRO B 157 -64.85 -6.16 -39.14
N SER B 158 -64.05 -6.81 -39.96
CA SER B 158 -62.62 -6.65 -39.82
C SER B 158 -62.08 -5.55 -40.75
N ILE B 159 -61.74 -4.42 -40.14
CA ILE B 159 -61.18 -3.27 -40.86
C ILE B 159 -59.65 -3.42 -40.89
N VAL B 160 -59.04 -3.76 -42.04
CA VAL B 160 -57.54 -3.88 -42.15
C VAL B 160 -56.90 -3.43 -43.49
N ASN B 161 -55.85 -2.57 -43.42
CA ASN B 161 -55.13 -2.06 -44.62
C ASN B 161 -54.59 -3.15 -45.51
N GLU B 162 -54.79 -2.98 -46.81
CA GLU B 162 -54.60 -4.07 -47.75
C GLU B 162 -53.12 -4.33 -48.06
N ASP B 163 -52.31 -3.27 -48.08
CA ASP B 163 -50.87 -3.42 -48.28
C ASP B 163 -50.20 -4.04 -47.04
N PHE B 164 -50.57 -3.55 -45.86
CA PHE B 164 -50.23 -4.24 -44.63
C PHE B 164 -50.49 -5.76 -44.74
N LEU B 165 -51.73 -6.14 -45.00
CA LEU B 165 -52.09 -7.54 -45.20
C LEU B 165 -51.19 -8.13 -46.26
N HIS B 166 -50.99 -7.39 -47.34
CA HIS B 166 -50.09 -7.89 -48.38
C HIS B 166 -48.73 -8.19 -47.79
N GLU B 167 -48.18 -7.24 -47.04
CA GLU B 167 -46.86 -7.43 -46.42
C GLU B 167 -46.84 -8.57 -45.39
N LEU B 168 -47.89 -8.66 -44.60
CA LEU B 168 -48.03 -9.69 -43.61
C LEU B 168 -47.92 -11.08 -44.23
N LYS B 169 -48.72 -11.36 -45.28
CA LYS B 169 -48.65 -12.64 -46.02
C LYS B 169 -47.23 -13.08 -46.31
N LYS B 170 -46.41 -12.14 -46.78
CA LYS B 170 -44.99 -12.39 -47.06
C LYS B 170 -44.20 -12.98 -45.90
N THR B 171 -44.43 -12.49 -44.67
CA THR B 171 -43.69 -12.93 -43.48
C THR B 171 -43.92 -14.40 -43.12
N ASN B 172 -45.03 -14.97 -43.61
CA ASN B 172 -45.38 -16.35 -43.27
C ASN B 172 -45.85 -16.50 -41.83
N ILE B 173 -46.03 -15.38 -41.14
CA ILE B 173 -46.59 -15.41 -39.80
C ILE B 173 -48.10 -15.68 -39.88
N SER B 174 -48.54 -16.76 -39.23
CA SER B 174 -49.93 -17.05 -39.02
C SER B 174 -50.75 -15.87 -38.50
N TYR B 175 -52.01 -15.79 -38.93
CA TYR B 175 -52.92 -14.75 -38.46
C TYR B 175 -54.34 -15.18 -38.74
N SER B 176 -55.30 -14.52 -38.10
CA SER B 176 -56.71 -14.78 -38.43
C SER B 176 -57.56 -13.53 -38.34
N GLN B 177 -58.59 -13.45 -39.17
CA GLN B 177 -59.59 -12.40 -39.02
C GLN B 177 -60.95 -12.94 -38.55
N GLU B 178 -60.98 -14.21 -38.14
CA GLU B 178 -62.23 -14.89 -37.83
C GLU B 178 -62.80 -14.31 -36.55
N ALA B 179 -64.10 -14.05 -36.56
CA ALA B 179 -64.78 -13.46 -35.42
C ALA B 179 -64.51 -14.20 -34.11
N ASP B 180 -64.53 -15.53 -34.11
CA ASP B 180 -64.32 -16.27 -32.85
C ASP B 180 -62.89 -16.21 -32.34
N ASP B 181 -61.91 -16.09 -33.22
CA ASP B 181 -60.53 -15.88 -32.82
C ASP B 181 -60.35 -14.50 -32.12
N ARG B 182 -61.00 -13.47 -32.66
CA ARG B 182 -60.86 -12.11 -32.21
C ARG B 182 -61.62 -11.88 -30.93
N VAL B 183 -62.79 -12.50 -30.83
CA VAL B 183 -63.63 -12.37 -29.66
C VAL B 183 -62.98 -13.05 -28.49
N PHE B 184 -62.40 -14.23 -28.74
CA PHE B 184 -61.79 -14.99 -27.67
C PHE B 184 -60.73 -14.14 -26.95
N ARG B 185 -60.01 -13.31 -27.71
CA ARG B 185 -58.90 -12.56 -27.17
C ARG B 185 -59.30 -11.13 -26.82
N ALA B 186 -60.58 -10.85 -26.64
CA ALA B 186 -61.02 -9.47 -26.39
C ALA B 186 -61.33 -9.27 -24.94
N HIS B 187 -60.86 -10.21 -24.12
CA HIS B 187 -61.18 -10.19 -22.73
C HIS B 187 -60.24 -11.04 -21.91
N GLY B 188 -60.31 -10.87 -20.59
CA GLY B 188 -59.72 -11.76 -19.60
C GLY B 188 -60.84 -12.26 -18.73
N HIS B 189 -60.66 -12.23 -17.42
CA HIS B 189 -61.58 -12.91 -16.53
C HIS B 189 -62.12 -12.11 -15.39
N CYS B 190 -62.36 -10.82 -15.64
CA CYS B 190 -63.23 -10.03 -14.78
C CYS B 190 -64.71 -10.40 -14.96
N LEU B 191 -65.46 -10.24 -13.88
CA LEU B 191 -66.87 -10.56 -13.87
C LEU B 191 -67.59 -9.88 -15.01
N HIS B 192 -67.53 -8.55 -15.04
CA HIS B 192 -68.15 -7.77 -16.12
C HIS B 192 -67.95 -8.36 -17.48
N GLU B 193 -66.70 -8.72 -17.79
CA GLU B 193 -66.32 -9.26 -19.08
C GLU B 193 -67.00 -10.56 -19.40
N ILE B 194 -66.94 -11.48 -18.44
CA ILE B 194 -67.43 -12.85 -18.62
C ILE B 194 -68.95 -12.87 -18.87
N PHE B 195 -69.63 -11.87 -18.31
CA PHE B 195 -71.01 -11.55 -18.63
C PHE B 195 -71.29 -11.20 -20.09
N LEU B 196 -70.54 -10.24 -20.62
CA LEU B 196 -70.72 -9.78 -22.00
C LEU B 196 -70.52 -10.88 -23.05
N LEU B 197 -69.69 -11.87 -22.72
CA LEU B 197 -69.48 -13.00 -23.61
C LEU B 197 -70.79 -13.78 -23.67
N ARG B 198 -71.11 -14.41 -22.54
CA ARG B 198 -72.31 -15.24 -22.43
C ARG B 198 -73.54 -14.60 -23.05
N GLU B 199 -73.95 -13.44 -22.51
CA GLU B 199 -75.26 -12.87 -22.79
C GLU B 199 -75.18 -11.48 -23.42
N GLY B 200 -74.28 -11.29 -24.38
CA GLY B 200 -74.17 -9.99 -25.08
C GLY B 200 -73.04 -9.83 -26.08
N MET B 201 -72.47 -8.63 -26.13
CA MET B 201 -71.36 -8.37 -27.06
C MET B 201 -70.42 -7.22 -26.63
N PHE B 202 -69.15 -7.39 -26.99
CA PHE B 202 -68.10 -6.40 -26.77
C PHE B 202 -68.21 -5.19 -27.71
N GLU B 203 -67.82 -4.02 -27.19
CA GLU B 203 -67.81 -2.77 -27.95
C GLU B 203 -66.75 -2.79 -29.04
N ARG B 204 -65.55 -3.23 -28.66
CA ARG B 204 -64.38 -3.22 -29.51
C ARG B 204 -63.58 -4.51 -29.28
N ILE B 205 -63.23 -5.19 -30.37
CA ILE B 205 -62.44 -6.43 -30.33
C ILE B 205 -61.29 -6.29 -31.30
N PRO B 206 -60.28 -7.16 -31.17
CA PRO B 206 -59.15 -6.95 -32.05
C PRO B 206 -59.60 -7.05 -33.49
N ASP B 207 -58.82 -6.48 -34.40
CA ASP B 207 -59.19 -6.57 -35.80
C ASP B 207 -58.55 -7.78 -36.48
N ILE B 208 -57.45 -8.27 -35.91
CA ILE B 208 -56.67 -9.35 -36.50
C ILE B 208 -55.79 -9.97 -35.43
N VAL B 209 -55.62 -11.29 -35.48
CA VAL B 209 -54.83 -12.00 -34.50
C VAL B 209 -53.59 -12.42 -35.23
N LEU B 210 -52.44 -12.18 -34.61
CA LEU B 210 -51.17 -12.69 -35.14
C LEU B 210 -50.51 -13.67 -34.17
N TRP B 211 -49.92 -14.75 -34.73
CA TRP B 211 -49.17 -15.72 -33.92
C TRP B 211 -47.68 -15.76 -34.16
N PRO B 212 -46.93 -14.77 -33.69
CA PRO B 212 -45.46 -14.89 -33.84
C PRO B 212 -44.90 -16.18 -33.22
N THR B 213 -43.83 -16.75 -33.77
CA THR B 213 -43.22 -17.95 -33.16
C THR B 213 -41.92 -17.69 -32.41
N CYS B 214 -41.32 -16.51 -32.63
CA CYS B 214 -40.04 -16.14 -32.03
C CYS B 214 -39.87 -14.64 -32.01
N HIS B 215 -38.75 -14.24 -31.41
CA HIS B 215 -38.33 -12.86 -31.25
C HIS B 215 -38.33 -12.10 -32.55
N ASP B 216 -37.76 -12.65 -33.58
CA ASP B 216 -37.71 -11.97 -34.86
C ASP B 216 -39.05 -11.73 -35.56
N ASP B 217 -40.00 -12.67 -35.38
CA ASP B 217 -41.38 -12.46 -35.86
C ASP B 217 -42.01 -11.21 -35.25
N VAL B 218 -41.83 -11.06 -33.94
CA VAL B 218 -42.25 -9.90 -33.19
C VAL B 218 -41.61 -8.57 -33.69
N VAL B 219 -40.30 -8.55 -33.94
CA VAL B 219 -39.66 -7.34 -34.46
C VAL B 219 -40.38 -6.91 -35.75
N LYS B 220 -40.59 -7.87 -36.65
CA LYS B 220 -41.32 -7.66 -37.90
C LYS B 220 -42.76 -7.16 -37.70
N ILE B 221 -43.42 -7.60 -36.64
CA ILE B 221 -44.75 -7.11 -36.38
C ILE B 221 -44.69 -5.66 -35.91
N VAL B 222 -43.86 -5.38 -34.90
CA VAL B 222 -43.71 -4.00 -34.38
C VAL B 222 -43.31 -3.00 -35.47
N ASN B 223 -42.39 -3.38 -36.34
CA ASN B 223 -42.05 -2.55 -37.50
C ASN B 223 -43.23 -2.24 -38.42
N LEU B 224 -44.02 -3.25 -38.71
CA LEU B 224 -45.20 -3.11 -39.57
C LEU B 224 -46.19 -2.22 -38.89
N ALA B 225 -46.19 -2.23 -37.57
CA ALA B 225 -47.15 -1.44 -36.82
C ALA B 225 -46.81 0.03 -36.89
N CYS B 226 -45.51 0.34 -37.01
CA CYS B 226 -45.07 1.75 -37.18
C CYS B 226 -45.34 2.17 -38.63
N LYS B 227 -45.01 1.31 -39.56
CA LYS B 227 -45.19 1.63 -40.96
C LYS B 227 -46.67 1.94 -41.29
N TYR B 228 -47.60 1.18 -40.68
CA TYR B 228 -49.04 1.31 -40.99
C TYR B 228 -49.90 1.93 -39.90
N ASN B 229 -49.29 2.45 -38.82
CA ASN B 229 -50.03 3.06 -37.71
C ASN B 229 -51.07 2.11 -37.06
N LEU B 230 -50.62 0.88 -36.78
CA LEU B 230 -51.49 -0.09 -36.10
C LEU B 230 -51.34 0.01 -34.60
N CYS B 231 -52.39 -0.36 -33.87
CA CYS B 231 -52.33 -0.58 -32.41
C CYS B 231 -52.05 -2.09 -32.05
N ILE B 232 -51.31 -2.35 -30.97
CA ILE B 232 -50.93 -3.76 -30.59
C ILE B 232 -51.24 -4.04 -29.15
N ILE B 233 -52.17 -4.97 -28.95
CA ILE B 233 -52.43 -5.43 -27.60
C ILE B 233 -51.87 -6.86 -27.47
N PRO B 234 -50.75 -7.05 -26.73
CA PRO B 234 -50.22 -8.43 -26.54
C PRO B 234 -51.15 -9.33 -25.73
N ILE B 235 -51.16 -10.61 -26.05
CA ILE B 235 -51.88 -11.57 -25.21
C ILE B 235 -51.12 -12.89 -25.07
N GLY B 236 -50.99 -13.38 -23.84
CA GLY B 236 -50.48 -14.73 -23.64
C GLY B 236 -51.65 -15.52 -23.11
N GLY B 237 -51.70 -15.72 -21.81
CA GLY B 237 -52.67 -16.54 -21.17
C GLY B 237 -54.09 -16.13 -21.32
N GLY B 238 -54.32 -14.83 -21.46
CA GLY B 238 -55.69 -14.32 -21.48
C GLY B 238 -56.33 -14.24 -20.10
N THR B 239 -55.54 -14.31 -19.04
CA THR B 239 -56.08 -14.49 -17.70
C THR B 239 -56.13 -13.21 -16.88
N SER B 240 -55.91 -12.07 -17.55
CA SER B 240 -55.90 -10.76 -16.90
C SER B 240 -57.09 -10.57 -16.04
N VAL B 241 -56.92 -10.02 -14.86
CA VAL B 241 -58.11 -9.67 -14.06
C VAL B 241 -58.16 -8.16 -13.75
N SER B 242 -57.76 -7.34 -14.70
CA SER B 242 -57.72 -5.93 -14.47
C SER B 242 -58.20 -5.10 -15.67
N TYR B 243 -58.89 -5.76 -16.61
CA TYR B 243 -59.23 -5.20 -17.91
C TYR B 243 -58.01 -4.84 -18.72
N GLY B 244 -56.91 -5.57 -18.51
CA GLY B 244 -55.68 -5.32 -19.22
C GLY B 244 -55.60 -5.71 -20.68
N LEU B 245 -56.57 -6.53 -21.13
CA LEU B 245 -56.66 -6.96 -22.54
C LEU B 245 -57.79 -6.25 -23.26
N MET B 246 -58.66 -5.58 -22.50
CA MET B 246 -59.79 -4.86 -23.10
C MET B 246 -59.37 -3.77 -24.08
N CYS B 247 -59.86 -3.83 -25.31
CA CYS B 247 -59.58 -2.79 -26.35
C CYS B 247 -60.36 -1.53 -26.11
N PRO B 248 -59.67 -0.40 -26.00
CA PRO B 248 -60.51 0.78 -25.81
C PRO B 248 -61.60 0.96 -26.90
N ALA B 249 -62.80 1.31 -26.46
CA ALA B 249 -63.97 1.63 -27.31
C ALA B 249 -63.69 2.58 -28.42
N ASP B 250 -62.84 3.58 -28.19
CA ASP B 250 -62.62 4.60 -29.20
C ASP B 250 -61.34 4.47 -30.01
N GLU B 251 -60.64 3.34 -29.90
CA GLU B 251 -59.41 3.17 -30.69
C GLU B 251 -59.80 2.83 -32.11
N THR B 252 -59.60 3.79 -33.01
CA THR B 252 -60.09 3.75 -34.38
C THR B 252 -59.08 3.09 -35.33
N ARG B 253 -57.83 2.93 -34.89
CA ARG B 253 -56.86 2.19 -35.67
C ARG B 253 -57.18 0.71 -35.70
N THR B 254 -56.60 0.02 -36.65
CA THR B 254 -56.57 -1.44 -36.63
C THR B 254 -55.84 -1.95 -35.39
N ILE B 255 -56.53 -2.78 -34.62
CA ILE B 255 -55.95 -3.39 -33.41
C ILE B 255 -55.42 -4.79 -33.70
N ILE B 256 -54.13 -4.97 -33.49
CA ILE B 256 -53.58 -6.32 -33.60
C ILE B 256 -53.64 -7.00 -32.24
N SER B 257 -54.19 -8.21 -32.20
CA SER B 257 -54.00 -9.07 -31.03
C SER B 257 -52.77 -9.94 -31.32
N LEU B 258 -51.71 -9.61 -30.60
CA LEU B 258 -50.43 -10.25 -30.78
C LEU B 258 -50.32 -11.34 -29.70
N ASP B 259 -50.61 -12.55 -30.13
CA ASP B 259 -50.78 -13.70 -29.30
C ASP B 259 -49.44 -14.40 -29.17
N THR B 260 -48.98 -14.58 -27.93
CA THR B 260 -47.64 -15.16 -27.72
C THR B 260 -47.58 -16.70 -27.62
N SER B 261 -48.76 -17.32 -27.51
CA SER B 261 -48.89 -18.79 -27.25
C SER B 261 -48.01 -19.72 -28.09
N GLN B 262 -47.73 -19.34 -29.34
CA GLN B 262 -46.84 -20.09 -30.21
C GLN B 262 -45.36 -19.79 -30.07
N MET B 263 -45.01 -18.84 -29.19
CA MET B 263 -43.63 -18.47 -28.88
C MET B 263 -43.37 -19.04 -27.45
N ASN B 264 -43.01 -20.31 -27.39
CA ASN B 264 -43.15 -21.09 -26.18
C ASN B 264 -42.11 -22.16 -25.92
N ARG B 265 -40.93 -22.08 -26.52
CA ARG B 265 -39.92 -23.04 -26.17
C ARG B 265 -38.95 -22.62 -25.03
N ILE B 266 -38.40 -23.64 -24.37
CA ILE B 266 -37.29 -23.47 -23.46
C ILE B 266 -36.10 -23.37 -24.39
N LEU B 267 -35.36 -22.27 -24.30
CA LEU B 267 -34.28 -22.02 -25.23
C LEU B 267 -32.98 -22.74 -24.78
N TRP B 268 -32.64 -22.62 -23.49
CA TRP B 268 -31.54 -23.36 -22.90
C TRP B 268 -31.73 -23.50 -21.42
N VAL B 269 -31.29 -24.64 -20.88
CA VAL B 269 -31.22 -24.86 -19.44
C VAL B 269 -29.76 -24.91 -18.96
N ASP B 270 -29.39 -23.94 -18.17
CA ASP B 270 -28.02 -23.77 -17.72
C ASP B 270 -27.89 -24.39 -16.34
N GLU B 271 -27.33 -25.59 -16.27
CA GLU B 271 -27.18 -26.28 -14.99
C GLU B 271 -26.09 -25.69 -14.06
N ASN B 272 -25.17 -24.93 -14.64
CA ASN B 272 -24.06 -24.38 -13.88
C ASN B 272 -24.58 -23.22 -13.06
N ASN B 273 -25.26 -22.28 -13.73
CA ASN B 273 -25.86 -21.12 -13.05
C ASN B 273 -27.25 -21.30 -12.47
N LEU B 274 -27.94 -22.37 -12.84
CA LEU B 274 -29.31 -22.63 -12.37
C LEU B 274 -30.26 -21.52 -12.90
N THR B 275 -30.27 -21.39 -14.23
CA THR B 275 -31.18 -20.44 -14.92
C THR B 275 -31.64 -21.13 -16.19
N ALA B 276 -32.83 -20.73 -16.66
CA ALA B 276 -33.37 -21.22 -17.90
C ALA B 276 -33.87 -20.02 -18.66
N HIS B 277 -33.36 -19.84 -19.89
CA HIS B 277 -33.79 -18.78 -20.81
C HIS B 277 -34.89 -19.34 -21.64
N VAL B 278 -36.08 -18.78 -21.50
CA VAL B 278 -37.25 -19.28 -22.23
C VAL B 278 -37.90 -18.20 -23.07
N GLU B 279 -38.80 -18.62 -23.93
CA GLU B 279 -39.66 -17.69 -24.66
C GLU B 279 -40.91 -17.30 -23.83
N ALA B 280 -41.46 -16.12 -24.11
CA ALA B 280 -42.37 -15.49 -23.13
C ALA B 280 -43.81 -16.02 -23.13
N GLY B 281 -44.16 -16.77 -24.16
CA GLY B 281 -45.52 -17.28 -24.24
C GLY B 281 -45.63 -18.68 -23.66
N ILE B 282 -44.53 -19.21 -23.10
CA ILE B 282 -44.64 -20.50 -22.39
C ILE B 282 -45.59 -20.41 -21.20
N THR B 283 -46.44 -21.42 -21.02
CA THR B 283 -47.36 -21.44 -19.90
C THR B 283 -46.64 -21.92 -18.66
N GLY B 284 -47.14 -21.52 -17.49
CA GLY B 284 -46.53 -21.98 -16.23
C GLY B 284 -46.48 -23.50 -16.17
N GLN B 285 -47.53 -24.16 -16.63
CA GLN B 285 -47.67 -25.63 -16.52
C GLN B 285 -46.67 -26.35 -17.39
N GLU B 286 -46.57 -25.86 -18.62
CA GLU B 286 -45.67 -26.41 -19.60
C GLU B 286 -44.25 -26.18 -19.18
N LEU B 287 -43.98 -25.02 -18.62
CA LEU B 287 -42.64 -24.70 -18.19
C LEU B 287 -42.18 -25.66 -17.09
N GLU B 288 -43.05 -25.92 -16.10
CA GLU B 288 -42.70 -26.83 -15.00
C GLU B 288 -42.56 -28.25 -15.51
N ARG B 289 -43.52 -28.66 -16.35
CA ARG B 289 -43.54 -30.00 -16.88
C ARG B 289 -42.22 -30.35 -17.54
N GLN B 290 -41.78 -29.52 -18.48
CA GLN B 290 -40.51 -29.72 -19.19
C GLN B 290 -39.29 -29.65 -18.27
N LEU B 291 -39.24 -28.68 -17.35
CA LEU B 291 -38.11 -28.55 -16.43
C LEU B 291 -38.00 -29.76 -15.48
N LYS B 292 -39.16 -30.31 -15.10
CA LYS B 292 -39.22 -31.47 -14.24
C LYS B 292 -38.53 -32.67 -14.91
N GLU B 293 -38.57 -32.72 -16.23
CA GLU B 293 -37.93 -33.82 -16.92
C GLU B 293 -36.41 -33.87 -16.70
N SER B 294 -35.81 -32.72 -16.44
CA SER B 294 -34.38 -32.61 -16.19
C SER B 294 -34.06 -32.49 -14.72
N GLY B 295 -35.08 -32.65 -13.88
CA GLY B 295 -34.88 -32.64 -12.42
C GLY B 295 -34.92 -31.24 -11.83
N TYR B 296 -35.41 -30.26 -12.62
CA TYR B 296 -35.55 -28.91 -12.13
C TYR B 296 -36.98 -28.46 -12.13
N CYS B 297 -37.20 -27.37 -11.43
CA CYS B 297 -38.47 -26.66 -11.47
C CYS B 297 -38.16 -25.15 -11.32
N THR B 298 -39.21 -24.35 -11.50
CA THR B 298 -39.14 -22.92 -11.34
C THR B 298 -39.69 -22.52 -9.95
N GLY B 299 -40.63 -23.34 -9.44
CA GLY B 299 -41.34 -23.09 -8.20
C GLY B 299 -42.40 -21.99 -8.29
N HIS B 300 -42.48 -21.30 -9.45
CA HIS B 300 -43.47 -20.22 -9.65
C HIS B 300 -44.84 -20.76 -10.07
N GLU B 301 -45.80 -20.64 -9.14
CA GLU B 301 -47.13 -21.27 -9.27
C GLU B 301 -48.27 -20.32 -8.91
N PRO B 302 -48.55 -19.33 -9.77
CA PRO B 302 -49.78 -18.56 -9.56
C PRO B 302 -50.96 -19.47 -9.90
N ASP B 303 -52.13 -19.20 -9.31
CA ASP B 303 -53.30 -20.06 -9.54
C ASP B 303 -53.66 -20.17 -11.02
N SER B 304 -53.32 -19.16 -11.84
CA SER B 304 -53.66 -19.27 -13.28
C SER B 304 -52.59 -20.00 -14.17
N LEU B 305 -51.77 -20.82 -13.51
CA LEU B 305 -50.53 -21.34 -14.10
C LEU B 305 -50.76 -22.20 -15.34
N GLU B 306 -51.92 -22.84 -15.38
CA GLU B 306 -52.21 -23.70 -16.51
C GLU B 306 -52.08 -22.92 -17.79
N PHE B 307 -52.52 -21.66 -17.79
CA PHE B 307 -52.63 -20.81 -19.02
C PHE B 307 -51.78 -19.55 -19.00
N SER B 308 -51.53 -18.98 -17.82
CA SER B 308 -50.71 -17.76 -17.73
C SER B 308 -49.22 -18.03 -18.10
N THR B 309 -48.58 -16.97 -18.58
CA THR B 309 -47.31 -17.11 -19.27
C THR B 309 -46.19 -16.29 -18.61
N VAL B 310 -44.95 -16.66 -18.89
CA VAL B 310 -43.80 -15.89 -18.42
C VAL B 310 -43.92 -14.40 -18.76
N GLY B 311 -44.24 -14.06 -20.00
CA GLY B 311 -44.46 -12.66 -20.42
C GLY B 311 -45.59 -11.95 -19.67
N GLY B 312 -46.73 -12.62 -19.51
CA GLY B 312 -47.80 -12.11 -18.67
C GLY B 312 -47.33 -11.76 -17.24
N TRP B 313 -46.62 -12.69 -16.59
CA TRP B 313 -46.15 -12.51 -15.18
C TRP B 313 -45.27 -11.34 -15.01
N ILE B 314 -44.39 -11.11 -15.97
CA ILE B 314 -43.47 -10.01 -15.88
C ILE B 314 -44.23 -8.70 -16.06
N SER B 315 -45.27 -8.78 -16.89
CA SER B 315 -46.06 -7.60 -17.22
C SER B 315 -46.87 -7.16 -16.05
N THR B 316 -47.26 -8.12 -15.22
CA THR B 316 -48.31 -7.88 -14.23
C THR B 316 -47.74 -7.95 -12.84
N ARG B 317 -46.45 -8.21 -12.75
CA ARG B 317 -45.79 -8.46 -11.47
C ARG B 317 -46.49 -9.59 -10.69
N ALA B 318 -46.59 -10.75 -11.34
CA ALA B 318 -47.22 -11.97 -10.78
C ALA B 318 -46.58 -12.46 -9.53
N SER B 319 -47.40 -12.99 -8.63
CA SER B 319 -46.96 -13.59 -7.39
C SER B 319 -47.46 -15.02 -7.37
N GLY B 320 -46.69 -15.94 -6.80
CA GLY B 320 -47.00 -17.36 -6.91
C GLY B 320 -47.11 -17.95 -5.54
N MET B 321 -47.78 -19.08 -5.43
CA MET B 321 -48.14 -19.68 -4.13
C MET B 321 -46.96 -19.98 -3.24
N LYS B 322 -45.86 -20.40 -3.86
CA LYS B 322 -44.67 -20.78 -3.13
C LYS B 322 -43.54 -19.71 -3.20
N LYS B 323 -43.94 -18.43 -3.24
CA LYS B 323 -42.99 -17.31 -3.35
C LYS B 323 -42.05 -17.28 -2.14
N ASN B 324 -42.51 -17.75 -0.97
CA ASN B 324 -41.63 -17.91 0.20
C ASN B 324 -40.33 -18.70 -0.07
N ILE B 325 -40.37 -19.67 -0.98
CA ILE B 325 -39.17 -20.38 -1.29
C ILE B 325 -38.52 -19.87 -2.59
N TYR B 326 -39.33 -19.56 -3.58
CA TYR B 326 -38.84 -19.37 -4.93
C TYR B 326 -38.81 -17.88 -5.28
N GLY B 327 -39.48 -17.08 -4.50
CA GLY B 327 -39.55 -15.64 -4.80
C GLY B 327 -40.69 -15.32 -5.77
N ASN B 328 -40.99 -14.04 -5.86
CA ASN B 328 -42.05 -13.57 -6.76
C ASN B 328 -41.39 -13.36 -8.08
N ILE B 329 -42.13 -12.93 -9.09
CA ILE B 329 -41.52 -12.74 -10.41
C ILE B 329 -40.27 -11.78 -10.40
N GLU B 330 -40.32 -10.66 -9.67
CA GLU B 330 -39.13 -9.72 -9.68
C GLU B 330 -37.87 -10.38 -9.10
N ASP B 331 -38.05 -11.44 -8.29
CA ASP B 331 -36.96 -12.27 -7.79
C ASP B 331 -36.56 -13.32 -8.77
N LEU B 332 -37.50 -13.92 -9.49
CA LEU B 332 -37.17 -15.01 -10.40
C LEU B 332 -36.47 -14.54 -11.69
N VAL B 333 -36.81 -13.36 -12.22
CA VAL B 333 -36.29 -13.01 -13.54
C VAL B 333 -34.89 -12.43 -13.40
N VAL B 334 -33.92 -13.03 -14.07
CA VAL B 334 -32.56 -12.51 -14.01
C VAL B 334 -32.21 -11.71 -15.27
N HIS B 335 -32.96 -11.92 -16.37
CA HIS B 335 -32.66 -11.30 -17.67
C HIS B 335 -33.89 -11.39 -18.55
N MET B 336 -34.03 -10.46 -19.50
CA MET B 336 -35.21 -10.39 -20.39
C MET B 336 -34.91 -9.68 -21.72
N LYS B 337 -35.69 -9.98 -22.75
CA LYS B 337 -35.55 -9.26 -24.01
C LYS B 337 -36.90 -8.66 -24.42
N VAL B 338 -36.90 -7.39 -24.81
CA VAL B 338 -38.14 -6.65 -25.11
C VAL B 338 -38.06 -5.82 -26.39
N VAL B 339 -39.03 -6.04 -27.28
CA VAL B 339 -39.21 -5.27 -28.49
C VAL B 339 -40.20 -4.11 -28.28
N THR B 340 -39.67 -2.87 -28.30
CA THR B 340 -40.46 -1.63 -28.29
C THR B 340 -40.38 -0.95 -29.67
N PRO B 341 -41.29 -0.01 -30.00
CA PRO B 341 -41.13 0.64 -31.31
C PRO B 341 -39.78 1.38 -31.48
N ARG B 342 -39.16 1.73 -30.34
CA ARG B 342 -37.87 2.46 -30.29
C ARG B 342 -36.66 1.55 -30.53
N GLY B 343 -36.83 0.24 -30.33
CA GLY B 343 -35.72 -0.72 -30.40
C GLY B 343 -35.82 -1.84 -29.35
N VAL B 344 -34.72 -2.59 -29.19
CA VAL B 344 -34.69 -3.77 -28.36
C VAL B 344 -33.98 -3.47 -27.06
N ILE B 345 -34.67 -3.71 -25.95
CA ILE B 345 -34.08 -3.62 -24.63
C ILE B 345 -33.54 -5.01 -24.19
N GLU B 346 -32.29 -5.00 -23.78
CA GLU B 346 -31.61 -6.19 -23.34
C GLU B 346 -30.30 -5.77 -22.68
N LYS B 347 -30.12 -6.22 -21.46
CA LYS B 347 -28.84 -6.06 -20.79
C LYS B 347 -27.82 -7.02 -21.46
N SER B 348 -26.54 -6.63 -21.42
CA SER B 348 -25.42 -7.37 -22.07
C SER B 348 -24.89 -8.60 -21.31
N CYS B 349 -25.09 -8.68 -19.99
CA CYS B 349 -24.55 -9.78 -19.16
C CYS B 349 -25.58 -10.40 -18.20
N GLN B 350 -25.31 -11.63 -17.77
CA GLN B 350 -26.21 -12.40 -16.92
C GLN B 350 -25.71 -12.38 -15.46
N GLY B 351 -25.11 -11.26 -15.07
CA GLY B 351 -24.71 -11.05 -13.69
C GLY B 351 -25.90 -11.09 -12.77
N PRO B 352 -25.72 -11.68 -11.56
CA PRO B 352 -26.82 -11.85 -10.60
C PRO B 352 -27.37 -10.56 -10.01
N ARG B 353 -26.48 -9.60 -9.72
CA ARG B 353 -26.90 -8.35 -9.10
C ARG B 353 -25.96 -7.25 -9.54
N MET B 354 -26.54 -6.14 -9.98
CA MET B 354 -25.82 -5.04 -10.60
C MET B 354 -26.08 -3.72 -9.90
N SER B 355 -25.06 -2.87 -9.93
CA SER B 355 -25.27 -1.45 -9.68
C SER B 355 -24.92 -0.62 -10.93
N THR B 356 -25.74 -0.73 -11.99
CA THR B 356 -25.49 0.05 -13.22
C THR B 356 -26.60 1.04 -13.49
N GLY B 357 -26.86 1.90 -12.51
CA GLY B 357 -28.04 2.78 -12.52
C GLY B 357 -29.41 2.22 -12.10
N PRO B 358 -30.48 3.01 -12.28
CA PRO B 358 -31.77 2.46 -11.91
C PRO B 358 -32.06 1.23 -12.79
N ASP B 359 -32.60 0.17 -12.21
CA ASP B 359 -32.72 -1.17 -12.85
C ASP B 359 -33.80 -1.15 -13.88
N ILE B 360 -33.43 -1.04 -15.14
CA ILE B 360 -34.40 -1.01 -16.20
C ILE B 360 -35.30 -2.24 -16.25
N HIS B 361 -34.91 -3.34 -15.58
CA HIS B 361 -35.83 -4.50 -15.50
C HIS B 361 -37.10 -4.11 -14.77
N HIS B 362 -36.98 -3.17 -13.81
CA HIS B 362 -38.15 -2.74 -13.12
C HIS B 362 -38.96 -1.75 -13.89
N PHE B 363 -38.43 -1.30 -15.02
CA PHE B 363 -39.19 -0.41 -15.86
C PHE B 363 -40.19 -1.22 -16.67
N ILE B 364 -39.91 -2.52 -16.85
CA ILE B 364 -40.71 -3.39 -17.68
C ILE B 364 -41.64 -4.27 -16.84
N MET B 365 -41.21 -4.62 -15.62
CA MET B 365 -42.07 -5.36 -14.74
C MET B 365 -43.18 -4.42 -14.24
N GLY B 366 -44.43 -4.80 -14.48
CA GLY B 366 -45.57 -3.94 -14.21
C GLY B 366 -46.04 -3.06 -15.38
N SER B 367 -45.39 -3.21 -16.52
CA SER B 367 -45.68 -2.31 -17.66
C SER B 367 -46.97 -2.70 -18.31
N GLU B 368 -47.48 -3.87 -17.94
CA GLU B 368 -48.79 -4.33 -18.41
C GLU B 368 -49.07 -4.09 -19.92
N GLY B 369 -48.09 -4.41 -20.74
CA GLY B 369 -48.31 -4.47 -22.19
C GLY B 369 -48.36 -3.12 -22.90
N THR B 370 -48.01 -2.06 -22.18
CA THR B 370 -48.04 -0.66 -22.68
C THR B 370 -46.71 -0.14 -23.27
N LEU B 371 -45.63 -0.93 -23.17
CA LEU B 371 -44.34 -0.49 -23.68
C LEU B 371 -43.79 -1.23 -24.88
N GLY B 372 -44.14 -2.50 -25.01
CA GLY B 372 -43.63 -3.33 -26.09
C GLY B 372 -43.90 -4.81 -25.77
N VAL B 373 -43.21 -5.71 -26.46
CA VAL B 373 -43.38 -7.12 -26.20
C VAL B 373 -42.12 -7.75 -25.58
N ILE B 374 -42.28 -8.36 -24.41
CA ILE B 374 -41.24 -9.16 -23.78
C ILE B 374 -41.30 -10.45 -24.54
N THR B 375 -40.22 -10.77 -25.24
CA THR B 375 -40.17 -11.97 -26.08
C THR B 375 -39.42 -13.08 -25.40
N GLU B 376 -38.46 -12.72 -24.52
CA GLU B 376 -37.58 -13.75 -23.90
C GLU B 376 -37.20 -13.42 -22.49
N ALA B 377 -36.86 -14.45 -21.73
CA ALA B 377 -36.60 -14.23 -20.35
C ALA B 377 -35.77 -15.31 -19.76
N THR B 378 -34.98 -14.94 -18.77
CA THR B 378 -34.21 -15.93 -18.06
C THR B 378 -34.67 -15.96 -16.62
N ILE B 379 -34.97 -17.17 -16.16
CA ILE B 379 -35.61 -17.39 -14.87
C ILE B 379 -34.77 -18.36 -14.06
N LYS B 380 -34.48 -17.98 -12.81
CA LYS B 380 -33.89 -18.89 -11.82
C LYS B 380 -34.62 -20.22 -11.77
N ILE B 381 -33.87 -21.31 -11.67
CA ILE B 381 -34.46 -22.64 -11.41
C ILE B 381 -33.85 -23.34 -10.20
N ARG B 382 -34.52 -24.38 -9.72
CA ARG B 382 -34.11 -25.02 -8.48
C ARG B 382 -34.26 -26.48 -8.71
N PRO B 383 -33.41 -27.30 -8.05
CA PRO B 383 -33.62 -28.74 -8.13
C PRO B 383 -34.97 -29.04 -7.50
N THR B 384 -35.76 -29.90 -8.16
CA THR B 384 -37.05 -30.34 -7.63
C THR B 384 -36.99 -30.71 -6.11
N PRO B 385 -37.91 -30.15 -5.27
CA PRO B 385 -37.90 -30.54 -3.87
C PRO B 385 -38.16 -32.06 -3.74
N GLU B 386 -37.60 -32.69 -2.73
CA GLU B 386 -37.61 -34.15 -2.70
C GLU B 386 -38.90 -34.66 -2.08
N TYR B 387 -39.53 -33.81 -1.27
CA TYR B 387 -40.71 -34.18 -0.55
C TYR B 387 -41.66 -32.98 -0.28
N GLN B 388 -42.95 -33.25 -0.38
CA GLN B 388 -44.00 -32.33 0.05
C GLN B 388 -44.75 -32.85 1.24
N LYS B 389 -45.21 -31.97 2.10
CA LYS B 389 -46.14 -32.34 3.12
C LYS B 389 -47.11 -31.20 3.40
N TYR B 390 -48.40 -31.53 3.52
CA TYR B 390 -49.43 -30.55 3.87
C TYR B 390 -49.71 -30.51 5.36
N GLY B 391 -50.52 -29.55 5.79
CA GLY B 391 -50.90 -29.41 7.20
C GLY B 391 -52.01 -28.38 7.41
N SER B 392 -52.46 -28.22 8.65
CA SER B 392 -53.53 -27.27 9.00
C SER B 392 -53.50 -26.95 10.48
N VAL B 393 -53.97 -25.75 10.80
CA VAL B 393 -53.99 -25.29 12.16
C VAL B 393 -55.28 -24.49 12.38
N ALA B 394 -56.05 -24.91 13.37
CA ALA B 394 -57.21 -24.19 13.85
C ALA B 394 -56.78 -23.25 14.97
N PHE B 395 -57.38 -22.06 14.96
CA PHE B 395 -57.11 -20.99 15.92
C PHE B 395 -58.45 -20.60 16.47
N PRO B 396 -58.53 -20.23 17.74
CA PRO B 396 -59.80 -19.82 18.37
C PRO B 396 -60.51 -18.66 17.69
N ASN B 397 -59.80 -17.83 16.96
CA ASN B 397 -60.43 -16.78 16.15
C ASN B 397 -59.44 -16.28 15.07
N PHE B 398 -59.85 -15.31 14.27
CA PHE B 398 -59.04 -14.85 13.14
C PHE B 398 -57.86 -14.05 13.67
N GLU B 399 -58.16 -13.13 14.58
CA GLU B 399 -57.16 -12.31 15.24
C GLU B 399 -55.97 -13.15 15.72
N GLN B 400 -56.22 -14.32 16.31
CA GLN B 400 -55.13 -15.16 16.82
C GLN B 400 -54.34 -15.81 15.69
N GLY B 401 -55.04 -16.22 14.65
CA GLY B 401 -54.35 -16.71 13.44
C GLY B 401 -53.40 -15.67 12.85
N VAL B 402 -53.87 -14.44 12.74
CA VAL B 402 -53.11 -13.36 12.23
C VAL B 402 -51.86 -13.22 13.08
N ALA B 403 -52.02 -13.22 14.39
CA ALA B 403 -50.87 -12.98 15.28
C ALA B 403 -49.81 -14.06 15.10
N CYS B 404 -50.28 -15.25 14.74
CA CYS B 404 -49.45 -16.40 14.58
C CYS B 404 -48.70 -16.30 13.26
N LEU B 405 -49.39 -15.99 12.17
CA LEU B 405 -48.68 -15.69 10.91
C LEU B 405 -47.61 -14.54 11.12
N ARG B 406 -47.97 -13.51 11.85
CA ARG B 406 -47.09 -12.41 12.08
C ARG B 406 -45.80 -12.90 12.80
N GLU B 407 -45.95 -13.78 13.80
CA GLU B 407 -44.79 -14.27 14.54
C GLU B 407 -43.97 -15.20 13.68
N ILE B 408 -44.64 -16.03 12.90
CA ILE B 408 -43.96 -16.86 11.93
C ILE B 408 -43.14 -16.03 10.95
N ALA B 409 -43.68 -14.89 10.52
CA ALA B 409 -42.93 -13.96 9.66
C ALA B 409 -41.79 -13.30 10.45
N LYS B 410 -42.04 -13.02 11.72
CA LYS B 410 -41.03 -12.45 12.58
C LYS B 410 -39.84 -13.42 12.76
N GLN B 411 -40.11 -14.71 12.81
CA GLN B 411 -39.03 -15.68 12.92
C GLN B 411 -38.52 -16.15 11.56
N ARG B 412 -38.87 -15.39 10.52
CA ARG B 412 -38.46 -15.73 9.17
C ARG B 412 -38.54 -17.23 8.91
N CYS B 413 -39.56 -17.93 9.44
CA CYS B 413 -39.66 -19.36 9.21
C CYS B 413 -40.94 -19.84 8.51
N ALA B 414 -41.43 -19.03 7.58
CA ALA B 414 -42.60 -19.40 6.82
C ALA B 414 -42.38 -20.66 5.97
N PRO B 415 -43.35 -21.56 5.95
CA PRO B 415 -43.23 -22.70 5.05
C PRO B 415 -43.40 -22.29 3.58
N ALA B 416 -43.26 -23.23 2.65
CA ALA B 416 -43.46 -22.96 1.23
C ALA B 416 -44.66 -22.07 1.08
N SER B 417 -45.71 -22.45 1.78
CA SER B 417 -46.97 -21.73 1.76
C SER B 417 -47.68 -21.81 3.10
N ILE B 418 -48.38 -20.74 3.44
CA ILE B 418 -49.20 -20.69 4.64
C ILE B 418 -50.28 -19.64 4.40
N ARG B 419 -51.52 -20.08 4.45
CA ARG B 419 -52.66 -19.24 4.11
C ARG B 419 -53.65 -19.33 5.27
N LEU B 420 -54.15 -18.19 5.73
CA LEU B 420 -55.09 -18.18 6.84
C LEU B 420 -56.49 -17.83 6.38
N MET B 421 -57.45 -18.72 6.65
CA MET B 421 -58.83 -18.50 6.28
C MET B 421 -59.64 -17.98 7.46
N ASP B 422 -60.48 -16.97 7.22
CA ASP B 422 -61.51 -16.56 8.18
C ASP B 422 -62.56 -17.65 8.34
N ASN B 423 -63.41 -17.48 9.34
CA ASN B 423 -64.39 -18.52 9.63
C ASN B 423 -65.24 -18.96 8.43
N GLN B 424 -65.83 -18.02 7.72
CA GLN B 424 -66.70 -18.31 6.56
C GLN B 424 -65.97 -19.14 5.49
N GLN B 425 -64.69 -18.87 5.26
CA GLN B 425 -63.91 -19.63 4.30
C GLN B 425 -63.50 -21.03 4.80
N PHE B 426 -63.36 -21.17 6.10
CA PHE B 426 -63.22 -22.51 6.66
C PHE B 426 -64.51 -23.33 6.41
N GLN B 427 -65.67 -22.74 6.67
CA GLN B 427 -66.95 -23.39 6.37
C GLN B 427 -66.92 -23.90 4.95
N PHE B 428 -66.57 -22.99 4.03
CA PHE B 428 -66.43 -23.29 2.60
C PHE B 428 -65.40 -24.38 2.41
N GLY B 429 -64.30 -24.27 3.15
CA GLY B 429 -63.28 -25.31 3.19
C GLY B 429 -63.91 -26.61 3.60
N HIS B 430 -64.33 -26.69 4.86
CA HIS B 430 -64.99 -27.85 5.47
C HIS B 430 -66.07 -28.50 4.62
N ALA B 431 -66.93 -27.69 4.00
CA ALA B 431 -68.05 -28.18 3.20
C ALA B 431 -67.63 -28.74 1.83
N LEU B 432 -66.34 -28.99 1.65
CA LEU B 432 -65.86 -29.54 0.39
C LEU B 432 -65.04 -30.85 0.47
N LYS B 433 -64.87 -31.42 1.67
CA LYS B 433 -64.29 -32.76 1.84
C LYS B 433 -65.10 -33.85 1.10
N PRO B 434 -64.43 -34.94 0.63
CA PRO B 434 -65.17 -36.11 0.14
C PRO B 434 -65.70 -37.01 1.28
N GLN B 435 -64.85 -37.29 2.27
CA GLN B 435 -65.28 -38.08 3.43
C GLN B 435 -64.64 -37.53 4.71
N GLY B 457 -63.22 -28.56 20.33
CA GLY B 457 -62.79 -27.82 21.51
C GLY B 457 -63.07 -26.32 21.50
N PHE B 458 -63.07 -25.69 20.31
CA PHE B 458 -63.28 -24.22 20.09
C PHE B 458 -64.70 -23.86 19.59
N ASP B 459 -65.02 -22.55 19.48
CA ASP B 459 -66.32 -22.07 18.91
C ASP B 459 -66.37 -21.97 17.38
N PRO B 460 -67.05 -22.95 16.72
CA PRO B 460 -67.04 -23.06 15.24
C PRO B 460 -67.63 -21.87 14.47
N ASN B 461 -67.84 -20.73 15.14
CA ASN B 461 -68.37 -19.53 14.48
C ASN B 461 -67.41 -18.36 14.33
N GLN B 462 -66.41 -18.22 15.19
CA GLN B 462 -65.29 -17.27 14.86
C GLN B 462 -63.95 -17.98 14.61
N LEU B 463 -63.95 -19.31 14.62
CA LEU B 463 -62.75 -20.13 14.53
C LEU B 463 -62.15 -20.04 13.13
N SER B 464 -60.83 -19.98 13.06
CA SER B 464 -60.12 -19.78 11.79
C SER B 464 -59.06 -20.84 11.58
N VAL B 465 -58.81 -21.14 10.31
CA VAL B 465 -57.92 -22.21 9.94
C VAL B 465 -56.85 -21.74 8.96
N ALA B 466 -55.61 -22.11 9.25
CA ALA B 466 -54.50 -21.90 8.32
C ALA B 466 -54.30 -23.20 7.57
N THR B 467 -53.92 -23.13 6.29
CA THR B 467 -53.34 -24.29 5.59
C THR B 467 -51.84 -24.10 5.36
N LEU B 468 -51.10 -25.20 5.40
CA LEU B 468 -49.64 -25.20 5.28
C LEU B 468 -49.17 -26.17 4.22
N LEU B 469 -48.12 -25.77 3.50
CA LEU B 469 -47.42 -26.64 2.57
C LEU B 469 -45.95 -26.48 2.83
N PHE B 470 -45.29 -27.61 3.08
CA PHE B 470 -43.84 -27.69 3.27
C PHE B 470 -43.28 -28.45 2.08
N GLU B 471 -42.15 -27.98 1.58
CA GLU B 471 -41.38 -28.74 0.59
C GLU B 471 -39.92 -28.56 0.79
N GLY B 472 -39.15 -29.59 0.41
CA GLY B 472 -37.73 -29.58 0.65
C GLY B 472 -37.26 -30.97 0.94
N ASP B 473 -36.15 -31.06 1.67
CA ASP B 473 -35.64 -32.35 2.12
C ASP B 473 -36.49 -32.85 3.26
N ARG B 474 -36.86 -34.13 3.13
CA ARG B 474 -37.75 -34.81 4.07
C ARG B 474 -37.45 -34.51 5.52
N GLU B 475 -36.23 -34.83 5.94
CA GLU B 475 -35.75 -34.53 7.29
C GLU B 475 -35.91 -33.05 7.66
N LYS B 476 -35.57 -32.13 6.75
CA LYS B 476 -35.70 -30.69 7.02
C LYS B 476 -37.18 -30.29 7.23
N VAL B 477 -38.04 -30.78 6.34
CA VAL B 477 -39.46 -30.53 6.46
C VAL B 477 -39.97 -30.86 7.89
N LEU B 478 -39.63 -32.04 8.43
CA LEU B 478 -40.15 -32.44 9.74
C LEU B 478 -39.57 -31.60 10.89
N GLN B 479 -38.33 -31.20 10.79
CA GLN B 479 -37.83 -30.31 11.79
C GLN B 479 -38.61 -28.96 11.72
N HIS B 480 -38.97 -28.55 10.49
CA HIS B 480 -39.69 -27.30 10.21
C HIS B 480 -41.12 -27.39 10.61
N GLU B 481 -41.76 -28.50 10.27
CA GLU B 481 -43.17 -28.68 10.58
C GLU B 481 -43.44 -28.64 12.07
N LYS B 482 -42.58 -29.32 12.83
CA LYS B 482 -42.61 -29.24 14.29
C LYS B 482 -42.46 -27.78 14.74
N GLN B 483 -41.52 -27.04 14.14
CA GLN B 483 -41.21 -25.67 14.56
C GLN B 483 -42.45 -24.79 14.51
N VAL B 484 -43.30 -25.10 13.52
CA VAL B 484 -44.46 -24.27 13.19
C VAL B 484 -45.60 -24.53 14.15
N TYR B 485 -45.98 -25.81 14.28
CA TYR B 485 -47.00 -26.17 15.26
C TYR B 485 -46.61 -25.69 16.65
N ASP B 486 -45.31 -25.72 17.00
CA ASP B 486 -44.90 -25.16 18.31
C ASP B 486 -45.32 -23.71 18.47
N ILE B 487 -44.81 -22.83 17.59
CA ILE B 487 -45.27 -21.41 17.52
C ILE B 487 -46.80 -21.25 17.49
N ALA B 488 -47.47 -22.06 16.67
CA ALA B 488 -48.93 -21.99 16.56
C ALA B 488 -49.58 -22.15 17.95
N ALA B 489 -48.96 -23.01 18.79
CA ALA B 489 -49.49 -23.35 20.11
C ALA B 489 -49.58 -22.13 21.03
N LYS B 490 -48.62 -21.23 20.91
CA LYS B 490 -48.62 -19.97 21.67
C LYS B 490 -49.89 -19.14 21.47
N PHE B 491 -50.58 -19.36 20.35
CA PHE B 491 -51.69 -18.53 19.93
C PHE B 491 -53.04 -19.28 19.98
N GLY B 492 -53.02 -20.45 20.65
CA GLY B 492 -54.19 -21.29 20.81
C GLY B 492 -54.36 -22.15 19.59
N GLY B 493 -53.37 -22.14 18.71
CA GLY B 493 -53.43 -22.90 17.49
C GLY B 493 -53.64 -24.34 17.83
N ALA B 495 -53.20 -28.14 15.66
CA ALA B 495 -53.02 -28.93 14.48
C ALA B 495 -54.34 -29.59 14.13
N ALA B 496 -54.67 -29.65 12.85
CA ALA B 496 -56.02 -30.00 12.46
C ALA B 496 -56.03 -30.98 11.32
N GLY B 497 -54.87 -31.46 10.91
CA GLY B 497 -54.79 -32.55 9.97
C GLY B 497 -54.07 -32.27 8.68
N GLU B 498 -53.45 -33.32 8.14
CA GLU B 498 -52.72 -33.25 6.91
C GLU B 498 -53.72 -33.29 5.78
N ASP B 499 -54.68 -34.22 5.90
CA ASP B 499 -55.72 -34.36 4.90
C ASP B 499 -56.53 -33.08 4.68
N ASN B 500 -56.82 -32.35 5.74
CA ASN B 500 -57.49 -31.07 5.57
C ASN B 500 -56.74 -30.12 4.66
N GLY B 501 -55.48 -29.84 5.02
CA GLY B 501 -54.54 -29.09 4.19
C GLY B 501 -54.45 -29.57 2.75
N GLN B 502 -54.26 -30.86 2.54
CA GLN B 502 -54.19 -31.38 1.18
C GLN B 502 -55.43 -31.04 0.36
N ARG B 503 -56.62 -31.16 0.96
CA ARG B 503 -57.86 -30.68 0.32
C ARG B 503 -57.87 -29.15 0.07
N GLY B 504 -57.23 -28.36 0.94
CA GLY B 504 -57.12 -26.91 0.70
C GLY B 504 -56.28 -26.56 -0.53
N TYR B 505 -55.32 -27.43 -0.88
CA TYR B 505 -54.47 -27.14 -2.03
C TYR B 505 -54.89 -27.82 -3.32
N LEU B 506 -55.50 -28.99 -3.23
CA LEU B 506 -56.10 -29.59 -4.42
C LEU B 506 -57.21 -28.69 -4.99
N LEU B 507 -57.83 -27.92 -4.10
CA LEU B 507 -58.98 -27.07 -4.40
C LEU B 507 -58.66 -25.79 -5.17
N THR B 508 -57.43 -25.32 -5.08
CA THR B 508 -57.09 -23.99 -5.58
C THR B 508 -57.31 -23.81 -7.09
N TYR B 509 -57.12 -24.89 -7.84
CA TYR B 509 -57.22 -24.87 -9.31
C TYR B 509 -58.65 -25.14 -9.76
N VAL B 510 -59.55 -25.38 -8.81
CA VAL B 510 -60.94 -25.60 -9.18
C VAL B 510 -61.89 -24.45 -8.83
N ILE B 511 -61.50 -23.60 -7.87
CA ILE B 511 -62.23 -22.42 -7.43
C ILE B 511 -62.68 -21.53 -8.57
N ALA B 512 -61.98 -21.62 -9.70
CA ALA B 512 -62.18 -20.68 -10.79
C ALA B 512 -63.39 -21.17 -11.57
N TYR B 513 -63.59 -22.49 -11.55
CA TYR B 513 -64.60 -23.15 -12.34
C TYR B 513 -65.93 -22.98 -11.63
N MET B 514 -65.85 -22.63 -10.35
CA MET B 514 -67.04 -22.45 -9.51
C MET B 514 -67.76 -21.16 -9.82
N ARG B 515 -67.02 -20.20 -10.35
CA ARG B 515 -67.56 -18.86 -10.54
C ARG B 515 -68.59 -18.91 -11.66
N ASP B 516 -68.39 -19.85 -12.59
CA ASP B 516 -69.35 -20.18 -13.68
C ASP B 516 -70.58 -20.90 -13.16
N LEU B 517 -70.36 -21.96 -12.39
CA LEU B 517 -71.44 -22.63 -11.70
C LEU B 517 -72.42 -21.60 -11.09
N GLY B 518 -71.90 -20.70 -10.26
CA GLY B 518 -72.65 -19.58 -9.70
C GLY B 518 -73.48 -18.72 -10.66
N LEU B 519 -73.04 -18.61 -11.91
CA LEU B 519 -73.78 -17.79 -12.90
C LEU B 519 -75.00 -18.51 -13.43
N GLU B 520 -75.01 -19.84 -13.39
CA GLU B 520 -76.22 -20.63 -13.81
C GLU B 520 -77.40 -20.44 -12.84
N TYR B 521 -77.07 -20.01 -11.61
CA TYR B 521 -78.04 -19.80 -10.54
C TYR B 521 -77.98 -18.38 -9.95
N TYR B 522 -77.64 -17.41 -10.78
CA TYR B 522 -77.78 -16.00 -10.44
C TYR B 522 -76.94 -15.57 -9.23
N ILE B 523 -75.80 -16.23 -9.05
CA ILE B 523 -74.87 -15.81 -8.02
C ILE B 523 -73.68 -15.15 -8.69
N ILE B 524 -73.41 -13.89 -8.37
CA ILE B 524 -72.20 -13.27 -8.92
C ILE B 524 -71.09 -13.10 -7.87
N GLY B 525 -69.86 -13.38 -8.27
CA GLY B 525 -68.78 -13.33 -7.33
C GLY B 525 -67.51 -12.91 -8.02
N GLU B 526 -66.63 -12.30 -7.23
CA GLU B 526 -65.30 -11.93 -7.66
C GLU B 526 -64.39 -11.89 -6.44
N SER B 527 -63.11 -12.23 -6.61
CA SER B 527 -62.12 -11.99 -5.54
C SER B 527 -61.27 -10.77 -5.86
N PHE B 528 -60.68 -10.16 -4.83
CA PHE B 528 -59.78 -8.99 -5.02
C PHE B 528 -58.87 -8.80 -3.82
N GLU B 529 -57.72 -8.18 -4.04
CA GLU B 529 -56.70 -8.29 -3.02
C GLU B 529 -55.96 -7.00 -2.75
N THR B 530 -55.23 -6.97 -1.64
CA THR B 530 -54.33 -5.86 -1.30
C THR B 530 -53.12 -6.39 -0.53
N SER B 531 -52.16 -5.53 -0.32
CA SER B 531 -51.10 -5.80 0.60
C SER B 531 -51.08 -4.64 1.58
N ALA B 532 -50.74 -4.91 2.82
CA ALA B 532 -50.86 -3.94 3.87
C ALA B 532 -49.88 -4.32 4.97
N PRO B 533 -49.52 -3.34 5.83
CA PRO B 533 -48.60 -3.62 6.92
C PRO B 533 -49.28 -4.54 7.95
N TRP B 534 -48.51 -5.31 8.70
CA TRP B 534 -49.00 -6.09 9.77
C TRP B 534 -49.92 -5.31 10.71
N ASP B 535 -49.50 -4.13 11.21
CA ASP B 535 -50.42 -3.42 12.15
C ASP B 535 -51.76 -2.93 11.54
N ARG B 536 -51.99 -3.14 10.24
CA ARG B 536 -53.28 -2.80 9.61
C ARG B 536 -54.23 -3.96 9.27
N VAL B 537 -53.69 -5.18 9.24
CA VAL B 537 -54.35 -6.37 8.71
C VAL B 537 -55.73 -6.62 9.31
N VAL B 538 -55.79 -6.71 10.65
CA VAL B 538 -57.00 -7.13 11.35
C VAL B 538 -58.10 -6.11 11.12
N ASP B 539 -57.80 -4.85 11.46
CA ASP B 539 -58.69 -3.70 11.24
C ASP B 539 -59.20 -3.60 9.78
N LEU B 540 -58.27 -3.64 8.83
CA LEU B 540 -58.62 -3.61 7.41
C LEU B 540 -59.55 -4.76 7.00
N CYS B 541 -59.23 -5.99 7.40
CA CYS B 541 -60.09 -7.17 7.12
C CYS B 541 -61.50 -6.99 7.63
N ARG B 542 -61.64 -6.65 8.91
CA ARG B 542 -62.96 -6.41 9.48
C ARG B 542 -63.69 -5.30 8.75
N ASN B 543 -63.02 -4.15 8.61
CA ASN B 543 -63.62 -3.01 7.94
C ASN B 543 -64.12 -3.24 6.55
N VAL B 544 -63.38 -4.00 5.78
CA VAL B 544 -63.70 -4.19 4.37
C VAL B 544 -64.80 -5.22 4.21
N LYS B 545 -64.78 -6.24 5.06
CA LYS B 545 -65.85 -7.20 5.11
C LYS B 545 -67.17 -6.47 5.45
N GLU B 546 -67.10 -5.56 6.42
CA GLU B 546 -68.27 -4.76 6.78
C GLU B 546 -68.60 -3.75 5.70
N ARG B 547 -67.59 -3.29 4.96
CA ARG B 547 -67.90 -2.31 3.93
C ARG B 547 -68.78 -2.94 2.89
N ILE B 548 -68.40 -4.13 2.44
CA ILE B 548 -69.12 -4.89 1.43
C ILE B 548 -70.55 -5.15 1.88
N ARG B 549 -70.72 -5.57 3.12
CA ARG B 549 -72.05 -5.93 3.63
C ARG B 549 -73.01 -4.74 3.61
N ARG B 550 -72.60 -3.65 4.25
CA ARG B 550 -73.35 -2.40 4.28
C ARG B 550 -73.71 -1.93 2.87
N GLU B 551 -72.73 -1.92 1.99
CA GLU B 551 -72.94 -1.43 0.66
C GLU B 551 -73.92 -2.30 -0.13
N CYS B 552 -73.97 -3.61 0.15
CA CYS B 552 -74.97 -4.49 -0.49
C CYS B 552 -76.39 -4.22 0.04
N LYS B 553 -76.53 -4.13 1.36
CA LYS B 553 -77.77 -3.65 1.95
C LYS B 553 -78.24 -2.37 1.24
N GLU B 554 -77.46 -1.29 1.35
CA GLU B 554 -77.88 0.02 0.82
C GLU B 554 -78.33 -0.01 -0.66
N LYS B 555 -77.86 -1.02 -1.40
CA LYS B 555 -78.17 -1.12 -2.83
C LYS B 555 -79.25 -2.20 -3.15
N GLY B 556 -79.90 -2.71 -2.10
CA GLY B 556 -81.03 -3.60 -2.29
C GLY B 556 -80.70 -4.99 -2.78
N VAL B 557 -79.66 -5.60 -2.20
CA VAL B 557 -79.36 -7.00 -2.42
C VAL B 557 -80.23 -7.85 -1.47
N GLN B 558 -80.97 -8.82 -2.02
CA GLN B 558 -81.97 -9.58 -1.23
C GLN B 558 -81.41 -10.33 -0.01
N PHE B 559 -80.52 -11.30 -0.23
CA PHE B 559 -79.87 -12.03 0.88
C PHE B 559 -78.44 -11.50 1.10
N PRO B 560 -77.97 -11.41 2.36
CA PRO B 560 -76.67 -10.74 2.58
C PRO B 560 -75.55 -11.45 1.81
N PRO B 561 -74.50 -10.70 1.39
CA PRO B 561 -73.48 -11.30 0.54
C PRO B 561 -72.57 -12.28 1.27
N LEU B 562 -71.99 -13.24 0.54
CA LEU B 562 -70.79 -13.93 1.05
C LEU B 562 -69.64 -12.89 0.98
N SER B 563 -69.14 -12.53 2.16
CA SER B 563 -68.06 -11.56 2.30
C SER B 563 -66.99 -12.21 3.19
N THR B 564 -65.87 -12.56 2.59
CA THR B 564 -64.95 -13.50 3.18
C THR B 564 -63.53 -13.02 2.91
N CYS B 565 -62.60 -13.42 3.75
CA CYS B 565 -61.21 -13.09 3.52
C CYS B 565 -60.22 -14.14 3.99
N ARG B 566 -59.07 -14.16 3.34
CA ARG B 566 -57.94 -14.95 3.81
C ARG B 566 -56.62 -14.18 3.66
N VAL B 567 -55.68 -14.41 4.59
CA VAL B 567 -54.32 -13.93 4.44
C VAL B 567 -53.52 -14.92 3.68
N THR B 568 -53.02 -14.48 2.55
CA THR B 568 -52.46 -15.41 1.59
C THR B 568 -50.92 -15.34 1.40
N GLN B 569 -50.25 -14.27 1.85
CA GLN B 569 -48.80 -14.23 1.80
C GLN B 569 -48.33 -13.40 2.98
N THR B 570 -47.17 -13.79 3.51
CA THR B 570 -46.56 -13.12 4.62
C THR B 570 -45.27 -12.52 4.09
N TYR B 571 -44.77 -11.49 4.76
CA TYR B 571 -43.58 -10.77 4.36
C TYR B 571 -43.04 -10.19 5.62
N ASP B 572 -41.77 -9.80 5.56
CA ASP B 572 -41.20 -9.06 6.64
C ASP B 572 -42.14 -7.94 7.09
N ALA B 573 -42.57 -7.10 6.17
CA ALA B 573 -43.23 -5.83 6.55
C ALA B 573 -44.74 -5.79 6.43
N GLY B 574 -45.38 -6.91 6.07
CA GLY B 574 -46.84 -7.00 5.98
C GLY B 574 -47.40 -8.27 5.33
N ALA B 575 -48.64 -8.21 4.89
CA ALA B 575 -49.30 -9.39 4.36
C ALA B 575 -50.06 -9.07 3.10
N CYS B 576 -50.34 -10.11 2.31
CA CYS B 576 -51.35 -10.08 1.23
C CYS B 576 -52.66 -10.66 1.74
N ILE B 577 -53.70 -9.84 1.66
CA ILE B 577 -55.05 -10.19 2.01
C ILE B 577 -55.86 -10.38 0.72
N TYR B 578 -56.56 -11.50 0.64
CA TYR B 578 -57.48 -11.77 -0.48
C TYR B 578 -58.93 -11.66 0.00
N PHE B 579 -59.74 -10.90 -0.70
CA PHE B 579 -61.18 -10.89 -0.42
C PHE B 579 -61.89 -11.77 -1.45
N TYR B 580 -62.93 -12.49 -1.00
CA TYR B 580 -63.95 -13.03 -1.88
C TYR B 580 -65.36 -12.51 -1.56
N PHE B 581 -66.00 -11.96 -2.59
CA PHE B 581 -67.28 -11.25 -2.52
C PHE B 581 -68.27 -11.82 -3.55
N ALA B 582 -69.46 -12.19 -3.09
CA ALA B 582 -70.53 -12.74 -3.97
C ALA B 582 -71.96 -12.59 -3.42
N PHE B 583 -72.92 -12.43 -4.33
CA PHE B 583 -74.32 -12.53 -3.93
C PHE B 583 -75.19 -13.20 -4.98
N ASN B 584 -76.33 -13.68 -4.51
CA ASN B 584 -77.47 -13.98 -5.37
C ASN B 584 -78.11 -12.65 -5.79
N TYR B 585 -78.27 -12.45 -7.08
CA TYR B 585 -78.77 -11.17 -7.62
C TYR B 585 -80.21 -11.16 -8.20
N ARG B 586 -80.94 -12.27 -8.14
CA ARG B 586 -82.30 -12.31 -8.67
C ARG B 586 -83.18 -11.22 -8.01
N GLY B 587 -83.97 -10.52 -8.82
CA GLY B 587 -84.78 -9.41 -8.34
C GLY B 587 -84.00 -8.14 -8.03
N ILE B 588 -82.78 -8.07 -8.55
CA ILE B 588 -82.07 -6.81 -8.68
C ILE B 588 -82.06 -6.62 -10.18
N SER B 589 -82.42 -5.40 -10.60
CA SER B 589 -82.54 -5.06 -12.01
C SER B 589 -81.20 -4.89 -12.75
N ASP B 590 -80.26 -4.12 -12.18
CA ASP B 590 -78.89 -3.98 -12.78
C ASP B 590 -77.80 -4.53 -11.84
N PRO B 591 -77.73 -5.87 -11.70
CA PRO B 591 -76.81 -6.50 -10.76
C PRO B 591 -75.32 -6.28 -11.12
N LEU B 592 -75.01 -6.11 -12.40
CA LEU B 592 -73.66 -5.69 -12.82
C LEU B 592 -73.18 -4.35 -12.25
N ALA B 593 -74.07 -3.35 -12.22
CA ALA B 593 -73.76 -2.02 -11.64
C ALA B 593 -73.54 -2.13 -10.14
N VAL B 594 -74.50 -2.78 -9.47
CA VAL B 594 -74.44 -2.97 -8.04
C VAL B 594 -73.12 -3.66 -7.68
N PHE B 595 -72.78 -4.68 -8.45
CA PHE B 595 -71.53 -5.36 -8.22
C PHE B 595 -70.31 -4.44 -8.39
N GLU B 596 -70.25 -3.68 -9.49
CA GLU B 596 -69.10 -2.80 -9.79
C GLU B 596 -68.96 -1.70 -8.71
N GLN B 597 -70.09 -1.12 -8.33
CA GLN B 597 -70.10 -0.07 -7.33
C GLN B 597 -69.60 -0.59 -5.98
N THR B 598 -69.90 -1.85 -5.74
CA THR B 598 -69.64 -2.42 -4.44
C THR B 598 -68.19 -2.75 -4.31
N GLU B 599 -67.67 -3.42 -5.33
CA GLU B 599 -66.23 -3.62 -5.48
C GLU B 599 -65.46 -2.28 -5.46
N ALA B 600 -65.91 -1.27 -6.21
CA ALA B 600 -65.23 0.07 -6.15
C ALA B 600 -65.20 0.59 -4.74
N ALA B 601 -66.31 0.49 -4.02
CA ALA B 601 -66.33 1.00 -2.64
C ALA B 601 -65.39 0.19 -1.76
N ALA B 602 -65.38 -1.14 -1.96
CA ALA B 602 -64.48 -2.03 -1.22
C ALA B 602 -63.05 -1.56 -1.34
N ARG B 603 -62.67 -1.13 -2.54
CA ARG B 603 -61.31 -0.61 -2.81
C ARG B 603 -61.02 0.71 -2.06
N GLU B 604 -61.99 1.63 -2.02
CA GLU B 604 -61.86 2.81 -1.14
C GLU B 604 -61.56 2.41 0.29
N GLU B 605 -62.25 1.37 0.77
CA GLU B 605 -62.12 0.98 2.18
C GLU B 605 -60.74 0.38 2.45
N ILE B 606 -60.30 -0.49 1.54
CA ILE B 606 -58.90 -0.95 1.56
C ILE B 606 -57.87 0.22 1.70
N LEU B 607 -57.96 1.22 0.82
CA LEU B 607 -56.97 2.32 0.79
C LEU B 607 -57.05 3.19 2.05
N ALA B 608 -58.28 3.47 2.47
CA ALA B 608 -58.55 4.20 3.70
C ALA B 608 -58.02 3.46 4.92
N ASN B 609 -57.84 2.14 4.85
CA ASN B 609 -57.22 1.34 5.92
C ASN B 609 -55.77 0.96 5.60
N GLY B 610 -55.15 1.73 4.70
CA GLY B 610 -53.70 1.65 4.51
C GLY B 610 -53.26 0.45 3.68
N GLY B 611 -54.20 -0.17 2.97
CA GLY B 611 -53.86 -1.23 2.05
C GLY B 611 -53.44 -0.62 0.74
N SER B 612 -52.57 -1.33 0.07
CA SER B 612 -52.13 -0.89 -1.23
C SER B 612 -53.23 -1.12 -2.33
N LEU B 613 -53.02 -0.54 -3.50
CA LEU B 613 -53.90 -0.60 -4.63
C LEU B 613 -53.96 -2.00 -5.23
N SER B 614 -52.83 -2.70 -5.27
CA SER B 614 -52.85 -4.11 -5.68
C SER B 614 -51.66 -4.94 -5.19
N HIS B 615 -51.87 -6.23 -4.90
CA HIS B 615 -50.74 -7.04 -4.54
C HIS B 615 -50.09 -7.65 -5.75
N HIS B 616 -50.92 -8.25 -6.60
CA HIS B 616 -50.44 -8.89 -7.80
C HIS B 616 -51.46 -8.79 -8.96
N HIS B 617 -52.69 -8.36 -8.72
CA HIS B 617 -53.64 -8.16 -9.85
C HIS B 617 -53.12 -7.16 -10.83
N GLY B 618 -52.48 -6.11 -10.34
CA GLY B 618 -52.04 -5.05 -11.19
C GLY B 618 -53.19 -4.09 -11.39
N VAL B 619 -53.10 -3.28 -12.40
CA VAL B 619 -54.01 -2.15 -12.50
C VAL B 619 -54.91 -2.20 -13.74
N GLY B 620 -54.31 -2.46 -14.90
CA GLY B 620 -55.02 -2.58 -16.15
C GLY B 620 -55.78 -1.28 -16.35
N LYS B 621 -57.05 -1.41 -16.79
CA LYS B 621 -58.02 -0.32 -16.90
C LYS B 621 -59.05 -0.34 -15.77
N LEU B 622 -58.84 -1.19 -14.79
CA LEU B 622 -59.82 -1.28 -13.75
C LEU B 622 -59.47 -0.37 -12.60
N ARG B 623 -58.19 -0.20 -12.26
CA ARG B 623 -57.83 0.53 -11.04
C ARG B 623 -57.07 1.82 -11.35
N LYS B 624 -57.24 2.26 -12.59
CA LYS B 624 -56.58 3.43 -13.16
C LYS B 624 -56.82 4.70 -12.38
N GLN B 625 -58.06 4.92 -11.93
CA GLN B 625 -58.38 6.18 -11.26
C GLN B 625 -57.65 6.40 -9.94
N TRP B 626 -57.07 5.33 -9.35
CA TRP B 626 -56.32 5.44 -8.09
C TRP B 626 -54.80 5.51 -8.21
N LEU B 627 -54.25 5.24 -9.40
CA LEU B 627 -52.80 5.09 -9.56
C LEU B 627 -52.01 6.32 -9.14
N LYS B 628 -52.45 7.48 -9.62
CA LYS B 628 -51.78 8.72 -9.35
C LYS B 628 -51.66 8.99 -7.86
N GLU B 629 -52.67 8.70 -7.03
CA GLU B 629 -52.48 8.90 -5.59
C GLU B 629 -51.59 7.84 -5.00
N SER B 630 -51.61 6.63 -5.56
CA SER B 630 -50.85 5.48 -5.04
C SER B 630 -49.38 5.68 -5.23
N ILE B 631 -48.99 6.29 -6.35
CA ILE B 631 -47.60 6.69 -6.56
C ILE B 631 -47.71 8.21 -6.52
N SER B 632 -46.72 9.00 -6.70
CA SER B 632 -47.20 10.40 -6.66
C SER B 632 -47.51 10.99 -8.07
N ASP B 633 -47.86 12.27 -8.20
CA ASP B 633 -47.92 12.88 -9.57
C ASP B 633 -46.59 12.72 -10.30
N VAL B 634 -45.49 13.00 -9.60
CA VAL B 634 -44.18 12.83 -10.21
C VAL B 634 -43.97 11.37 -10.57
N GLY B 635 -44.43 10.43 -9.75
CA GLY B 635 -44.24 8.99 -10.03
C GLY B 635 -44.92 8.67 -11.35
N PHE B 636 -46.15 9.13 -11.46
CA PHE B 636 -46.97 9.00 -12.66
C PHE B 636 -46.32 9.67 -13.86
N GLY B 637 -45.94 10.94 -13.72
CA GLY B 637 -45.17 11.62 -14.80
C GLY B 637 -43.94 10.84 -15.28
N MET B 638 -43.26 10.17 -14.36
CA MET B 638 -42.09 9.33 -14.68
C MET B 638 -42.49 8.13 -15.57
N LEU B 639 -43.60 7.45 -15.23
CA LEU B 639 -44.09 6.34 -16.07
C LEU B 639 -44.45 6.86 -17.42
N LYS B 640 -45.13 8.01 -17.45
CA LYS B 640 -45.54 8.62 -18.70
C LYS B 640 -44.32 8.91 -19.56
N SER B 641 -43.33 9.60 -18.96
CA SER B 641 -42.17 9.97 -19.74
C SER B 641 -41.44 8.77 -20.34
N VAL B 642 -41.46 7.59 -19.69
CA VAL B 642 -40.85 6.37 -20.29
C VAL B 642 -41.71 5.91 -21.48
N LYS B 643 -43.01 5.81 -21.25
CA LYS B 643 -43.97 5.53 -22.32
C LYS B 643 -43.76 6.40 -23.52
N ASP B 644 -43.64 7.73 -23.33
CA ASP B 644 -43.44 8.62 -24.53
C ASP B 644 -42.07 8.51 -25.21
N TYR B 645 -41.04 8.01 -24.50
CA TYR B 645 -39.79 7.73 -25.21
C TYR B 645 -39.86 6.42 -26.03
N VAL B 646 -40.34 5.37 -25.41
CA VAL B 646 -40.22 4.03 -26.00
C VAL B 646 -41.30 3.80 -27.08
N ASP B 647 -42.43 4.45 -26.91
CA ASP B 647 -43.59 4.32 -27.76
C ASP B 647 -44.21 5.70 -28.02
N PRO B 648 -43.51 6.60 -28.74
CA PRO B 648 -44.10 7.94 -28.98
C PRO B 648 -45.50 7.97 -29.61
N THR B 649 -45.86 6.98 -30.46
CA THR B 649 -47.12 7.00 -31.23
C THR B 649 -48.12 6.02 -30.62
N ASN B 650 -47.81 5.57 -29.40
CA ASN B 650 -48.71 4.72 -28.65
C ASN B 650 -49.18 3.50 -29.47
N ILE B 651 -48.23 2.79 -30.05
CA ILE B 651 -48.58 1.55 -30.74
C ILE B 651 -49.14 0.54 -29.73
N PHE B 652 -48.58 0.54 -28.52
CA PHE B 652 -49.04 -0.34 -27.51
C PHE B 652 -50.12 0.35 -26.73
N GLY B 653 -51.31 0.36 -27.34
CA GLY B 653 -52.44 1.17 -26.90
C GLY B 653 -53.63 0.53 -26.15
N ASN B 654 -53.34 -0.50 -25.34
CA ASN B 654 -54.38 -1.06 -24.47
C ASN B 654 -54.82 -0.03 -23.39
N ARG B 655 -54.01 1.00 -23.24
CA ARG B 655 -54.23 2.04 -22.25
C ARG B 655 -54.36 1.54 -20.85
N ASN B 656 -53.61 0.49 -20.50
CA ASN B 656 -53.47 0.16 -19.09
C ASN B 656 -52.69 1.25 -18.35
N LEU B 657 -52.84 1.26 -17.02
CA LEU B 657 -52.00 2.06 -16.12
C LEU B 657 -52.31 3.51 -16.17
N LEU B 658 -52.03 4.12 -17.31
CA LEU B 658 -52.17 5.57 -17.48
C LEU B 658 -53.31 5.89 -18.46
N GLY C 81 16.46 14.96 30.31
CA GLY C 81 17.54 14.76 29.27
C GLY C 81 17.39 15.54 27.95
N ILE C 82 16.13 15.84 27.57
CA ILE C 82 15.84 16.77 26.44
C ILE C 82 16.18 18.21 26.87
N ILE C 83 16.81 18.95 25.96
CA ILE C 83 17.02 20.40 26.14
C ILE C 83 15.70 21.19 25.97
N PRO C 84 15.34 22.04 26.98
CA PRO C 84 14.10 22.88 27.01
C PRO C 84 14.20 24.12 26.12
N LYS C 85 13.10 24.50 25.46
CA LYS C 85 13.10 25.71 24.64
C LYS C 85 13.82 26.91 25.30
N LYS C 86 13.47 27.26 26.53
CA LYS C 86 14.22 28.31 27.28
C LYS C 86 15.42 27.65 27.92
N ARG C 87 16.56 27.74 27.28
CA ARG C 87 17.66 26.95 27.76
C ARG C 87 18.14 27.42 29.11
N GLN C 88 17.98 28.71 29.35
CA GLN C 88 18.51 29.33 30.54
C GLN C 88 17.76 28.91 31.79
N GLU C 89 16.76 28.05 31.67
CA GLU C 89 16.15 27.42 32.85
C GLU C 89 16.98 26.28 33.40
N LEU C 90 17.75 25.62 32.54
CA LEU C 90 18.72 24.62 32.97
C LEU C 90 20.18 25.12 32.89
N MET C 91 20.50 25.80 31.79
CA MET C 91 21.89 26.01 31.39
C MET C 91 22.41 27.43 31.61
N LYS C 92 23.68 27.55 31.98
CA LYS C 92 24.29 28.87 32.08
C LYS C 92 24.21 29.60 30.74
N TRP C 93 23.69 30.83 30.75
CA TRP C 93 23.66 31.68 29.54
C TRP C 93 25.05 32.18 29.23
N ASN C 94 25.93 32.19 30.24
CA ASN C 94 27.21 32.91 30.12
C ASN C 94 28.44 32.00 30.26
N GLY C 95 28.20 30.70 30.17
CA GLY C 95 29.27 29.73 30.27
C GLY C 95 28.79 28.32 30.05
N TRP C 96 29.66 27.38 30.38
CA TRP C 96 29.41 25.98 30.11
C TRP C 96 28.44 25.38 31.08
N GLY C 97 27.46 24.65 30.52
CA GLY C 97 26.76 23.63 31.27
C GLY C 97 25.60 24.10 32.09
N TYR C 98 25.36 23.37 33.21
CA TYR C 98 24.14 23.55 34.03
C TYR C 98 24.29 24.65 35.05
N ASN C 99 23.19 25.34 35.31
CA ASN C 99 23.12 26.42 36.31
C ASN C 99 23.56 25.95 37.69
N ASP C 100 23.09 24.77 38.07
CA ASP C 100 23.35 24.22 39.39
C ASP C 100 24.74 23.65 39.58
N SER C 101 25.69 23.98 38.71
CA SER C 101 27.05 23.37 38.75
C SER C 101 28.10 24.39 38.40
N LYS C 102 28.83 24.84 39.41
CA LYS C 102 29.85 25.85 39.24
C LYS C 102 30.85 25.70 40.38
N PHE C 103 32.06 26.21 40.18
CA PHE C 103 33.03 26.16 41.25
C PHE C 103 32.83 27.31 42.17
N PHE C 104 33.12 27.09 43.45
CA PHE C 104 33.02 28.15 44.42
C PHE C 104 33.90 27.83 45.63
N LEU C 105 34.27 28.90 46.35
CA LEU C 105 35.08 28.85 47.54
C LEU C 105 34.17 28.61 48.75
N ASN C 106 34.38 27.51 49.48
CA ASN C 106 33.39 27.11 50.49
C ASN C 106 33.59 27.73 51.89
N LYS C 107 32.69 27.41 52.80
CA LYS C 107 32.79 27.84 54.19
C LYS C 107 34.22 27.63 54.67
N LYS C 108 34.82 26.48 54.32
CA LYS C 108 36.16 26.10 54.80
C LYS C 108 37.34 26.68 54.01
N GLY C 109 37.07 27.58 53.07
CA GLY C 109 38.14 28.20 52.27
C GLY C 109 38.69 27.31 51.15
N GLN C 110 37.92 26.29 50.74
CA GLN C 110 38.34 25.38 49.68
C GLN C 110 37.37 25.43 48.52
N LEU C 111 37.90 25.33 47.29
CA LEU C 111 37.06 25.28 46.10
C LEU C 111 36.29 23.95 46.03
N GLU C 112 35.04 24.06 45.57
CA GLU C 112 34.12 22.95 45.54
C GLU C 112 33.14 23.12 44.40
N LEU C 113 32.70 21.98 43.89
CA LEU C 113 31.65 21.96 42.90
C LEU C 113 30.27 21.83 43.53
N THR C 114 29.47 22.84 43.24
CA THR C 114 28.08 22.99 43.61
C THR C 114 27.24 21.80 43.10
N GLY C 115 26.11 21.50 43.75
CA GLY C 115 25.13 20.56 43.23
C GLY C 115 25.51 19.12 43.48
N LYS C 116 24.82 18.19 42.81
CA LYS C 116 25.18 16.78 42.90
C LYS C 116 25.08 16.03 41.54
N ARG C 117 25.41 16.72 40.47
CA ARG C 117 25.25 16.16 39.14
C ARG C 117 26.45 15.29 38.70
N TYR C 118 27.66 15.62 39.15
CA TYR C 118 28.88 14.82 38.90
C TYR C 118 29.45 14.15 40.18
N PRO C 119 30.12 12.98 40.01
CA PRO C 119 30.76 12.33 41.16
C PRO C 119 31.53 13.32 42.00
N LEU C 120 32.17 14.27 41.34
CA LEU C 120 32.93 15.29 42.05
C LEU C 120 32.12 16.44 42.60
N SER C 121 30.82 16.50 42.26
CA SER C 121 29.92 17.54 42.78
C SER C 121 29.94 17.42 44.30
N GLY C 122 30.02 18.56 44.99
CA GLY C 122 30.00 18.58 46.45
C GLY C 122 31.25 18.05 47.16
N VAL C 123 32.21 17.55 46.40
CA VAL C 123 33.46 17.08 46.98
C VAL C 123 34.40 18.29 47.08
N ALA C 124 35.00 18.48 48.27
CA ALA C 124 35.95 19.58 48.47
C ALA C 124 37.32 19.22 47.88
N LEU C 125 37.92 20.18 47.19
CA LEU C 125 39.23 19.94 46.60
C LEU C 125 40.27 20.74 47.34
N PRO C 126 40.92 20.08 48.31
CA PRO C 126 41.81 20.72 49.27
C PRO C 126 43.00 21.47 48.68
N THR C 127 43.64 20.90 47.65
CA THR C 127 44.92 21.43 47.16
C THR C 127 44.73 22.28 45.92
N PHE C 128 43.50 22.33 45.44
CA PHE C 128 43.25 22.98 44.17
C PHE C 128 43.61 24.47 44.21
N LYS C 129 43.18 25.21 45.24
CA LYS C 129 43.45 26.65 45.28
C LYS C 129 44.97 26.99 45.33
N ASP C 130 45.79 26.08 45.85
CA ASP C 130 47.23 26.30 46.00
C ASP C 130 47.89 26.19 44.64
N TRP C 131 47.39 25.20 43.89
CA TRP C 131 47.85 24.91 42.56
C TRP C 131 47.56 26.07 41.65
N ILE C 132 46.36 26.64 41.78
CA ILE C 132 45.98 27.82 41.02
C ILE C 132 46.88 29.01 41.34
N GLN C 133 47.18 29.18 42.62
CA GLN C 133 48.07 30.25 43.05
C GLN C 133 49.50 30.02 42.57
N ASN C 134 49.98 28.79 42.71
CA ASN C 134 51.35 28.49 42.33
C ASN C 134 51.62 28.51 40.81
N THR C 135 50.59 28.21 40.02
CA THR C 135 50.66 28.13 38.55
C THR C 135 50.55 29.50 37.84
N PHE C 136 49.60 30.31 38.29
CA PHE C 136 49.28 31.58 37.63
C PHE C 136 49.65 32.79 38.48
N GLY C 137 50.11 32.56 39.71
CA GLY C 137 50.50 33.63 40.61
C GLY C 137 49.34 34.58 40.83
N ILE C 138 48.26 34.06 41.41
CA ILE C 138 47.21 34.93 41.95
C ILE C 138 46.88 34.59 43.39
N ASN C 139 46.14 35.48 44.05
CA ASN C 139 45.67 35.23 45.40
C ASN C 139 44.32 34.55 45.36
N LEU C 140 43.48 35.02 44.45
CA LEU C 140 42.03 34.77 44.48
C LEU C 140 41.33 35.87 45.29
N ASP C 141 42.09 36.93 45.60
CA ASP C 141 41.63 38.04 46.45
C ASP C 141 40.52 38.88 45.81
N HIS C 142 40.60 39.07 44.49
CA HIS C 142 39.65 39.88 43.72
C HIS C 142 39.12 39.13 42.52
N LYS C 143 37.81 38.94 42.49
CA LYS C 143 37.18 38.22 41.38
C LYS C 143 36.52 39.20 40.41
N THR C 144 36.61 38.91 39.13
CA THR C 144 36.05 39.79 38.10
C THR C 144 34.53 39.92 38.22
N THR C 145 33.99 41.00 37.66
CA THR C 145 32.55 41.21 37.58
C THR C 145 32.02 41.00 36.16
N SER C 146 31.20 39.95 35.98
CA SER C 146 30.52 39.69 34.70
C SER C 146 29.28 40.55 34.55
N LYS C 147 28.87 40.75 33.31
CA LYS C 147 27.50 41.11 33.02
C LYS C 147 26.55 40.04 33.61
N ALA C 148 25.32 40.44 33.87
CA ALA C 148 24.46 39.65 34.75
C ALA C 148 23.30 38.98 34.04
N SER C 149 23.12 39.34 32.75
CA SER C 149 22.30 38.60 31.75
C SER C 149 22.31 39.31 30.42
N ASP C 154 22.06 47.21 23.74
CA ASP C 154 22.88 45.99 23.70
C ASP C 154 22.42 44.99 22.65
N THR C 155 21.09 44.82 22.56
CA THR C 155 20.47 43.72 21.81
C THR C 155 19.60 44.28 20.65
N PRO C 156 20.03 44.07 19.37
CA PRO C 156 19.32 44.71 18.25
C PRO C 156 17.88 44.24 18.09
N PRO C 157 17.00 45.10 17.55
CA PRO C 157 15.62 44.64 17.47
C PRO C 157 15.42 43.54 16.42
N SER C 158 14.28 42.87 16.51
CA SER C 158 14.00 41.73 15.69
C SER C 158 13.14 42.13 14.50
N ILE C 159 13.78 42.46 13.37
CA ILE C 159 13.10 42.80 12.10
C ILE C 159 12.90 41.57 11.20
N VAL C 160 11.64 41.31 10.83
CA VAL C 160 11.22 40.06 10.20
C VAL C 160 10.01 40.29 9.29
N ASN C 161 10.16 39.99 8.00
CA ASN C 161 9.07 40.08 7.00
C ASN C 161 7.73 39.51 7.52
N GLU C 162 6.65 40.23 7.22
CA GLU C 162 5.35 40.01 7.84
C GLU C 162 4.52 38.90 7.16
N ASP C 163 4.68 38.81 5.84
CA ASP C 163 4.04 37.79 5.05
C ASP C 163 4.65 36.42 5.42
N PHE C 164 5.91 36.48 5.84
CA PHE C 164 6.63 35.31 6.33
C PHE C 164 6.15 34.89 7.72
N LEU C 165 6.14 35.86 8.62
CA LEU C 165 5.60 35.66 9.94
C LEU C 165 4.18 35.09 9.86
N HIS C 166 3.31 35.72 9.06
CA HIS C 166 1.92 35.27 8.85
C HIS C 166 1.86 33.79 8.45
N GLU C 167 2.68 33.40 7.49
CA GLU C 167 2.84 31.98 7.06
C GLU C 167 3.50 31.05 8.09
N LEU C 168 4.33 31.63 8.95
CA LEU C 168 4.96 30.84 9.98
C LEU C 168 3.91 30.52 11.04
N LYS C 169 3.03 31.49 11.27
CA LYS C 169 1.92 31.31 12.20
C LYS C 169 1.10 30.10 11.81
N LYS C 170 0.94 29.91 10.50
CA LYS C 170 0.06 28.89 9.98
C LYS C 170 0.57 27.48 10.17
N THR C 171 1.88 27.33 10.29
CA THR C 171 2.50 26.00 10.42
C THR C 171 2.36 25.40 11.81
N ASN C 172 2.13 26.26 12.80
CA ASN C 172 2.08 25.82 14.19
C ASN C 172 3.46 25.44 14.72
N ILE C 173 4.51 25.83 14.02
CA ILE C 173 5.87 25.60 14.49
C ILE C 173 6.21 26.67 15.53
N SER C 174 6.60 26.28 16.74
CA SER C 174 6.94 27.26 17.77
C SER C 174 8.07 28.15 17.33
N TYR C 175 8.07 29.38 17.81
CA TYR C 175 9.15 30.29 17.47
C TYR C 175 9.31 31.37 18.51
N SER C 176 10.39 32.13 18.44
CA SER C 176 10.64 33.16 19.45
C SER C 176 11.47 34.29 18.88
N GLN C 177 11.08 35.54 19.15
CA GLN C 177 11.89 36.70 18.77
C GLN C 177 12.50 37.33 20.00
N GLU C 178 12.38 36.62 21.12
CA GLU C 178 12.89 37.12 22.37
C GLU C 178 14.41 37.27 22.34
N ALA C 179 14.89 38.46 22.73
CA ALA C 179 16.32 38.72 22.77
C ALA C 179 17.06 37.53 23.42
N ASP C 180 16.61 37.11 24.59
CA ASP C 180 17.41 36.17 25.38
C ASP C 180 17.52 34.77 24.75
N ASP C 181 16.46 34.29 24.11
CA ASP C 181 16.49 33.07 23.31
C ASP C 181 17.45 33.17 22.11
N ARG C 182 17.38 34.29 21.41
CA ARG C 182 18.30 34.62 20.30
C ARG C 182 19.78 34.78 20.72
N VAL C 183 20.02 35.29 21.91
CA VAL C 183 21.39 35.56 22.38
C VAL C 183 22.04 34.27 22.87
N PHE C 184 21.22 33.35 23.38
CA PHE C 184 21.72 32.04 23.76
C PHE C 184 22.30 31.29 22.56
N ARG C 185 21.68 31.44 21.38
CA ARG C 185 22.02 30.67 20.18
C ARG C 185 22.97 31.41 19.22
N ALA C 186 23.64 32.46 19.70
CA ALA C 186 24.62 33.25 18.90
C ALA C 186 26.09 32.85 19.10
N HIS C 187 26.34 31.79 19.89
CA HIS C 187 27.71 31.40 20.19
C HIS C 187 27.75 29.93 20.50
N GLY C 188 28.96 29.38 20.49
CA GLY C 188 29.25 28.15 21.20
C GLY C 188 30.31 28.47 22.23
N HIS C 189 31.23 27.54 22.44
CA HIS C 189 32.09 27.62 23.60
C HIS C 189 33.55 27.83 23.38
N CYS C 190 33.85 28.74 22.45
CA CYS C 190 35.21 29.28 22.27
C CYS C 190 35.48 30.41 23.29
N LEU C 191 36.71 30.50 23.78
CA LEU C 191 37.04 31.53 24.77
C LEU C 191 36.54 32.91 24.37
N HIS C 192 36.82 33.28 23.13
CA HIS C 192 36.45 34.60 22.62
C HIS C 192 34.98 34.90 22.85
N GLU C 193 34.11 33.95 22.52
CA GLU C 193 32.67 34.09 22.73
C GLU C 193 32.27 34.22 24.19
N ILE C 194 32.81 33.32 25.01
CA ILE C 194 32.46 33.29 26.41
C ILE C 194 32.88 34.60 27.07
N PHE C 195 34.02 35.14 26.64
CA PHE C 195 34.48 36.47 27.08
C PHE C 195 33.52 37.59 26.64
N LEU C 196 33.22 37.64 25.34
CA LEU C 196 32.22 38.57 24.83
C LEU C 196 30.87 38.46 25.54
N LEU C 197 30.58 37.28 26.08
CA LEU C 197 29.32 37.10 26.82
C LEU C 197 29.36 37.74 28.20
N ARG C 198 30.50 37.62 28.84
CA ARG C 198 30.68 38.20 30.15
C ARG C 198 30.86 39.73 30.09
N GLU C 199 31.66 40.24 29.15
CA GLU C 199 32.02 41.68 29.09
C GLU C 199 31.26 42.53 28.06
N GLY C 200 31.29 42.13 26.78
CA GLY C 200 30.80 42.96 25.67
C GLY C 200 29.47 42.48 25.12
N MET C 201 29.42 42.34 23.79
CA MET C 201 28.22 41.87 23.06
C MET C 201 28.58 41.46 21.63
N PHE C 202 27.75 40.59 21.08
CA PHE C 202 27.88 40.13 19.69
C PHE C 202 27.41 41.18 18.70
N GLU C 203 28.29 41.54 17.80
CA GLU C 203 27.90 42.42 16.72
C GLU C 203 26.65 41.94 16.01
N ARG C 204 26.46 40.62 15.96
CA ARG C 204 25.28 40.05 15.31
C ARG C 204 24.78 38.81 16.04
N ILE C 205 23.44 38.71 16.19
CA ILE C 205 22.77 37.60 16.84
C ILE C 205 21.58 37.16 15.98
N PRO C 206 21.17 35.87 16.03
CA PRO C 206 20.05 35.48 15.15
C PRO C 206 18.83 36.35 15.37
N ASP C 207 17.99 36.49 14.35
CA ASP C 207 16.81 37.37 14.49
C ASP C 207 15.54 36.67 15.00
N ILE C 208 15.43 35.36 14.69
CA ILE C 208 14.27 34.58 15.12
C ILE C 208 14.69 33.10 15.35
N VAL C 209 14.27 32.53 16.49
CA VAL C 209 14.50 31.11 16.76
C VAL C 209 13.26 30.32 16.44
N LEU C 210 13.42 29.24 15.69
CA LEU C 210 12.32 28.32 15.36
C LEU C 210 12.64 26.93 15.88
N TRP C 211 11.60 26.15 16.23
CA TRP C 211 11.72 24.77 16.80
C TRP C 211 10.89 23.72 16.10
N PRO C 212 11.40 23.19 14.98
CA PRO C 212 10.73 22.08 14.32
C PRO C 212 10.77 20.84 15.22
N THR C 213 9.86 19.89 14.99
CA THR C 213 9.78 18.73 15.86
C THR C 213 9.99 17.52 15.03
N CYS C 214 10.11 17.73 13.73
CA CYS C 214 10.16 16.61 12.80
C CYS C 214 10.64 17.08 11.43
N HIS C 215 10.90 16.09 10.58
CA HIS C 215 11.47 16.31 9.28
C HIS C 215 10.72 17.30 8.42
N ASP C 216 9.44 17.04 8.28
CA ASP C 216 8.52 17.88 7.55
C ASP C 216 8.52 19.33 8.04
N ASP C 217 8.65 19.47 9.34
CA ASP C 217 8.70 20.78 9.92
C ASP C 217 9.85 21.54 9.26
N VAL C 218 11.00 20.89 9.15
CA VAL C 218 12.23 21.49 8.55
C VAL C 218 12.11 21.78 7.04
N VAL C 219 11.48 20.87 6.30
CA VAL C 219 11.17 21.09 4.89
C VAL C 219 10.47 22.46 4.69
N LYS C 220 9.38 22.65 5.43
CA LYS C 220 8.59 23.88 5.42
C LYS C 220 9.45 25.11 5.70
N ILE C 221 10.27 25.03 6.74
CA ILE C 221 11.11 26.16 7.14
C ILE C 221 12.09 26.52 6.03
N VAL C 222 12.66 25.49 5.41
CA VAL C 222 13.66 25.70 4.38
C VAL C 222 12.97 26.33 3.17
N ASN C 223 11.86 25.73 2.74
CA ASN C 223 11.04 26.28 1.66
C ASN C 223 10.65 27.75 1.86
N LEU C 224 10.34 28.11 3.10
CA LEU C 224 10.07 29.49 3.47
C LEU C 224 11.31 30.34 3.35
N ALA C 225 12.44 29.89 3.86
CA ALA C 225 13.62 30.73 3.87
C ALA C 225 14.09 31.06 2.47
N CYS C 226 13.77 30.18 1.50
CA CYS C 226 14.18 30.40 0.09
C CYS C 226 13.29 31.46 -0.50
N LYS C 227 11.97 31.23 -0.31
CA LYS C 227 10.91 32.13 -0.67
C LYS C 227 11.15 33.56 -0.14
N TYR C 228 11.48 33.71 1.13
CA TYR C 228 11.59 35.04 1.73
C TYR C 228 13.02 35.53 1.90
N ASN C 229 13.95 34.79 1.32
CA ASN C 229 15.36 35.15 1.33
C ASN C 229 16.00 35.25 2.70
N LEU C 230 15.77 34.23 3.53
CA LEU C 230 16.21 34.24 4.93
C LEU C 230 17.35 33.26 5.11
N CYS C 231 18.32 33.66 5.91
CA CYS C 231 19.52 32.89 6.16
C CYS C 231 19.15 31.87 7.23
N ILE C 232 19.68 30.66 7.14
CA ILE C 232 19.40 29.69 8.20
C ILE C 232 20.70 29.30 8.93
N ILE C 233 20.71 29.25 10.25
CA ILE C 233 21.91 28.72 10.92
C ILE C 233 21.48 27.59 11.85
N PRO C 234 21.73 26.32 11.47
CA PRO C 234 21.25 25.27 12.35
C PRO C 234 22.02 25.28 13.64
N ILE C 235 21.37 24.90 14.75
CA ILE C 235 22.02 24.75 16.06
C ILE C 235 21.44 23.52 16.77
N GLY C 236 22.32 22.75 17.42
CA GLY C 236 21.92 21.57 18.14
C GLY C 236 22.21 21.91 19.59
N GLY C 237 23.31 21.39 20.10
CA GLY C 237 23.69 21.60 21.49
C GLY C 237 24.31 22.96 21.82
N GLY C 238 24.74 23.69 20.79
CA GLY C 238 25.47 24.95 21.02
C GLY C 238 26.86 24.77 21.56
N THR C 239 27.49 23.65 21.28
CA THR C 239 28.78 23.35 21.91
C THR C 239 29.94 23.52 20.92
N SER C 240 29.67 24.14 19.77
CA SER C 240 30.73 24.45 18.80
C SER C 240 31.91 25.08 19.44
N VAL C 241 33.09 24.61 19.08
CA VAL C 241 34.33 25.28 19.47
C VAL C 241 35.10 25.74 18.23
N SER C 242 34.42 26.33 17.28
CA SER C 242 35.06 26.76 16.04
C SER C 242 34.45 28.01 15.42
N TYR C 243 33.65 28.75 16.17
CA TYR C 243 32.85 29.86 15.61
C TYR C 243 31.82 29.42 14.59
N GLY C 244 31.42 28.14 14.65
CA GLY C 244 30.51 27.59 13.68
C GLY C 244 29.10 28.10 13.78
N LEU C 245 28.77 28.75 14.89
CA LEU C 245 27.43 29.24 15.11
C LEU C 245 27.33 30.74 14.99
N MET C 246 28.46 31.43 15.16
CA MET C 246 28.51 32.87 15.08
C MET C 246 27.88 33.41 13.80
N CYS C 247 27.02 34.40 13.96
CA CYS C 247 26.41 35.05 12.83
C CYS C 247 27.37 36.07 12.22
N PRO C 248 27.60 36.00 10.89
CA PRO C 248 28.49 36.95 10.20
C PRO C 248 28.05 38.43 10.39
N ALA C 249 28.92 39.28 10.94
CA ALA C 249 28.61 40.71 11.20
C ALA C 249 27.78 41.41 10.12
N ASP C 250 28.11 41.19 8.86
CA ASP C 250 27.58 41.98 7.78
C ASP C 250 26.44 41.26 7.07
N GLU C 251 25.90 40.22 7.70
CA GLU C 251 24.73 39.59 7.11
C GLU C 251 23.52 40.46 7.45
N THR C 252 22.98 41.10 6.42
CA THR C 252 21.80 41.95 6.54
C THR C 252 20.45 41.19 6.39
N ARG C 253 20.45 39.96 5.91
CA ARG C 253 19.20 39.20 5.82
C ARG C 253 18.71 38.78 7.22
N THR C 254 17.43 38.43 7.33
CA THR C 254 16.93 37.95 8.59
C THR C 254 17.58 36.56 8.87
N ILE C 255 18.22 36.43 10.02
CA ILE C 255 18.81 35.14 10.37
C ILE C 255 17.85 34.30 11.22
N ILE C 256 17.47 33.12 10.69
CA ILE C 256 16.79 32.10 11.51
C ILE C 256 17.81 31.21 12.24
N SER C 257 17.57 30.99 13.53
CA SER C 257 18.29 29.96 14.28
C SER C 257 17.39 28.71 14.23
N LEU C 258 17.76 27.72 13.45
CA LEU C 258 16.92 26.54 13.34
C LEU C 258 17.39 25.51 14.34
N ASP C 259 16.91 25.68 15.59
CA ASP C 259 17.12 24.85 16.77
C ASP C 259 16.46 23.49 16.66
N THR C 260 17.26 22.43 16.80
CA THR C 260 16.80 21.05 16.57
C THR C 260 16.53 20.27 17.88
N SER C 261 16.55 20.98 19.01
CA SER C 261 16.48 20.31 20.33
C SER C 261 15.15 19.63 20.61
N GLN C 262 14.09 20.06 19.93
CA GLN C 262 12.73 19.48 20.07
C GLN C 262 12.41 18.41 19.02
N MET C 263 13.37 18.16 18.13
CA MET C 263 13.31 17.04 17.17
C MET C 263 14.30 15.96 17.63
N ASN C 264 13.90 15.15 18.59
CA ASN C 264 14.84 14.35 19.38
C ASN C 264 14.38 12.90 19.62
N ARG C 265 13.58 12.35 18.73
CA ARG C 265 13.09 11.01 18.99
C ARG C 265 14.09 9.96 18.47
N ILE C 266 14.23 8.87 19.20
CA ILE C 266 14.60 7.63 18.60
C ILE C 266 13.33 7.24 17.87
N LEU C 267 13.29 7.44 16.55
CA LEU C 267 12.17 6.92 15.74
C LEU C 267 11.94 5.43 16.00
N TRP C 268 13.02 4.66 16.00
CA TRP C 268 12.93 3.21 16.30
C TRP C 268 14.27 2.55 16.37
N VAL C 269 14.30 1.42 17.05
CA VAL C 269 15.50 0.63 17.24
C VAL C 269 15.33 -0.60 16.40
N ASP C 270 16.39 -0.96 15.68
CA ASP C 270 16.35 -2.09 14.80
C ASP C 270 17.24 -3.12 15.45
N GLU C 271 16.64 -3.93 16.31
CA GLU C 271 17.33 -4.97 17.06
C GLU C 271 18.05 -6.00 16.20
N ASN C 272 17.57 -6.27 14.99
CA ASN C 272 18.24 -7.25 14.12
C ASN C 272 19.46 -6.73 13.42
N ASN C 273 19.38 -5.53 12.87
CA ASN C 273 20.51 -5.01 12.12
C ASN C 273 21.41 -4.23 13.04
N LEU C 274 21.00 -4.11 14.31
CA LEU C 274 21.77 -3.38 15.34
C LEU C 274 22.01 -1.93 14.98
N THR C 275 20.96 -1.24 14.55
CA THR C 275 21.08 0.19 14.26
C THR C 275 19.89 0.88 14.91
N ALA C 276 20.03 2.19 15.11
CA ALA C 276 18.94 3.02 15.59
C ALA C 276 18.58 4.18 14.62
N HIS C 277 17.30 4.31 14.31
CA HIS C 277 16.83 5.44 13.47
C HIS C 277 16.43 6.60 14.36
N VAL C 278 17.10 7.74 14.22
CA VAL C 278 16.94 8.82 15.22
C VAL C 278 16.91 10.23 14.60
N GLU C 279 16.28 11.18 15.31
CA GLU C 279 16.24 12.56 14.85
C GLU C 279 17.50 13.26 15.31
N ALA C 280 17.90 14.29 14.57
CA ALA C 280 19.22 14.91 14.75
C ALA C 280 19.40 15.70 16.04
N GLY C 281 18.29 16.09 16.65
CA GLY C 281 18.33 16.84 17.89
C GLY C 281 18.60 16.08 19.15
N ILE C 282 18.56 14.74 19.10
CA ILE C 282 18.75 13.99 20.34
C ILE C 282 20.18 14.15 20.82
N THR C 283 20.34 14.51 22.09
CA THR C 283 21.64 14.61 22.74
C THR C 283 22.30 13.24 22.98
N GLY C 284 23.62 13.22 23.17
CA GLY C 284 24.32 11.98 23.51
C GLY C 284 23.83 11.30 24.77
N GLN C 285 23.74 12.10 25.84
CA GLN C 285 23.18 11.63 27.11
C GLN C 285 21.81 10.98 27.00
N GLU C 286 20.90 11.59 26.25
CA GLU C 286 19.55 11.05 26.08
C GLU C 286 19.53 9.78 25.25
N LEU C 287 20.31 9.81 24.19
CA LEU C 287 20.38 8.68 23.29
C LEU C 287 20.87 7.47 24.06
N GLU C 288 21.96 7.61 24.85
CA GLU C 288 22.51 6.45 25.57
C GLU C 288 21.55 6.01 26.65
N ARG C 289 20.91 6.98 27.30
CA ARG C 289 20.04 6.65 28.42
C ARG C 289 18.83 5.87 27.95
N GLN C 290 18.19 6.34 26.88
CA GLN C 290 17.12 5.64 26.25
C GLN C 290 17.50 4.23 25.78
N LEU C 291 18.47 4.12 24.89
CA LEU C 291 19.00 2.83 24.38
C LEU C 291 19.35 1.82 25.48
N LYS C 292 19.86 2.36 26.58
CA LYS C 292 20.21 1.52 27.70
C LYS C 292 18.93 0.75 28.19
N GLU C 293 17.77 1.37 28.11
CA GLU C 293 16.53 0.76 28.56
C GLU C 293 16.22 -0.53 27.78
N SER C 294 16.76 -0.65 26.59
CA SER C 294 16.56 -1.84 25.79
C SER C 294 17.77 -2.75 25.86
N GLY C 295 18.79 -2.38 26.64
CA GLY C 295 20.05 -3.11 26.66
C GLY C 295 21.06 -2.79 25.55
N TYR C 296 20.92 -1.61 24.94
CA TYR C 296 21.82 -1.17 23.87
C TYR C 296 22.56 0.18 24.18
N CYS C 297 23.60 0.48 23.40
CA CYS C 297 24.30 1.76 23.47
C CYS C 297 24.85 2.09 22.06
N THR C 298 25.25 3.34 21.85
CA THR C 298 26.10 3.61 20.69
C THR C 298 27.56 3.58 21.10
N GLY C 299 27.85 3.92 22.35
CA GLY C 299 29.26 4.04 22.79
C GLY C 299 29.97 5.30 22.25
N HIS C 300 29.19 6.21 21.64
CA HIS C 300 29.75 7.46 21.10
C HIS C 300 29.66 8.46 22.20
N GLU C 301 30.82 8.80 22.79
CA GLU C 301 30.86 9.68 23.97
C GLU C 301 31.84 10.84 23.85
N PRO C 302 31.44 11.91 23.20
CA PRO C 302 32.33 13.07 23.21
C PRO C 302 32.21 13.73 24.53
N ASP C 303 33.20 14.52 24.89
CA ASP C 303 33.19 15.13 26.21
C ASP C 303 31.96 16.01 26.39
N SER C 304 31.40 16.50 25.29
CA SER C 304 30.15 17.28 25.32
C SER C 304 28.85 16.47 25.15
N LEU C 305 28.87 15.16 25.40
CA LEU C 305 27.65 14.32 25.18
C LEU C 305 26.42 14.81 25.92
N GLU C 306 26.59 15.56 27.02
CA GLU C 306 25.45 16.00 27.76
C GLU C 306 24.57 16.92 26.88
N PHE C 307 25.18 17.72 26.00
CA PHE C 307 24.44 18.68 25.14
C PHE C 307 24.62 18.47 23.64
N SER C 308 25.73 17.86 23.21
CA SER C 308 25.94 17.73 21.77
C SER C 308 25.02 16.67 21.16
N THR C 309 24.61 16.94 19.91
CA THR C 309 23.52 16.21 19.24
C THR C 309 24.02 15.37 18.04
N VAL C 310 23.23 14.35 17.65
CA VAL C 310 23.48 13.54 16.47
C VAL C 310 23.82 14.49 15.35
N GLY C 311 22.98 15.48 15.13
CA GLY C 311 23.18 16.42 14.00
C GLY C 311 24.50 17.13 14.02
N GLY C 312 24.85 17.67 15.18
CA GLY C 312 26.12 18.37 15.34
C GLY C 312 27.29 17.43 15.04
N TRP C 313 27.22 16.18 15.56
CA TRP C 313 28.32 15.24 15.44
C TRP C 313 28.73 15.02 14.04
N ILE C 314 27.74 14.67 13.23
CA ILE C 314 27.89 14.48 11.80
C ILE C 314 28.40 15.74 11.10
N SER C 315 27.89 16.88 11.56
CA SER C 315 28.26 18.16 10.98
C SER C 315 29.72 18.50 11.22
N THR C 316 30.27 18.07 12.35
CA THR C 316 31.57 18.53 12.76
C THR C 316 32.60 17.42 12.70
N ARG C 317 32.16 16.23 12.32
CA ARG C 317 33.01 15.05 12.31
C ARG C 317 33.56 14.82 13.71
N ALA C 318 32.63 14.71 14.64
CA ALA C 318 32.93 14.45 16.04
C ALA C 318 33.58 13.09 16.30
N SER C 319 34.20 13.06 17.46
CA SER C 319 34.99 11.96 17.86
C SER C 319 34.72 11.72 19.34
N GLY C 320 34.54 10.45 19.72
CA GLY C 320 34.28 10.14 21.13
C GLY C 320 35.40 9.42 21.87
N MET C 321 35.25 9.30 23.17
CA MET C 321 36.29 8.72 24.00
C MET C 321 36.59 7.22 23.74
N LYS C 322 35.61 6.47 23.21
CA LYS C 322 35.77 5.03 23.04
C LYS C 322 35.64 4.66 21.57
N LYS C 323 36.02 5.57 20.69
CA LYS C 323 36.00 5.28 19.26
C LYS C 323 36.84 4.05 18.88
N ASN C 324 37.78 3.66 19.76
CA ASN C 324 38.57 2.44 19.57
C ASN C 324 37.70 1.20 19.42
N ILE C 325 36.64 1.13 20.20
CA ILE C 325 35.73 0.02 20.10
C ILE C 325 34.61 0.43 19.21
N TYR C 326 34.12 1.65 19.35
CA TYR C 326 32.81 2.02 18.71
C TYR C 326 32.91 2.73 17.36
N GLY C 327 34.10 3.19 17.00
CA GLY C 327 34.27 4.02 15.81
C GLY C 327 33.97 5.48 16.13
N ASN C 328 34.41 6.38 15.25
CA ASN C 328 34.09 7.81 15.25
C ASN C 328 32.85 7.98 14.43
N ILE C 329 32.38 9.21 14.25
CA ILE C 329 31.06 9.38 13.65
C ILE C 329 30.91 8.72 12.30
N GLU C 330 31.94 8.85 11.45
CA GLU C 330 31.96 8.35 10.06
C GLU C 330 31.81 6.84 9.97
N ASP C 331 32.19 6.16 11.06
CA ASP C 331 32.02 4.71 11.26
C ASP C 331 30.65 4.39 11.78
N LEU C 332 30.07 5.32 12.54
CA LEU C 332 28.83 5.08 13.23
C LEU C 332 27.60 5.27 12.37
N VAL C 333 27.67 6.13 11.36
CA VAL C 333 26.52 6.50 10.54
C VAL C 333 26.36 5.54 9.39
N VAL C 334 25.15 5.02 9.20
CA VAL C 334 24.86 3.98 8.19
C VAL C 334 24.01 4.66 7.14
N HIS C 335 23.21 5.62 7.56
CA HIS C 335 22.33 6.36 6.63
C HIS C 335 22.06 7.74 7.20
N MET C 336 21.63 8.70 6.38
CA MET C 336 21.16 9.99 6.89
C MET C 336 20.19 10.62 5.92
N LYS C 337 19.50 11.66 6.38
CA LYS C 337 18.50 12.36 5.59
C LYS C 337 18.77 13.85 5.73
N VAL C 338 19.05 14.57 4.63
CA VAL C 338 19.39 16.01 4.75
C VAL C 338 18.43 16.90 3.97
N VAL C 339 17.86 17.90 4.61
CA VAL C 339 17.01 18.85 3.89
C VAL C 339 17.89 19.99 3.39
N THR C 340 17.91 20.19 2.07
CA THR C 340 18.65 21.31 1.48
C THR C 340 17.73 22.13 0.54
N PRO C 341 18.12 23.38 0.22
CA PRO C 341 17.36 24.27 -0.69
C PRO C 341 17.05 23.57 -1.99
N ARG C 342 17.97 22.74 -2.44
CA ARG C 342 17.84 22.05 -3.70
C ARG C 342 16.91 20.83 -3.56
N GLY C 343 16.67 20.39 -2.33
CA GLY C 343 15.84 19.20 -2.08
C GLY C 343 16.47 18.24 -1.06
N VAL C 344 15.88 17.05 -0.94
CA VAL C 344 16.26 16.14 0.11
C VAL C 344 17.32 15.13 -0.30
N ILE C 345 18.49 15.17 0.36
CA ILE C 345 19.53 14.13 0.20
C ILE C 345 19.25 12.87 1.03
N GLU C 346 19.31 11.71 0.37
CA GLU C 346 18.95 10.44 1.02
C GLU C 346 19.30 9.20 0.20
N LYS C 347 20.12 8.29 0.73
CA LYS C 347 20.42 7.07 -0.03
C LYS C 347 19.20 6.14 -0.01
N SER C 348 19.04 5.36 -1.09
CA SER C 348 17.85 4.54 -1.27
C SER C 348 17.90 3.26 -0.42
N CYS C 349 19.10 2.85 0.01
CA CYS C 349 19.21 1.66 0.87
C CYS C 349 20.16 1.73 2.09
N GLN C 350 20.06 0.71 2.96
CA GLN C 350 20.66 0.68 4.30
C GLN C 350 21.78 -0.34 4.43
N GLY C 351 22.31 -0.76 3.28
CA GLY C 351 23.45 -1.69 3.19
C GLY C 351 24.70 -1.24 3.93
N PRO C 352 25.48 -2.20 4.41
CA PRO C 352 26.60 -1.81 5.27
C PRO C 352 27.66 -0.99 4.54
N ARG C 353 27.92 -1.35 3.29
CA ARG C 353 29.06 -0.83 2.57
C ARG C 353 28.80 -1.00 1.08
N MET C 354 28.95 0.10 0.34
CA MET C 354 28.72 0.14 -1.10
C MET C 354 29.80 0.72 -1.95
N SER C 355 29.72 0.36 -3.22
CA SER C 355 30.48 1.08 -4.23
C SER C 355 29.51 1.67 -5.26
N THR C 356 28.99 2.85 -4.94
CA THR C 356 28.11 3.58 -5.86
C THR C 356 28.54 5.01 -6.08
N GLY C 357 29.79 5.20 -6.46
CA GLY C 357 30.29 6.55 -6.74
C GLY C 357 30.92 7.13 -5.50
N PRO C 358 31.38 8.37 -5.57
CA PRO C 358 31.96 8.98 -4.37
C PRO C 358 30.90 9.03 -3.29
N ASP C 359 31.25 8.66 -2.07
CA ASP C 359 30.27 8.56 -0.97
C ASP C 359 29.79 9.92 -0.52
N ILE C 360 28.52 10.19 -0.78
CA ILE C 360 27.85 11.48 -0.48
C ILE C 360 27.70 11.72 1.02
N HIS C 361 27.54 10.67 1.81
CA HIS C 361 27.59 10.85 3.26
C HIS C 361 28.77 11.69 3.66
N HIS C 362 29.84 11.59 2.88
CA HIS C 362 31.04 12.25 3.17
C HIS C 362 31.05 13.65 2.64
N PHE C 363 30.13 13.98 1.74
CA PHE C 363 29.97 15.39 1.35
C PHE C 363 29.30 16.20 2.46
N ILE C 364 28.50 15.51 3.29
CA ILE C 364 27.70 16.13 4.34
C ILE C 364 28.44 16.14 5.68
N MET C 365 29.15 15.05 5.97
CA MET C 365 29.93 14.94 7.18
C MET C 365 31.08 15.93 7.07
N GLY C 366 31.19 16.79 8.07
CA GLY C 366 32.16 17.87 8.05
C GLY C 366 31.58 19.12 7.37
N SER C 367 30.30 19.10 7.00
CA SER C 367 29.75 20.26 6.30
C SER C 367 29.36 21.48 7.16
N GLU C 368 29.46 21.36 8.48
CA GLU C 368 29.32 22.49 9.41
C GLU C 368 28.19 23.53 9.15
N GLY C 369 27.02 23.03 8.82
CA GLY C 369 25.82 23.83 8.68
C GLY C 369 25.76 24.68 7.44
N THR C 370 26.60 24.39 6.45
CA THR C 370 26.75 25.23 5.22
C THR C 370 25.93 24.72 4.03
N LEU C 371 25.18 23.64 4.21
CA LEU C 371 24.53 22.94 3.08
C LEU C 371 23.03 22.60 3.25
N GLY C 372 22.53 22.60 4.49
CA GLY C 372 21.15 22.19 4.76
C GLY C 372 21.04 21.66 6.16
N VAL C 373 19.96 20.94 6.45
CA VAL C 373 19.76 20.50 7.82
C VAL C 373 19.59 19.01 7.85
N ILE C 374 20.51 18.29 8.50
CA ILE C 374 20.41 16.89 8.82
C ILE C 374 19.28 16.67 9.80
N THR C 375 18.31 15.85 9.38
CA THR C 375 17.06 15.74 10.13
C THR C 375 16.98 14.41 10.88
N GLU C 376 17.44 13.35 10.22
CA GLU C 376 17.46 11.99 10.79
C GLU C 376 18.74 11.25 10.40
N ALA C 377 19.16 10.32 11.23
CA ALA C 377 20.28 9.46 10.89
C ALA C 377 20.01 8.01 11.33
N THR C 378 20.69 7.06 10.72
CA THR C 378 20.78 5.72 11.29
C THR C 378 22.20 5.45 11.77
N ILE C 379 22.30 5.17 13.08
CA ILE C 379 23.54 4.92 13.81
C ILE C 379 23.61 3.48 14.28
N LYS C 380 24.80 2.88 14.22
CA LYS C 380 25.00 1.52 14.69
C LYS C 380 24.81 1.52 16.20
N ILE C 381 24.20 0.45 16.71
CA ILE C 381 24.10 0.29 18.16
C ILE C 381 24.81 -1.00 18.51
N ARG C 382 25.01 -1.24 19.79
CA ARG C 382 25.76 -2.41 20.31
C ARG C 382 25.14 -2.80 21.62
N PRO C 383 25.19 -4.08 21.98
CA PRO C 383 24.74 -4.47 23.33
C PRO C 383 25.65 -3.83 24.37
N THR C 384 25.06 -3.39 25.46
CA THR C 384 25.74 -2.81 26.61
C THR C 384 26.96 -3.67 26.93
N PRO C 385 28.11 -3.02 27.15
CA PRO C 385 29.25 -3.84 27.49
C PRO C 385 28.94 -4.63 28.80
N GLU C 386 29.34 -5.89 28.85
CA GLU C 386 29.13 -6.74 30.03
C GLU C 386 30.01 -6.28 31.23
N TYR C 387 31.19 -5.73 30.93
CA TYR C 387 32.20 -5.41 31.92
C TYR C 387 33.01 -4.15 31.59
N GLN C 388 33.24 -3.32 32.61
CA GLN C 388 34.06 -2.11 32.50
C GLN C 388 35.06 -2.10 33.60
N LYS C 389 36.28 -1.70 33.31
CA LYS C 389 37.34 -1.73 34.31
C LYS C 389 38.37 -0.67 33.94
N TYR C 390 38.75 0.13 34.93
CA TYR C 390 39.71 1.20 34.73
C TYR C 390 41.07 0.72 35.14
N GLY C 391 42.07 1.54 34.84
CA GLY C 391 43.46 1.29 35.22
C GLY C 391 44.24 2.54 34.91
N SER C 392 45.54 2.52 35.23
CA SER C 392 46.48 3.64 34.98
C SER C 392 47.90 3.13 34.99
N VAL C 393 48.79 3.88 34.35
CA VAL C 393 50.17 3.47 34.21
C VAL C 393 51.01 4.71 34.42
N ALA C 394 52.18 4.52 35.02
CA ALA C 394 53.13 5.62 35.20
C ALA C 394 54.42 5.38 34.44
N PHE C 395 54.89 6.44 33.76
CA PHE C 395 56.11 6.37 32.96
C PHE C 395 57.18 7.31 33.49
N PRO C 396 58.47 6.94 33.30
CA PRO C 396 59.54 7.81 33.78
C PRO C 396 59.54 9.20 33.14
N ASN C 397 58.98 9.31 31.95
CA ASN C 397 58.81 10.61 31.26
C ASN C 397 57.73 10.50 30.19
N PHE C 398 57.61 11.52 29.34
CA PHE C 398 56.50 11.62 28.40
C PHE C 398 56.85 10.86 27.13
N GLU C 399 58.10 11.00 26.72
CA GLU C 399 58.65 10.37 25.54
C GLU C 399 58.44 8.87 25.65
N GLN C 400 58.81 8.33 26.82
CA GLN C 400 58.65 6.91 27.10
C GLN C 400 57.19 6.48 27.00
N GLY C 401 56.31 7.30 27.58
CA GLY C 401 54.85 7.10 27.48
C GLY C 401 54.35 7.14 26.03
N VAL C 402 54.87 8.09 25.26
CA VAL C 402 54.47 8.16 23.84
C VAL C 402 54.87 6.88 23.11
N ALA C 403 56.11 6.45 23.35
CA ALA C 403 56.66 5.26 22.69
C ALA C 403 55.79 4.02 22.95
N CYS C 404 55.26 3.91 24.15
CA CYS C 404 54.42 2.82 24.60
C CYS C 404 53.09 2.88 23.87
N LEU C 405 52.53 4.08 23.80
CA LEU C 405 51.29 4.27 23.07
C LEU C 405 51.45 3.87 21.62
N ARG C 406 52.58 4.24 21.03
CA ARG C 406 52.87 3.82 19.64
C ARG C 406 52.94 2.30 19.50
N GLU C 407 53.59 1.63 20.45
CA GLU C 407 53.68 0.15 20.40
C GLU C 407 52.33 -0.52 20.58
N ILE C 408 51.54 0.03 21.49
CA ILE C 408 50.19 -0.42 21.70
C ILE C 408 49.38 -0.31 20.40
N ALA C 409 49.62 0.77 19.65
CA ALA C 409 48.91 0.96 18.41
C ALA C 409 49.46 0.03 17.35
N LYS C 410 50.76 -0.23 17.42
CA LYS C 410 51.41 -1.18 16.50
C LYS C 410 50.89 -2.63 16.64
N GLN C 411 50.49 -3.03 17.84
CA GLN C 411 49.96 -4.38 18.03
C GLN C 411 48.44 -4.33 18.04
N ARG C 412 47.89 -3.16 17.72
CA ARG C 412 46.45 -2.98 17.58
C ARG C 412 45.71 -3.48 18.81
N CYS C 413 46.19 -3.10 19.99
CA CYS C 413 45.51 -3.58 21.17
C CYS C 413 45.11 -2.47 22.14
N ALA C 414 44.77 -1.29 21.59
CA ALA C 414 44.35 -0.13 22.41
C ALA C 414 43.12 -0.60 23.12
N PRO C 415 43.00 -0.26 24.42
CA PRO C 415 41.80 -0.54 25.21
C PRO C 415 40.74 0.42 24.77
N ALA C 416 39.60 0.45 25.46
CA ALA C 416 38.55 1.31 24.97
C ALA C 416 38.97 2.81 24.97
N SER C 417 39.76 3.20 25.95
CA SER C 417 40.28 4.54 25.99
C SER C 417 41.65 4.45 26.63
N ILE C 418 42.59 5.20 26.08
CA ILE C 418 43.90 5.35 26.60
C ILE C 418 44.37 6.80 26.30
N ARG C 419 44.93 7.43 27.31
CA ARG C 419 45.23 8.84 27.24
C ARG C 419 46.47 8.98 28.04
N LEU C 420 47.46 9.65 27.47
CA LEU C 420 48.72 9.84 28.14
C LEU C 420 48.81 11.32 28.45
N MET C 421 49.02 11.62 29.71
CA MET C 421 49.21 13.03 30.05
C MET C 421 50.67 13.39 30.37
N ASP C 422 51.10 14.59 29.96
CA ASP C 422 52.45 15.09 30.31
C ASP C 422 52.51 15.37 31.80
N ASN C 423 53.73 15.57 32.29
CA ASN C 423 53.97 15.83 33.71
C ASN C 423 53.08 16.87 34.36
N GLN C 424 52.95 18.05 33.74
CA GLN C 424 52.07 19.12 34.23
C GLN C 424 50.61 18.69 34.48
N GLN C 425 50.10 17.85 33.59
CA GLN C 425 48.79 17.25 33.73
C GLN C 425 48.79 16.31 34.95
N PHE C 426 49.85 15.51 35.12
CA PHE C 426 49.97 14.69 36.34
C PHE C 426 49.84 15.56 37.60
N GLN C 427 50.77 16.50 37.82
CA GLN C 427 50.69 17.46 38.95
C GLN C 427 49.34 18.17 39.06
N PHE C 428 48.84 18.69 37.94
CA PHE C 428 47.45 19.19 37.89
C PHE C 428 46.45 18.18 38.49
N GLY C 429 46.38 17.00 37.89
CA GLY C 429 45.46 15.96 38.34
C GLY C 429 45.72 15.58 39.78
N HIS C 430 46.98 15.71 40.24
CA HIS C 430 47.34 15.42 41.62
C HIS C 430 46.69 16.41 42.55
N ALA C 431 46.84 17.70 42.25
CA ALA C 431 46.30 18.80 43.07
C ALA C 431 44.78 18.74 43.26
N LEU C 432 44.12 17.94 42.44
CA LEU C 432 42.66 17.83 42.45
C LEU C 432 42.16 16.56 43.13
N LYS C 433 43.00 15.94 43.97
CA LYS C 433 42.60 14.72 44.66
C LYS C 433 41.69 15.08 45.85
N PRO C 434 40.56 14.34 46.00
CA PRO C 434 39.58 14.51 47.08
C PRO C 434 40.16 14.76 48.48
N GLY C 457 60.52 4.52 43.11
CA GLY C 457 60.75 5.97 43.13
C GLY C 457 61.28 6.51 41.81
N PHE C 458 60.37 7.10 41.00
CA PHE C 458 60.63 7.83 39.72
C PHE C 458 61.09 9.26 39.99
N ASP C 459 61.01 10.13 38.97
CA ASP C 459 61.13 11.58 39.18
C ASP C 459 59.78 12.26 39.03
N PRO C 460 59.25 12.86 40.13
CA PRO C 460 57.89 13.41 40.13
C PRO C 460 57.74 14.69 39.29
N ASN C 461 58.85 15.25 38.82
CA ASN C 461 58.77 16.31 37.82
C ASN C 461 59.03 15.83 36.41
N GLN C 462 59.20 14.53 36.23
CA GLN C 462 59.49 13.96 34.92
C GLN C 462 58.34 13.09 34.43
N LEU C 463 57.71 12.41 35.38
CA LEU C 463 56.86 11.28 35.05
C LEU C 463 55.56 11.72 34.40
N SER C 464 55.07 10.86 33.51
CA SER C 464 53.79 11.05 32.84
C SER C 464 52.92 9.84 33.08
N VAL C 465 51.62 10.03 32.92
CA VAL C 465 50.68 9.05 33.37
C VAL C 465 49.65 8.80 32.30
N ALA C 466 49.33 7.53 32.04
CA ALA C 466 48.27 7.14 31.11
C ALA C 466 47.07 6.64 31.91
N THR C 467 45.88 7.06 31.52
CA THR C 467 44.69 6.52 32.13
C THR C 467 44.06 5.56 31.13
N LEU C 468 43.46 4.49 31.62
CA LEU C 468 42.98 3.42 30.75
C LEU C 468 41.53 3.07 31.07
N LEU C 469 40.76 2.79 30.03
CA LEU C 469 39.45 2.21 30.26
C LEU C 469 39.33 0.99 29.39
N PHE C 470 38.79 -0.10 29.95
CA PHE C 470 38.70 -1.37 29.27
C PHE C 470 37.21 -1.74 29.30
N GLU C 471 36.60 -2.06 28.16
CA GLU C 471 35.24 -2.56 28.24
C GLU C 471 34.95 -3.61 27.21
N GLY C 472 34.02 -4.52 27.53
CA GLY C 472 33.75 -5.69 26.73
C GLY C 472 33.40 -6.89 27.61
N ASP C 473 33.49 -8.08 27.01
CA ASP C 473 33.31 -9.35 27.70
C ASP C 473 34.38 -9.46 28.78
N ARG C 474 34.03 -10.01 29.94
CA ARG C 474 34.94 -10.03 31.09
C ARG C 474 36.24 -10.81 30.80
N GLU C 475 36.09 -11.90 30.05
CA GLU C 475 37.20 -12.74 29.59
C GLU C 475 38.16 -11.95 28.67
N LYS C 476 37.59 -11.27 27.68
CA LYS C 476 38.35 -10.42 26.79
C LYS C 476 39.04 -9.29 27.54
N VAL C 477 38.30 -8.59 28.42
CA VAL C 477 38.89 -7.52 29.23
C VAL C 477 40.17 -7.96 29.96
N LEU C 478 40.13 -9.12 30.61
CA LEU C 478 41.28 -9.60 31.38
C LEU C 478 42.53 -9.85 30.54
N GLN C 479 42.32 -10.43 29.35
CA GLN C 479 43.41 -10.74 28.41
C GLN C 479 44.06 -9.45 27.90
N HIS C 480 43.21 -8.52 27.50
CA HIS C 480 43.62 -7.22 26.97
C HIS C 480 44.48 -6.58 28.01
N GLU C 481 43.90 -6.43 29.19
CA GLU C 481 44.57 -5.81 30.31
C GLU C 481 45.99 -6.30 30.59
N LYS C 482 46.24 -7.59 30.40
CA LYS C 482 47.55 -8.21 30.63
C LYS C 482 48.52 -7.81 29.52
N GLN C 483 48.07 -7.94 28.28
CA GLN C 483 48.86 -7.50 27.15
C GLN C 483 49.33 -6.05 27.29
N VAL C 484 48.43 -5.19 27.76
CA VAL C 484 48.70 -3.78 27.81
C VAL C 484 49.77 -3.44 28.85
N TYR C 485 49.61 -3.95 30.10
CA TYR C 485 50.62 -3.71 31.17
C TYR C 485 51.96 -4.39 30.83
N ASP C 486 51.93 -5.47 30.06
CA ASP C 486 53.18 -6.07 29.58
C ASP C 486 53.95 -5.13 28.67
N ILE C 487 53.23 -4.49 27.75
CA ILE C 487 53.85 -3.58 26.81
C ILE C 487 54.41 -2.36 27.54
N ALA C 488 53.61 -1.78 28.44
CA ALA C 488 54.00 -0.57 29.13
C ALA C 488 55.26 -0.82 29.96
N ALA C 489 55.30 -2.00 30.61
CA ALA C 489 56.44 -2.42 31.46
C ALA C 489 57.79 -2.37 30.74
N LYS C 490 57.81 -2.81 29.49
CA LYS C 490 58.95 -2.63 28.57
C LYS C 490 59.38 -1.17 28.34
N PHE C 491 58.55 -0.20 28.71
CA PHE C 491 58.89 1.19 28.49
C PHE C 491 59.12 1.90 29.80
N GLY C 492 59.17 1.12 30.88
CA GLY C 492 59.37 1.65 32.22
C GLY C 492 58.04 1.81 32.91
N GLY C 493 56.99 1.22 32.34
CA GLY C 493 55.63 1.53 32.77
C GLY C 493 55.19 0.70 33.94
N LEU C 494 54.64 1.34 34.97
CA LEU C 494 54.12 0.61 36.13
C LEU C 494 52.72 1.05 36.46
N ALA C 495 51.86 0.07 36.70
CA ALA C 495 50.49 0.23 37.10
C ALA C 495 50.36 1.19 38.29
N ALA C 496 49.40 2.13 38.25
CA ALA C 496 49.18 3.05 39.37
C ALA C 496 47.76 2.97 39.94
N GLY C 497 47.04 1.90 39.58
CA GLY C 497 45.76 1.59 40.24
C GLY C 497 44.49 1.95 39.49
N GLU C 498 43.42 1.23 39.77
CA GLU C 498 42.16 1.47 39.09
C GLU C 498 41.51 2.79 39.50
N ASP C 499 41.56 3.12 40.78
CA ASP C 499 40.95 4.35 41.27
C ASP C 499 41.61 5.61 40.73
N ASN C 500 42.90 5.57 40.49
CA ASN C 500 43.56 6.64 39.73
C ASN C 500 42.94 6.76 38.36
N GLY C 501 42.91 5.63 37.66
CA GLY C 501 42.24 5.52 36.38
C GLY C 501 40.79 5.98 36.44
N GLN C 502 40.06 5.50 37.43
CA GLN C 502 38.69 5.98 37.67
C GLN C 502 38.65 7.51 37.83
N ARG C 503 39.61 8.06 38.57
CA ARG C 503 39.69 9.49 38.82
C ARG C 503 39.91 10.25 37.52
N GLY C 504 40.82 9.75 36.70
CA GLY C 504 41.13 10.37 35.43
C GLY C 504 39.93 10.64 34.55
N TYR C 505 39.06 9.64 34.43
CA TYR C 505 37.92 9.71 33.53
C TYR C 505 36.78 10.62 33.94
N LEU C 506 36.32 10.46 35.17
CA LEU C 506 35.27 11.31 35.74
C LEU C 506 35.63 12.81 35.69
N LEU C 507 36.89 13.11 35.94
CA LEU C 507 37.41 14.45 35.75
C LEU C 507 37.01 15.08 34.40
N THR C 508 37.05 14.28 33.33
CA THR C 508 36.90 14.83 31.99
C THR C 508 35.64 15.69 31.89
N TYR C 509 34.56 15.26 32.54
CA TYR C 509 33.32 16.02 32.51
C TYR C 509 33.28 17.33 33.35
N VAL C 510 34.28 17.58 34.20
CA VAL C 510 34.24 18.81 35.01
C VAL C 510 35.23 19.87 34.54
N ILE C 511 36.31 19.44 33.90
CA ILE C 511 37.25 20.37 33.24
C ILE C 511 36.59 21.63 32.58
N ALA C 512 35.42 21.47 31.97
CA ALA C 512 34.81 22.57 31.20
C ALA C 512 34.12 23.58 32.12
N TYR C 513 33.92 23.18 33.37
CA TYR C 513 33.42 24.08 34.40
C TYR C 513 34.57 24.90 34.98
N MET C 514 35.80 24.43 34.82
CA MET C 514 36.93 25.10 35.42
C MET C 514 37.37 26.36 34.68
N ARG C 515 37.08 26.37 33.39
CA ARG C 515 37.35 27.52 32.55
C ARG C 515 36.58 28.74 33.08
N ASP C 516 35.28 28.54 33.35
CA ASP C 516 34.45 29.54 33.98
C ASP C 516 35.03 30.03 35.33
N LEU C 517 35.61 29.13 36.11
CA LEU C 517 36.30 29.46 37.34
C LEU C 517 37.43 30.44 37.04
N GLY C 518 38.32 30.08 36.13
CA GLY C 518 39.48 30.92 35.85
C GLY C 518 39.04 32.25 35.27
N LEU C 519 37.95 32.25 34.52
CA LEU C 519 37.51 33.51 33.96
C LEU C 519 37.30 34.54 35.08
N GLU C 520 36.63 34.14 36.16
CA GLU C 520 36.36 35.08 37.26
C GLU C 520 37.53 35.39 38.19
N TYR C 521 38.73 34.92 37.85
CA TYR C 521 39.94 35.32 38.54
C TYR C 521 41.05 35.64 37.56
N TYR C 522 40.68 36.38 36.51
CA TYR C 522 41.61 36.82 35.45
C TYR C 522 42.48 35.67 34.86
N ILE C 523 41.84 34.53 34.58
CA ILE C 523 42.55 33.41 33.96
C ILE C 523 41.82 33.03 32.68
N ILE C 524 42.39 33.39 31.54
CA ILE C 524 41.86 32.92 30.26
C ILE C 524 42.62 31.68 29.86
N GLY C 525 41.87 30.71 29.41
CA GLY C 525 42.41 29.43 29.01
C GLY C 525 41.50 28.81 27.97
N GLU C 526 42.09 27.92 27.19
CA GLU C 526 41.37 27.13 26.22
C GLU C 526 42.21 25.96 25.81
N SER C 527 41.55 24.96 25.20
CA SER C 527 42.25 23.84 24.58
C SER C 527 42.06 23.73 23.04
N PHE C 528 43.06 23.11 22.40
CA PHE C 528 43.05 22.95 20.96
C PHE C 528 43.77 21.68 20.60
N GLU C 529 43.28 21.05 19.56
CA GLU C 529 43.79 19.74 19.20
C GLU C 529 44.39 19.70 17.77
N THR C 530 45.12 18.63 17.51
CA THR C 530 45.54 18.31 16.17
C THR C 530 45.66 16.80 16.05
N SER C 531 45.76 16.28 14.83
CA SER C 531 46.30 14.94 14.64
C SER C 531 47.60 14.98 13.86
N ALA C 532 48.53 14.09 14.20
CA ALA C 532 49.84 13.99 13.51
C ALA C 532 50.27 12.55 13.31
N PRO C 533 51.20 12.31 12.36
CA PRO C 533 51.83 10.99 12.20
C PRO C 533 52.63 10.60 13.43
N TRP C 534 52.78 9.30 13.69
CA TRP C 534 53.55 8.90 14.89
C TRP C 534 54.87 9.60 15.05
N ASP C 535 55.65 9.75 13.98
CA ASP C 535 57.03 10.29 14.07
C ASP C 535 57.13 11.81 14.22
N ARG C 536 56.01 12.47 14.48
CA ARG C 536 56.06 13.91 14.71
C ARG C 536 55.60 14.26 16.08
N VAL C 537 55.01 13.29 16.75
CA VAL C 537 54.29 13.54 17.99
C VAL C 537 55.13 14.22 19.08
N VAL C 538 56.30 13.63 19.37
CA VAL C 538 57.16 14.09 20.45
C VAL C 538 57.60 15.54 20.21
N ASP C 539 58.11 15.80 18.99
CA ASP C 539 58.56 17.12 18.57
C ASP C 539 57.44 18.16 18.52
N LEU C 540 56.31 17.73 17.98
CA LEU C 540 55.14 18.56 17.92
C LEU C 540 54.72 18.96 19.33
N CYS C 541 54.67 18.01 20.24
CA CYS C 541 54.33 18.35 21.63
C CYS C 541 55.25 19.43 22.22
N ARG C 542 56.55 19.16 22.18
CA ARG C 542 57.58 20.02 22.69
C ARG C 542 57.57 21.39 22.03
N ASN C 543 57.51 21.41 20.68
CA ASN C 543 57.62 22.65 19.92
C ASN C 543 56.43 23.58 20.09
N VAL C 544 55.26 22.98 20.25
CA VAL C 544 54.02 23.74 20.44
C VAL C 544 53.98 24.36 21.82
N LYS C 545 54.26 23.59 22.87
CA LYS C 545 54.35 24.16 24.22
C LYS C 545 55.36 25.30 24.33
N GLU C 546 56.59 25.04 23.89
CA GLU C 546 57.65 26.04 23.84
C GLU C 546 57.19 27.31 23.09
N ARG C 547 56.47 27.14 21.98
CA ARG C 547 56.03 28.28 21.16
C ARG C 547 55.05 29.14 21.90
N ILE C 548 54.27 28.49 22.76
CA ILE C 548 53.16 29.15 23.45
C ILE C 548 53.74 30.05 24.51
N ARG C 549 54.85 29.59 25.11
CA ARG C 549 55.51 30.33 26.18
C ARG C 549 56.24 31.54 25.66
N ARG C 550 56.96 31.35 24.55
CA ARG C 550 57.71 32.39 23.89
C ARG C 550 56.78 33.51 23.41
N GLU C 551 55.65 33.16 22.81
CA GLU C 551 54.64 34.12 22.36
C GLU C 551 54.06 34.92 23.52
N CYS C 552 53.89 34.28 24.67
CA CYS C 552 53.40 34.98 25.84
C CYS C 552 54.49 35.88 26.45
N LYS C 553 55.69 35.36 26.64
CA LYS C 553 56.83 36.20 27.06
C LYS C 553 56.89 37.44 26.16
N GLU C 554 56.96 37.24 24.85
CA GLU C 554 57.01 38.35 23.91
C GLU C 554 55.81 39.30 23.90
N LYS C 555 54.63 38.83 24.29
CA LYS C 555 53.46 39.73 24.25
C LYS C 555 53.23 40.42 25.59
N GLY C 556 54.13 40.16 26.54
CA GLY C 556 54.13 40.86 27.82
C GLY C 556 53.26 40.24 28.90
N VAL C 557 53.35 38.93 29.04
CA VAL C 557 52.66 38.22 30.10
C VAL C 557 53.69 38.08 31.22
N GLN C 558 53.26 38.30 32.46
CA GLN C 558 54.18 38.28 33.58
C GLN C 558 54.57 36.81 33.93
N PHE C 559 53.65 36.07 34.56
CA PHE C 559 53.89 34.68 34.91
C PHE C 559 53.78 33.77 33.66
N PRO C 560 54.63 32.71 33.58
CA PRO C 560 54.69 31.84 32.40
C PRO C 560 53.40 31.01 32.30
N PRO C 561 52.85 30.86 31.08
CA PRO C 561 51.53 30.25 30.96
C PRO C 561 51.53 28.78 31.31
N LEU C 562 50.37 28.29 31.75
CA LEU C 562 50.05 26.86 31.74
C LEU C 562 50.14 26.39 30.30
N SER C 563 50.96 25.39 30.08
CA SER C 563 51.20 24.90 28.73
C SER C 563 51.38 23.37 28.72
N THR C 564 50.25 22.65 28.79
CA THR C 564 50.21 21.17 28.87
C THR C 564 49.80 20.48 27.57
N CYS C 565 50.14 19.20 27.45
CA CYS C 565 49.60 18.40 26.39
C CYS C 565 49.26 16.97 26.84
N ARG C 566 48.46 16.28 26.02
CA ARG C 566 48.14 14.90 26.27
C ARG C 566 47.80 14.21 24.96
N VAL C 567 48.18 12.94 24.84
CA VAL C 567 47.80 12.17 23.67
C VAL C 567 46.44 11.56 24.00
N THR C 568 45.48 11.76 23.13
CA THR C 568 44.10 11.41 23.49
C THR C 568 43.45 10.26 22.63
N GLN C 569 44.07 9.95 21.50
CA GLN C 569 43.63 8.81 20.70
C GLN C 569 44.83 8.35 19.95
N THR C 570 44.82 7.06 19.66
CA THR C 570 45.86 6.47 18.88
C THR C 570 45.16 5.91 17.65
N TYR C 571 45.89 5.88 16.53
CA TYR C 571 45.44 5.29 15.29
C TYR C 571 46.64 4.53 14.79
N ASP C 572 46.42 3.66 13.81
CA ASP C 572 47.51 3.10 13.02
C ASP C 572 48.54 4.18 12.63
N ALA C 573 48.08 5.25 11.99
CA ALA C 573 48.98 6.18 11.30
C ALA C 573 49.38 7.35 12.16
N GLY C 574 48.84 7.42 13.36
CA GLY C 574 49.22 8.52 14.23
C GLY C 574 48.39 8.69 15.47
N ALA C 575 48.32 9.91 15.96
CA ALA C 575 47.65 10.15 17.24
C ALA C 575 46.96 11.49 17.28
N CYS C 576 45.96 11.62 18.14
CA CYS C 576 45.34 12.90 18.45
C CYS C 576 46.03 13.49 19.65
N ILE C 577 46.39 14.78 19.58
CA ILE C 577 47.14 15.52 20.63
C ILE C 577 46.33 16.69 21.17
N TYR C 578 46.08 16.73 22.46
CA TYR C 578 45.41 17.90 23.00
C TYR C 578 46.42 18.81 23.67
N PHE C 579 46.31 20.12 23.43
CA PHE C 579 47.05 21.13 24.20
C PHE C 579 46.14 21.98 25.06
N TYR C 580 46.63 22.42 26.20
CA TYR C 580 45.84 23.34 27.00
C TYR C 580 46.75 24.47 27.47
N PHE C 581 46.23 25.66 27.38
CA PHE C 581 47.00 26.85 27.56
C PHE C 581 46.11 27.81 28.30
N ALA C 582 46.72 28.47 29.30
CA ALA C 582 46.04 29.46 30.12
C ALA C 582 47.09 30.30 30.83
N PHE C 583 46.69 31.49 31.24
CA PHE C 583 47.58 32.44 31.87
C PHE C 583 46.77 33.51 32.55
N ASN C 584 47.38 34.11 33.57
CA ASN C 584 46.89 35.33 34.22
C ASN C 584 47.08 36.57 33.33
N TYR C 585 45.97 37.28 33.10
CA TYR C 585 45.92 38.42 32.18
C TYR C 585 45.63 39.77 32.86
N ARG C 586 45.77 39.83 34.18
CA ARG C 586 45.57 41.07 34.94
C ARG C 586 46.69 42.02 34.49
N GLY C 587 46.32 43.21 34.00
CA GLY C 587 47.30 44.22 33.58
C GLY C 587 47.92 44.05 32.18
N ILE C 588 47.11 43.51 31.27
CA ILE C 588 47.47 43.37 29.86
C ILE C 588 46.45 44.24 29.14
N SER C 589 46.90 45.07 28.22
CA SER C 589 45.99 46.00 27.54
C SER C 589 44.84 45.26 26.83
N ASP C 590 45.21 44.32 25.97
CA ASP C 590 44.22 43.67 25.14
C ASP C 590 44.28 42.15 25.34
N PRO C 591 43.67 41.66 26.43
CA PRO C 591 43.84 40.24 26.79
C PRO C 591 43.31 39.30 25.70
N LEU C 592 42.15 39.61 25.11
CA LEU C 592 41.64 38.81 24.01
C LEU C 592 42.62 38.73 22.85
N ALA C 593 43.15 39.89 22.43
CA ALA C 593 44.00 39.94 21.24
C ALA C 593 45.29 39.17 21.46
N VAL C 594 45.80 39.25 22.68
CA VAL C 594 46.94 38.44 23.11
C VAL C 594 46.61 36.94 23.07
N PHE C 595 45.45 36.55 23.58
CA PHE C 595 45.07 35.16 23.50
C PHE C 595 45.00 34.65 22.05
N GLU C 596 44.30 35.40 21.21
CA GLU C 596 43.93 34.95 19.89
C GLU C 596 45.12 34.96 18.93
N GLN C 597 46.12 35.75 19.26
CA GLN C 597 47.35 35.76 18.50
C GLN C 597 48.16 34.54 18.81
N THR C 598 48.32 34.27 20.11
CA THR C 598 49.00 33.09 20.61
C THR C 598 48.39 31.81 20.03
N GLU C 599 47.12 31.57 20.31
CA GLU C 599 46.37 30.51 19.64
C GLU C 599 46.68 30.38 18.15
N ALA C 600 46.75 31.50 17.44
CA ALA C 600 47.05 31.49 15.99
C ALA C 600 48.52 31.09 15.74
N ALA C 601 49.42 31.62 16.59
CA ALA C 601 50.81 31.23 16.49
C ALA C 601 50.93 29.71 16.71
N ALA C 602 50.51 29.24 17.88
CA ALA C 602 50.48 27.79 18.14
C ALA C 602 49.85 26.94 17.03
N ARG C 603 48.83 27.47 16.33
CA ARG C 603 48.29 26.71 15.17
C ARG C 603 49.31 26.60 14.05
N GLU C 604 50.09 27.66 13.85
CA GLU C 604 51.21 27.66 12.88
C GLU C 604 52.30 26.67 13.24
N GLU C 605 52.69 26.63 14.51
CA GLU C 605 53.59 25.60 15.01
C GLU C 605 53.07 24.16 14.73
N ILE C 606 51.85 23.87 15.16
CA ILE C 606 51.24 22.56 14.90
C ILE C 606 51.43 22.18 13.43
N LEU C 607 51.12 23.11 12.52
CA LEU C 607 51.20 22.85 11.07
C LEU C 607 52.65 22.72 10.58
N ALA C 608 53.56 23.52 11.15
CA ALA C 608 54.97 23.45 10.80
C ALA C 608 55.62 22.23 11.42
N ASN C 609 54.99 21.61 12.43
CA ASN C 609 55.46 20.33 12.98
C ASN C 609 54.74 19.08 12.43
N GLY C 610 53.90 19.25 11.41
CA GLY C 610 53.32 18.08 10.75
C GLY C 610 51.93 17.65 11.18
N GLY C 611 51.19 18.53 11.82
CA GLY C 611 49.89 18.20 12.39
C GLY C 611 48.79 18.85 11.59
N SER C 612 47.59 18.26 11.60
CA SER C 612 46.45 18.76 10.84
C SER C 612 45.79 20.02 11.44
N LEU C 613 44.98 20.71 10.62
CA LEU C 613 44.14 21.87 11.07
C LEU C 613 43.30 21.58 12.34
N SER C 614 42.60 20.45 12.33
CA SER C 614 41.88 19.89 13.47
C SER C 614 41.67 18.35 13.32
N HIS C 615 41.62 17.65 14.46
CA HIS C 615 41.24 16.23 14.51
C HIS C 615 39.73 16.11 14.67
N HIS C 616 39.13 16.91 15.55
CA HIS C 616 37.66 16.88 15.71
C HIS C 616 37.00 18.20 15.91
N HIS C 617 37.72 19.25 16.30
CA HIS C 617 37.09 20.56 16.47
C HIS C 617 36.40 21.01 15.24
N GLY C 618 36.97 20.69 14.08
CA GLY C 618 36.43 21.23 12.83
C GLY C 618 36.95 22.60 12.55
N VAL C 619 36.31 23.30 11.63
CA VAL C 619 36.93 24.47 11.06
C VAL C 619 36.15 25.76 11.33
N GLY C 620 34.83 25.70 11.10
CA GLY C 620 33.94 26.86 11.32
C GLY C 620 34.55 28.08 10.65
N LYS C 621 34.79 29.09 11.47
CA LYS C 621 35.32 30.35 11.00
C LYS C 621 36.63 30.67 11.70
N LEU C 622 36.93 29.91 12.74
CA LEU C 622 38.17 30.08 13.46
C LEU C 622 39.44 29.60 12.69
N ARG C 623 39.32 28.57 11.86
CA ARG C 623 40.49 28.10 11.12
C ARG C 623 40.33 28.16 9.61
N LYS C 624 39.39 28.99 9.16
CA LYS C 624 39.17 29.19 7.74
C LYS C 624 40.42 29.56 6.97
N GLN C 625 41.29 30.38 7.58
CA GLN C 625 42.43 30.94 6.83
C GLN C 625 43.54 29.92 6.46
N TRP C 626 43.46 28.71 7.02
CA TRP C 626 44.35 27.63 6.63
C TRP C 626 43.72 26.57 5.74
N LEU C 627 42.42 26.62 5.54
CA LEU C 627 41.75 25.47 4.87
C LEU C 627 42.28 25.14 3.47
N LYS C 628 42.49 26.20 2.69
CA LYS C 628 42.85 26.07 1.28
C LYS C 628 44.18 25.37 1.10
N GLU C 629 45.09 25.62 2.00
CA GLU C 629 46.38 24.97 1.99
C GLU C 629 46.30 23.55 2.60
N SER C 630 45.46 23.35 3.62
CA SER C 630 45.18 22.02 4.17
C SER C 630 44.60 21.12 3.12
N ILE C 631 43.56 21.60 2.46
CA ILE C 631 43.02 20.79 1.36
C ILE C 631 43.56 21.47 0.15
N SER C 632 43.72 20.80 -0.97
CA SER C 632 44.39 21.60 -2.03
C SER C 632 43.53 22.83 -2.45
N ASP C 633 44.07 23.71 -3.30
CA ASP C 633 43.27 24.76 -3.96
C ASP C 633 42.09 24.19 -4.74
N VAL C 634 42.36 23.16 -5.53
CA VAL C 634 41.31 22.42 -6.26
C VAL C 634 40.39 21.82 -5.21
N GLY C 635 40.98 21.14 -4.23
CA GLY C 635 40.19 20.62 -3.08
C GLY C 635 39.15 21.60 -2.55
N PHE C 636 39.60 22.79 -2.25
CA PHE C 636 38.74 23.84 -1.74
C PHE C 636 37.71 24.23 -2.77
N GLY C 637 38.16 24.32 -4.02
CA GLY C 637 37.24 24.58 -5.14
C GLY C 637 36.15 23.52 -5.30
N MET C 638 36.49 22.28 -4.99
CA MET C 638 35.48 21.18 -5.07
C MET C 638 34.33 21.38 -4.12
N LEU C 639 34.67 21.88 -2.93
CA LEU C 639 33.69 22.05 -1.89
C LEU C 639 32.78 23.21 -2.23
N LYS C 640 33.35 24.23 -2.88
CA LYS C 640 32.60 25.43 -3.26
C LYS C 640 31.55 25.04 -4.30
N SER C 641 31.96 24.19 -5.24
CA SER C 641 31.05 23.75 -6.28
CA SER C 641 31.05 23.75 -6.28
C SER C 641 29.83 23.07 -5.67
N VAL C 642 30.06 22.28 -4.62
CA VAL C 642 28.98 21.58 -3.96
C VAL C 642 28.10 22.58 -3.26
N LYS C 643 28.72 23.47 -2.51
CA LYS C 643 28.01 24.58 -1.84
C LYS C 643 27.13 25.37 -2.83
N ASP C 644 27.69 25.74 -3.99
CA ASP C 644 26.97 26.58 -4.94
C ASP C 644 25.80 25.88 -5.63
N TYR C 645 25.91 24.56 -5.77
CA TYR C 645 24.86 23.79 -6.42
C TYR C 645 23.68 23.60 -5.47
N VAL C 646 23.99 23.15 -4.28
CA VAL C 646 23.00 22.69 -3.33
C VAL C 646 22.29 23.88 -2.72
N ASP C 647 23.03 24.98 -2.57
CA ASP C 647 22.57 26.16 -1.88
C ASP C 647 22.92 27.39 -2.73
N PRO C 648 22.38 27.44 -3.97
CA PRO C 648 22.67 28.55 -4.92
C PRO C 648 22.56 29.92 -4.28
N THR C 649 21.52 30.13 -3.48
CA THR C 649 21.20 31.43 -2.93
C THR C 649 21.72 31.63 -1.52
N ASN C 650 22.62 30.75 -1.08
CA ASN C 650 23.26 30.81 0.23
C ASN C 650 22.31 31.11 1.37
N ILE C 651 21.24 30.33 1.40
CA ILE C 651 20.36 30.28 2.57
C ILE C 651 21.18 29.86 3.83
N PHE C 652 22.03 28.85 3.69
CA PHE C 652 22.80 28.37 4.84
C PHE C 652 24.06 29.16 4.98
N GLY C 653 23.92 30.32 5.64
CA GLY C 653 24.90 31.35 5.54
C GLY C 653 25.75 31.58 6.74
N ASN C 654 26.06 30.52 7.48
CA ASN C 654 26.96 30.67 8.61
C ASN C 654 28.38 31.05 8.19
N ARG C 655 28.66 30.95 6.89
CA ARG C 655 29.97 31.27 6.30
C ARG C 655 31.14 30.43 6.85
N ASN C 656 30.85 29.25 7.42
CA ASN C 656 31.90 28.32 7.85
C ASN C 656 32.72 27.78 6.69
N LEU C 657 34.01 27.50 6.90
CA LEU C 657 34.80 26.76 5.90
C LEU C 657 35.33 27.60 4.74
N LEU C 658 34.40 28.09 3.92
CA LEU C 658 34.66 28.79 2.67
C LEU C 658 34.45 30.29 2.80
N GLY D 81 56.15 -9.44 -11.81
CA GLY D 81 54.86 -8.85 -11.31
C GLY D 81 54.45 -7.51 -11.91
N ILE D 82 55.40 -6.81 -12.55
CA ILE D 82 55.13 -5.54 -13.25
C ILE D 82 54.56 -5.83 -14.65
N ILE D 83 53.47 -5.14 -14.97
CA ILE D 83 52.75 -5.25 -16.26
C ILE D 83 53.56 -4.66 -17.40
N PRO D 84 53.97 -5.51 -18.39
CA PRO D 84 54.80 -5.00 -19.50
C PRO D 84 53.96 -4.15 -20.46
N LYS D 85 54.61 -3.24 -21.20
CA LYS D 85 53.92 -2.33 -22.12
C LYS D 85 53.02 -3.08 -23.09
N LYS D 86 53.58 -4.11 -23.76
CA LYS D 86 52.83 -4.99 -24.64
C LYS D 86 52.21 -6.11 -23.83
N ARG D 87 50.94 -5.94 -23.45
CA ARG D 87 50.37 -6.78 -22.40
C ARG D 87 50.14 -8.19 -22.85
N GLN D 88 49.85 -8.34 -24.14
CA GLN D 88 49.48 -9.63 -24.77
C GLN D 88 50.60 -10.66 -24.85
N GLU D 89 51.82 -10.26 -24.53
CA GLU D 89 52.95 -11.17 -24.44
C GLU D 89 52.91 -11.99 -23.15
N LEU D 90 52.04 -11.60 -22.23
CA LEU D 90 51.90 -12.25 -20.96
C LEU D 90 50.44 -12.62 -20.71
N MET D 91 49.53 -11.74 -21.15
CA MET D 91 48.13 -11.86 -20.81
C MET D 91 47.26 -12.17 -22.00
N LYS D 92 46.16 -12.87 -21.76
CA LYS D 92 45.19 -13.07 -22.81
C LYS D 92 44.57 -11.73 -23.27
N TRP D 93 44.64 -11.47 -24.58
CA TRP D 93 44.05 -10.25 -25.16
C TRP D 93 42.53 -10.36 -25.18
N ASN D 94 42.02 -11.59 -25.04
CA ASN D 94 40.61 -11.91 -25.19
C ASN D 94 40.00 -12.69 -24.04
N GLY D 95 40.69 -12.71 -22.90
CA GLY D 95 40.16 -13.44 -21.76
C GLY D 95 40.84 -13.07 -20.47
N TRP D 96 40.56 -13.82 -19.42
CA TRP D 96 41.16 -13.53 -18.16
C TRP D 96 42.53 -14.15 -18.02
N GLY D 97 43.50 -13.35 -17.56
CA GLY D 97 44.69 -13.84 -16.89
C GLY D 97 45.93 -13.98 -17.74
N TYR D 98 46.82 -14.88 -17.33
CA TYR D 98 48.05 -15.21 -18.05
C TYR D 98 47.83 -16.15 -19.21
N ASN D 99 48.56 -15.89 -20.30
CA ASN D 99 48.58 -16.74 -21.50
C ASN D 99 48.75 -18.24 -21.20
N ASP D 100 49.69 -18.56 -20.30
CA ASP D 100 50.10 -19.92 -19.92
C ASP D 100 49.18 -20.66 -18.94
N SER D 101 48.02 -20.10 -18.66
CA SER D 101 47.11 -20.73 -17.72
C SER D 101 45.73 -20.79 -18.31
N LYS D 102 45.34 -21.97 -18.80
CA LYS D 102 43.97 -22.13 -19.23
C LYS D 102 43.47 -23.57 -19.03
N PHE D 103 42.17 -23.68 -18.84
CA PHE D 103 41.58 -24.98 -18.67
C PHE D 103 41.43 -25.59 -20.03
N PHE D 104 41.66 -26.89 -20.10
CA PHE D 104 41.47 -27.66 -21.32
C PHE D 104 41.04 -29.09 -20.99
N LEU D 105 40.69 -29.87 -22.03
CA LEU D 105 40.31 -31.29 -21.89
C LEU D 105 41.52 -32.15 -22.23
N ASN D 106 41.97 -33.00 -21.30
CA ASN D 106 43.30 -33.60 -21.45
C ASN D 106 43.38 -34.91 -22.25
N LYS D 107 44.59 -35.28 -22.66
CA LYS D 107 44.80 -36.48 -23.48
C LYS D 107 44.05 -37.72 -22.92
N LYS D 108 43.83 -37.73 -21.60
CA LYS D 108 43.20 -38.85 -20.85
C LYS D 108 41.77 -38.58 -20.31
N GLY D 109 41.01 -37.68 -20.94
CA GLY D 109 39.54 -37.53 -20.68
C GLY D 109 39.00 -36.55 -19.62
N GLN D 110 39.85 -36.12 -18.70
CA GLN D 110 39.48 -35.27 -17.57
C GLN D 110 39.87 -33.81 -17.88
N LEU D 111 39.33 -32.83 -17.15
CA LEU D 111 39.76 -31.42 -17.31
C LEU D 111 41.05 -31.13 -16.55
N GLU D 112 41.81 -30.14 -17.02
CA GLU D 112 43.12 -29.81 -16.42
C GLU D 112 43.55 -28.37 -16.77
N LEU D 113 44.40 -27.79 -15.93
CA LEU D 113 44.86 -26.43 -16.10
C LEU D 113 46.34 -26.47 -16.47
N THR D 114 46.68 -25.71 -17.52
CA THR D 114 48.02 -25.69 -18.07
C THR D 114 48.91 -24.85 -17.19
N GLY D 115 50.18 -24.76 -17.59
CA GLY D 115 51.23 -23.98 -16.92
C GLY D 115 51.59 -24.51 -15.55
N LYS D 116 52.37 -23.74 -14.79
CA LYS D 116 52.72 -24.12 -13.41
C LYS D 116 52.35 -23.03 -12.38
N ARG D 117 51.45 -22.12 -12.75
CA ARG D 117 51.29 -20.87 -12.04
C ARG D 117 50.55 -20.97 -10.70
N TYR D 118 49.57 -21.87 -10.64
CA TYR D 118 48.72 -22.01 -9.46
C TYR D 118 48.80 -23.40 -8.87
N PRO D 119 48.46 -23.54 -7.57
CA PRO D 119 48.54 -24.85 -6.91
C PRO D 119 47.78 -25.91 -7.72
N LEU D 120 46.75 -25.49 -8.44
CA LEU D 120 46.01 -26.39 -9.34
C LEU D 120 46.62 -26.59 -10.72
N SER D 121 47.58 -25.76 -11.13
CA SER D 121 48.21 -25.91 -12.46
C SER D 121 48.77 -27.32 -12.65
N GLY D 122 48.51 -27.93 -13.79
CA GLY D 122 49.03 -29.26 -14.10
C GLY D 122 48.41 -30.37 -13.27
N VAL D 123 47.29 -30.09 -12.61
CA VAL D 123 46.62 -31.09 -11.78
C VAL D 123 45.28 -31.47 -12.39
N ALA D 124 45.16 -32.74 -12.75
CA ALA D 124 43.92 -33.33 -13.28
C ALA D 124 42.76 -33.26 -12.27
N LEU D 125 41.54 -33.05 -12.79
CA LEU D 125 40.35 -32.93 -11.95
C LEU D 125 39.30 -33.91 -12.44
N PRO D 126 39.26 -35.11 -11.81
CA PRO D 126 38.56 -36.28 -12.36
C PRO D 126 37.06 -36.09 -12.59
N THR D 127 36.40 -35.45 -11.64
CA THR D 127 34.92 -35.42 -11.58
C THR D 127 34.30 -34.12 -12.10
N PHE D 128 35.14 -33.21 -12.57
CA PHE D 128 34.72 -31.87 -13.03
C PHE D 128 33.83 -31.98 -14.27
N LYS D 129 34.29 -32.73 -15.27
CA LYS D 129 33.48 -32.97 -16.45
C LYS D 129 32.09 -33.46 -16.04
N ASP D 130 32.02 -34.61 -15.36
CA ASP D 130 30.72 -35.16 -14.94
C ASP D 130 29.81 -34.08 -14.31
N TRP D 131 30.40 -33.26 -13.43
CA TRP D 131 29.69 -32.14 -12.80
C TRP D 131 29.09 -31.22 -13.83
N ILE D 132 29.92 -30.63 -14.68
CA ILE D 132 29.45 -29.75 -15.75
C ILE D 132 28.32 -30.37 -16.54
N GLN D 133 28.48 -31.65 -16.85
CA GLN D 133 27.49 -32.38 -17.62
C GLN D 133 26.17 -32.45 -16.85
N ASN D 134 26.25 -32.84 -15.57
CA ASN D 134 25.07 -32.89 -14.72
C ASN D 134 24.49 -31.52 -14.43
N THR D 135 25.37 -30.54 -14.29
CA THR D 135 24.95 -29.17 -13.96
C THR D 135 24.30 -28.44 -15.14
N PHE D 136 25.02 -28.36 -16.25
CA PHE D 136 24.56 -27.62 -17.44
C PHE D 136 23.88 -28.48 -18.50
N GLY D 137 23.91 -29.80 -18.32
CA GLY D 137 23.29 -30.74 -19.25
C GLY D 137 23.96 -30.84 -20.61
N ILE D 138 25.26 -30.56 -20.69
CA ILE D 138 26.01 -30.70 -21.95
C ILE D 138 26.98 -31.88 -21.86
N ASN D 139 27.55 -32.31 -22.98
CA ASN D 139 28.46 -33.46 -22.94
C ASN D 139 29.90 -33.11 -23.32
N LEU D 140 30.15 -31.84 -23.62
CA LEU D 140 31.48 -31.32 -24.00
C LEU D 140 31.88 -31.63 -25.45
N ASP D 141 30.93 -32.19 -26.20
CA ASP D 141 31.09 -32.44 -27.63
C ASP D 141 31.12 -31.13 -28.45
N HIS D 142 30.43 -30.12 -27.95
CA HIS D 142 30.29 -28.87 -28.70
C HIS D 142 31.22 -27.79 -28.24
N LYS D 143 32.17 -27.47 -29.11
CA LYS D 143 33.17 -26.45 -28.82
C LYS D 143 32.94 -25.28 -29.76
N THR D 144 33.09 -24.07 -29.22
CA THR D 144 33.02 -22.88 -30.04
C THR D 144 34.45 -22.53 -30.45
N THR D 145 34.57 -21.82 -31.58
CA THR D 145 35.84 -21.26 -32.06
C THR D 145 35.81 -19.75 -31.85
N SER D 146 36.86 -19.26 -31.21
CA SER D 146 37.00 -17.87 -30.91
C SER D 146 38.26 -17.31 -31.59
N LYS D 147 38.25 -16.01 -31.84
CA LYS D 147 39.42 -15.35 -32.37
C LYS D 147 40.53 -15.50 -31.36
N ALA D 148 41.70 -15.89 -31.86
CA ALA D 148 42.86 -16.26 -31.06
C ALA D 148 43.81 -15.08 -31.00
N SER D 149 43.59 -14.13 -31.89
CA SER D 149 44.29 -12.85 -31.81
C SER D 149 43.43 -11.76 -32.45
N LEU D 150 43.98 -10.56 -32.56
CA LEU D 150 43.17 -9.41 -32.91
C LEU D 150 42.99 -9.33 -34.43
N ASN D 151 41.76 -9.20 -34.92
CA ASN D 151 41.52 -8.88 -36.35
C ASN D 151 41.71 -7.38 -36.73
N PRO D 152 42.92 -7.00 -37.19
CA PRO D 152 43.30 -5.57 -37.30
C PRO D 152 42.69 -4.87 -38.52
N SER D 153 41.92 -5.64 -39.29
CA SER D 153 41.15 -5.08 -40.38
C SER D 153 39.72 -4.95 -39.88
N ASP D 154 39.60 -4.93 -38.56
CA ASP D 154 38.34 -4.64 -37.92
C ASP D 154 38.56 -3.61 -36.84
N THR D 155 39.80 -3.17 -36.63
CA THR D 155 40.02 -2.04 -35.72
C THR D 155 39.94 -0.69 -36.44
N PRO D 156 39.18 0.29 -35.88
CA PRO D 156 39.03 1.64 -36.47
C PRO D 156 40.33 2.48 -36.47
N PRO D 157 40.42 3.48 -37.36
CA PRO D 157 41.65 4.28 -37.49
C PRO D 157 41.98 5.22 -36.30
N SER D 158 43.26 5.30 -35.98
CA SER D 158 43.80 6.20 -34.99
C SER D 158 43.89 7.61 -35.60
N ILE D 159 42.99 8.50 -35.18
CA ILE D 159 42.99 9.92 -35.50
C ILE D 159 43.72 10.70 -34.38
N VAL D 160 44.88 11.27 -34.67
CA VAL D 160 45.62 12.05 -33.67
C VAL D 160 46.25 13.32 -34.29
N ASN D 161 45.81 14.50 -33.86
CA ASN D 161 46.37 15.79 -34.28
C ASN D 161 47.88 15.75 -34.34
N GLU D 162 48.39 16.24 -35.46
CA GLU D 162 49.81 16.08 -35.77
C GLU D 162 50.73 16.96 -34.91
N ASP D 163 50.21 18.10 -34.41
CA ASP D 163 51.02 19.00 -33.56
C ASP D 163 51.20 18.46 -32.16
N PHE D 164 50.07 18.07 -31.56
CA PHE D 164 50.07 17.37 -30.28
C PHE D 164 51.15 16.28 -30.29
N LEU D 165 51.11 15.43 -31.31
CA LEU D 165 52.06 14.35 -31.45
C LEU D 165 53.50 14.82 -31.53
N HIS D 166 53.73 15.99 -32.11
CA HIS D 166 55.07 16.57 -32.15
C HIS D 166 55.51 16.87 -30.72
N GLU D 167 54.65 17.57 -29.99
CA GLU D 167 54.89 17.90 -28.62
C GLU D 167 55.13 16.66 -27.73
N LEU D 168 54.27 15.66 -27.88
CA LEU D 168 54.40 14.44 -27.11
C LEU D 168 55.81 13.88 -27.25
N LYS D 169 56.30 13.84 -28.48
CA LYS D 169 57.63 13.30 -28.77
C LYS D 169 58.75 13.99 -27.93
N LYS D 170 58.72 15.33 -27.85
CA LYS D 170 59.64 16.10 -27.04
C LYS D 170 59.68 15.64 -25.59
N THR D 171 58.56 15.11 -25.11
CA THR D 171 58.43 14.73 -23.68
C THR D 171 59.13 13.41 -23.30
N ASN D 172 59.20 12.46 -24.25
CA ASN D 172 59.85 11.14 -24.09
C ASN D 172 58.91 10.13 -23.47
N ILE D 173 57.62 10.44 -23.48
CA ILE D 173 56.65 9.55 -22.90
C ILE D 173 56.32 8.47 -23.93
N SER D 174 56.77 7.28 -23.62
CA SER D 174 56.48 6.13 -24.40
C SER D 174 55.00 6.19 -24.85
N TYR D 175 54.70 5.93 -26.11
CA TYR D 175 53.31 5.83 -26.52
C TYR D 175 53.16 4.84 -27.65
N SER D 176 51.93 4.58 -28.09
CA SER D 176 51.74 3.60 -29.16
C SER D 176 50.43 3.84 -29.81
N GLN D 177 50.40 3.86 -31.14
CA GLN D 177 49.14 3.91 -31.87
C GLN D 177 48.75 2.54 -32.40
N GLU D 178 49.38 1.52 -31.85
CA GLU D 178 49.18 0.15 -32.35
C GLU D 178 47.79 -0.40 -32.03
N ALA D 179 47.13 -0.96 -33.03
CA ALA D 179 45.85 -1.66 -32.83
C ALA D 179 45.85 -2.59 -31.60
N ASP D 180 46.96 -3.27 -31.32
CA ASP D 180 47.01 -4.26 -30.23
C ASP D 180 46.91 -3.63 -28.85
N ASP D 181 47.83 -2.73 -28.60
CA ASP D 181 47.87 -1.94 -27.40
C ASP D 181 46.55 -1.19 -27.21
N ARG D 182 46.00 -0.65 -28.31
CA ARG D 182 44.75 0.09 -28.27
C ARG D 182 43.55 -0.80 -27.91
N VAL D 183 43.43 -1.95 -28.57
CA VAL D 183 42.29 -2.83 -28.34
C VAL D 183 42.38 -3.52 -26.98
N PHE D 184 43.60 -3.73 -26.50
CA PHE D 184 43.78 -4.34 -25.18
C PHE D 184 43.15 -3.47 -24.07
N ARG D 185 43.19 -2.17 -24.28
CA ARG D 185 42.78 -1.18 -23.30
C ARG D 185 41.37 -0.62 -23.55
N ALA D 186 40.56 -1.33 -24.34
CA ALA D 186 39.22 -0.86 -24.68
C ALA D 186 38.13 -1.51 -23.84
N HIS D 187 38.50 -2.41 -22.94
CA HIS D 187 37.52 -3.24 -22.28
C HIS D 187 38.04 -3.60 -20.95
N GLY D 188 37.16 -4.10 -20.08
CA GLY D 188 37.58 -4.78 -18.88
C GLY D 188 37.10 -6.23 -18.96
N HIS D 189 36.58 -6.73 -17.86
CA HIS D 189 36.24 -8.14 -17.85
C HIS D 189 34.82 -8.50 -17.68
N CYS D 190 33.94 -7.66 -18.20
CA CYS D 190 32.53 -8.01 -18.29
C CYS D 190 32.31 -9.03 -19.41
N LEU D 191 31.36 -9.93 -19.18
CA LEU D 191 30.99 -10.94 -20.15
C LEU D 191 30.84 -10.37 -21.57
N HIS D 192 29.98 -9.37 -21.73
CA HIS D 192 29.78 -8.65 -22.99
C HIS D 192 31.06 -8.31 -23.71
N GLU D 193 32.03 -7.78 -22.99
CA GLU D 193 33.31 -7.39 -23.55
C GLU D 193 34.18 -8.57 -23.94
N ILE D 194 34.13 -9.63 -23.15
CA ILE D 194 34.88 -10.85 -23.42
C ILE D 194 34.32 -11.56 -24.65
N PHE D 195 33.00 -11.46 -24.81
CA PHE D 195 32.29 -12.02 -25.96
C PHE D 195 32.65 -11.26 -27.24
N LEU D 196 32.60 -9.93 -27.20
CA LEU D 196 33.05 -9.11 -28.34
C LEU D 196 34.50 -9.32 -28.74
N LEU D 197 35.38 -9.45 -27.74
CA LEU D 197 36.77 -9.71 -28.03
C LEU D 197 36.91 -11.01 -28.81
N ARG D 198 36.10 -11.99 -28.46
CA ARG D 198 36.18 -13.31 -29.07
C ARG D 198 35.44 -13.42 -30.40
N GLU D 199 34.41 -12.59 -30.58
CA GLU D 199 33.45 -12.75 -31.67
C GLU D 199 33.32 -11.56 -32.57
N GLY D 200 33.18 -10.37 -31.99
CA GLY D 200 32.93 -9.16 -32.75
C GLY D 200 34.09 -8.19 -32.63
N MET D 201 33.75 -6.92 -32.40
CA MET D 201 34.71 -5.82 -32.19
C MET D 201 33.98 -4.60 -31.58
N PHE D 202 34.73 -3.72 -30.94
CA PHE D 202 34.15 -2.56 -30.30
C PHE D 202 33.94 -1.42 -31.28
N GLU D 203 32.86 -0.66 -31.06
CA GLU D 203 32.56 0.52 -31.85
C GLU D 203 33.68 1.50 -31.78
N ARG D 204 34.17 1.75 -30.56
CA ARG D 204 35.16 2.81 -30.28
C ARG D 204 36.23 2.27 -29.33
N ILE D 205 37.50 2.66 -29.56
CA ILE D 205 38.66 2.22 -28.78
C ILE D 205 39.66 3.39 -28.60
N PRO D 206 40.61 3.27 -27.67
CA PRO D 206 41.59 4.36 -27.61
C PRO D 206 42.35 4.60 -28.94
N ASP D 207 42.72 5.87 -29.15
CA ASP D 207 43.40 6.32 -30.36
C ASP D 207 44.93 6.26 -30.22
N ILE D 208 45.37 6.45 -28.99
CA ILE D 208 46.77 6.43 -28.66
C ILE D 208 46.93 5.99 -27.19
N VAL D 209 47.92 5.13 -26.93
CA VAL D 209 48.25 4.70 -25.58
C VAL D 209 49.50 5.43 -25.04
N LEU D 210 49.43 5.94 -23.81
CA LEU D 210 50.56 6.61 -23.17
C LEU D 210 51.04 5.91 -21.89
N TRP D 211 52.35 5.88 -21.63
CA TRP D 211 52.92 5.29 -20.41
C TRP D 211 53.70 6.28 -19.56
N PRO D 212 52.99 7.10 -18.78
CA PRO D 212 53.73 7.96 -17.86
C PRO D 212 54.40 7.05 -16.86
N THR D 213 55.51 7.52 -16.32
CA THR D 213 56.30 6.74 -15.41
C THR D 213 56.43 7.51 -14.11
N CYS D 214 55.70 8.60 -13.97
CA CYS D 214 55.74 9.33 -12.70
C CYS D 214 54.66 10.42 -12.72
N HIS D 215 54.49 11.05 -11.57
CA HIS D 215 53.52 12.14 -11.41
C HIS D 215 53.71 13.20 -12.48
N ASP D 216 54.87 13.83 -12.51
CA ASP D 216 55.16 14.92 -13.44
C ASP D 216 54.80 14.53 -14.88
N ASP D 217 55.02 13.29 -15.26
CA ASP D 217 54.65 12.83 -16.61
C ASP D 217 53.21 13.10 -16.87
N VAL D 218 52.40 12.71 -15.88
CA VAL D 218 50.94 12.80 -15.95
C VAL D 218 50.47 14.25 -16.03
N VAL D 219 51.17 15.15 -15.34
CA VAL D 219 50.84 16.57 -15.38
C VAL D 219 50.89 17.07 -16.81
N LYS D 220 51.98 16.71 -17.49
CA LYS D 220 52.24 17.06 -18.89
C LYS D 220 51.16 16.50 -19.81
N ILE D 221 50.79 15.25 -19.61
CA ILE D 221 49.69 14.70 -20.40
C ILE D 221 48.39 15.47 -20.23
N VAL D 222 47.97 15.69 -18.99
CA VAL D 222 46.75 16.44 -18.75
C VAL D 222 46.77 17.84 -19.41
N ASN D 223 47.83 18.64 -19.15
CA ASN D 223 48.04 19.92 -19.90
C ASN D 223 48.01 19.82 -21.44
N LEU D 224 48.53 18.73 -22.00
CA LEU D 224 48.42 18.54 -23.46
C LEU D 224 46.96 18.37 -23.88
N ALA D 225 46.20 17.56 -23.12
CA ALA D 225 44.76 17.35 -23.37
C ALA D 225 43.94 18.64 -23.33
N CYS D 226 44.31 19.55 -22.43
CA CYS D 226 43.61 20.84 -22.35
C CYS D 226 43.82 21.67 -23.63
N LYS D 227 45.09 21.94 -23.92
CA LYS D 227 45.57 22.57 -25.15
C LYS D 227 44.99 21.94 -26.44
N TYR D 228 44.94 20.62 -26.52
CA TYR D 228 44.45 19.93 -27.72
C TYR D 228 43.04 19.31 -27.65
N ASN D 229 42.22 19.73 -26.70
CA ASN D 229 40.84 19.19 -26.58
C ASN D 229 40.76 17.64 -26.73
N LEU D 230 41.63 16.92 -26.02
CA LEU D 230 41.67 15.47 -26.12
C LEU D 230 40.89 14.92 -24.96
N CYS D 231 40.67 13.62 -24.96
CA CYS D 231 39.93 12.98 -23.93
C CYS D 231 40.79 11.85 -23.37
N ILE D 232 40.82 11.72 -22.04
CA ILE D 232 41.69 10.75 -21.36
C ILE D 232 40.86 9.76 -20.58
N ILE D 233 41.06 8.47 -20.85
CA ILE D 233 40.46 7.40 -20.08
C ILE D 233 41.60 6.70 -19.31
N PRO D 234 41.58 6.76 -17.97
CA PRO D 234 42.73 6.14 -17.35
C PRO D 234 42.57 4.65 -17.30
N ILE D 235 43.67 3.91 -17.41
CA ILE D 235 43.63 2.46 -17.15
C ILE D 235 44.78 1.99 -16.26
N GLY D 236 44.48 0.99 -15.44
CA GLY D 236 45.44 0.37 -14.53
C GLY D 236 45.59 -1.09 -14.93
N GLY D 237 45.06 -2.02 -14.15
CA GLY D 237 45.14 -3.44 -14.52
C GLY D 237 44.09 -3.93 -15.52
N GLY D 238 43.18 -3.06 -15.94
CA GLY D 238 42.07 -3.37 -16.85
C GLY D 238 41.11 -4.46 -16.39
N THR D 239 40.91 -4.54 -15.07
CA THR D 239 40.07 -5.59 -14.50
C THR D 239 38.64 -5.11 -14.24
N SER D 240 38.36 -3.88 -14.61
CA SER D 240 37.01 -3.33 -14.48
C SER D 240 35.96 -4.35 -14.86
N VAL D 241 34.97 -4.58 -14.01
CA VAL D 241 33.78 -5.38 -14.32
C VAL D 241 32.48 -4.56 -14.33
N SER D 242 32.58 -3.29 -14.76
CA SER D 242 31.45 -2.36 -14.82
C SER D 242 31.35 -1.51 -16.11
N TYR D 243 32.06 -1.90 -17.18
CA TYR D 243 32.20 -1.06 -18.42
C TYR D 243 32.92 0.27 -18.16
N GLY D 244 33.73 0.30 -17.12
CA GLY D 244 34.34 1.57 -16.71
C GLY D 244 35.45 2.09 -17.59
N LEU D 245 35.90 1.28 -18.55
CA LEU D 245 36.94 1.68 -19.48
C LEU D 245 36.40 1.65 -20.92
N MET D 246 35.20 1.13 -21.14
CA MET D 246 34.60 1.22 -22.46
C MET D 246 34.64 2.67 -22.98
N CYS D 247 34.97 2.84 -24.26
CA CYS D 247 35.00 4.15 -24.89
C CYS D 247 33.64 4.49 -25.42
N PRO D 248 33.10 5.64 -24.99
CA PRO D 248 31.79 6.07 -25.54
C PRO D 248 31.79 6.12 -27.09
N ALA D 249 30.92 5.29 -27.71
CA ALA D 249 30.79 5.16 -29.18
C ALA D 249 30.79 6.47 -29.97
N ASP D 250 30.23 7.53 -29.38
CA ASP D 250 30.06 8.80 -30.08
C ASP D 250 31.07 9.83 -29.61
N GLU D 251 32.10 9.37 -28.92
CA GLU D 251 33.16 10.29 -28.52
C GLU D 251 34.08 10.57 -29.72
N THR D 252 33.94 11.77 -30.27
CA THR D 252 34.73 12.15 -31.44
C THR D 252 36.19 12.63 -31.14
N ARG D 253 36.51 13.05 -29.92
CA ARG D 253 37.87 13.57 -29.71
C ARG D 253 38.94 12.47 -29.74
N THR D 254 40.21 12.86 -29.85
CA THR D 254 41.27 11.87 -29.63
C THR D 254 41.12 11.35 -28.18
N ILE D 255 40.84 10.06 -28.10
CA ILE D 255 40.90 9.30 -26.86
C ILE D 255 42.29 8.77 -26.54
N ILE D 256 42.80 9.23 -25.42
CA ILE D 256 44.00 8.69 -24.83
C ILE D 256 43.64 7.63 -23.81
N SER D 257 44.23 6.45 -23.92
CA SER D 257 44.22 5.50 -22.80
C SER D 257 45.47 5.76 -21.98
N LEU D 258 45.30 6.50 -20.88
CA LEU D 258 46.43 6.82 -20.01
C LEU D 258 46.71 5.63 -19.11
N ASP D 259 47.72 4.85 -19.51
CA ASP D 259 48.04 3.55 -18.92
C ASP D 259 49.05 3.79 -17.83
N THR D 260 48.72 3.38 -16.59
CA THR D 260 49.53 3.70 -15.40
C THR D 260 50.54 2.65 -15.04
N SER D 261 50.52 1.54 -15.76
CA SER D 261 51.32 0.38 -15.37
C SER D 261 52.84 0.59 -15.31
N GLN D 262 53.36 1.67 -15.90
CA GLN D 262 54.79 1.93 -15.78
C GLN D 262 55.06 2.97 -14.70
N MET D 263 54.06 3.27 -13.91
CA MET D 263 54.20 4.26 -12.85
C MET D 263 53.90 3.48 -11.58
N ASN D 264 54.89 2.71 -11.11
CA ASN D 264 54.62 1.55 -10.26
C ASN D 264 55.60 1.34 -9.11
N ARG D 265 56.25 2.42 -8.71
CA ARG D 265 57.18 2.37 -7.60
C ARG D 265 56.56 2.38 -6.17
N ILE D 266 57.23 1.70 -5.26
CA ILE D 266 57.11 1.98 -3.85
C ILE D 266 58.11 3.11 -3.71
N LEU D 267 57.62 4.33 -3.57
CA LEU D 267 58.54 5.44 -3.37
C LEU D 267 59.30 5.22 -2.07
N TRP D 268 58.59 4.99 -0.98
CA TRP D 268 59.22 4.62 0.29
C TRP D 268 58.30 3.91 1.23
N VAL D 269 58.89 3.16 2.15
CA VAL D 269 58.16 2.55 3.23
C VAL D 269 58.47 3.38 4.46
N ASP D 270 57.44 3.74 5.21
CA ASP D 270 57.61 4.51 6.42
C ASP D 270 57.44 3.59 7.63
N GLU D 271 58.53 3.03 8.13
CA GLU D 271 58.44 2.08 9.24
C GLU D 271 57.99 2.64 10.60
N ASN D 272 58.14 3.95 10.84
CA ASN D 272 57.66 4.56 12.11
C ASN D 272 56.16 4.76 12.10
N ASN D 273 55.66 5.23 10.96
CA ASN D 273 54.26 5.56 10.83
C ASN D 273 53.47 4.34 10.31
N LEU D 274 54.18 3.31 9.85
CA LEU D 274 53.58 2.12 9.23
C LEU D 274 52.73 2.42 8.00
N THR D 275 53.35 3.10 7.05
CA THR D 275 52.76 3.39 5.76
C THR D 275 53.78 3.19 4.63
N ALA D 276 53.27 2.96 3.44
CA ALA D 276 54.05 2.95 2.22
C ALA D 276 53.51 4.02 1.28
N HIS D 277 54.38 4.89 0.78
CA HIS D 277 54.07 5.82 -0.30
C HIS D 277 54.28 5.11 -1.63
N VAL D 278 53.19 4.82 -2.34
CA VAL D 278 53.33 4.13 -3.57
C VAL D 278 52.83 4.94 -4.74
N GLU D 279 53.20 4.53 -5.95
CA GLU D 279 52.62 5.10 -7.18
C GLU D 279 51.40 4.27 -7.57
N ALA D 280 50.55 4.84 -8.40
CA ALA D 280 49.23 4.34 -8.53
C ALA D 280 49.13 3.09 -9.40
N GLY D 281 50.11 2.90 -10.26
CA GLY D 281 50.19 1.76 -11.17
C GLY D 281 50.66 0.43 -10.59
N ILE D 282 51.18 0.40 -9.37
CA ILE D 282 51.58 -0.89 -8.79
C ILE D 282 50.40 -1.87 -8.63
N THR D 283 50.62 -3.13 -8.99
CA THR D 283 49.65 -4.19 -8.79
C THR D 283 49.70 -4.66 -7.34
N GLY D 284 48.67 -5.42 -6.94
CA GLY D 284 48.60 -6.00 -5.61
C GLY D 284 49.64 -7.07 -5.31
N GLN D 285 49.82 -8.00 -6.24
CA GLN D 285 50.93 -8.97 -6.15
C GLN D 285 52.31 -8.33 -5.99
N GLU D 286 52.60 -7.31 -6.79
CA GLU D 286 53.89 -6.64 -6.71
C GLU D 286 54.06 -5.90 -5.38
N LEU D 287 53.01 -5.23 -4.95
CA LEU D 287 53.01 -4.45 -3.73
C LEU D 287 53.28 -5.32 -2.52
N GLU D 288 52.60 -6.47 -2.45
CA GLU D 288 52.75 -7.40 -1.31
C GLU D 288 54.12 -8.06 -1.32
N ARG D 289 54.49 -8.59 -2.49
CA ARG D 289 55.79 -9.25 -2.74
C ARG D 289 56.96 -8.35 -2.28
N GLN D 290 56.96 -7.10 -2.73
CA GLN D 290 58.01 -6.15 -2.33
C GLN D 290 58.07 -5.88 -0.85
N LEU D 291 56.88 -5.78 -0.24
CA LEU D 291 56.75 -5.37 1.15
C LEU D 291 57.11 -6.52 2.03
N LYS D 292 56.83 -7.72 1.52
CA LYS D 292 57.09 -8.94 2.26
C LYS D 292 58.59 -9.04 2.45
N GLU D 293 59.37 -8.43 1.56
CA GLU D 293 60.82 -8.43 1.70
C GLU D 293 61.34 -7.67 2.95
N SER D 294 60.72 -6.54 3.28
CA SER D 294 61.00 -5.82 4.55
C SER D 294 60.25 -6.41 5.77
N GLY D 295 59.38 -7.41 5.57
CA GLY D 295 58.54 -7.94 6.67
C GLY D 295 57.18 -7.23 6.83
N TYR D 296 56.69 -6.65 5.74
CA TYR D 296 55.37 -6.00 5.80
C TYR D 296 54.34 -6.54 4.78
N CYS D 297 53.10 -6.19 5.00
CA CYS D 297 52.08 -6.38 3.97
C CYS D 297 51.05 -5.24 4.05
N THR D 298 50.22 -5.10 3.02
CA THR D 298 49.01 -4.31 3.18
C THR D 298 47.88 -5.21 3.61
N GLY D 299 47.89 -6.46 3.19
CA GLY D 299 46.77 -7.36 3.44
C GLY D 299 45.52 -7.08 2.63
N HIS D 300 45.58 -6.12 1.70
CA HIS D 300 44.44 -5.82 0.79
C HIS D 300 44.49 -6.78 -0.33
N GLU D 301 43.58 -7.76 -0.34
CA GLU D 301 43.68 -8.85 -1.32
C GLU D 301 42.45 -9.06 -2.12
N PRO D 302 42.19 -8.18 -3.09
CA PRO D 302 41.03 -8.36 -3.94
C PRO D 302 41.32 -9.54 -4.85
N ASP D 303 40.31 -10.23 -5.32
CA ASP D 303 40.59 -11.43 -6.15
C ASP D 303 41.41 -11.16 -7.42
N SER D 304 41.42 -9.89 -7.86
CA SER D 304 42.13 -9.40 -9.06
C SER D 304 43.53 -8.86 -8.74
N LEU D 305 44.02 -9.16 -7.55
CA LEU D 305 45.28 -8.60 -7.05
C LEU D 305 46.45 -8.80 -8.00
N GLU D 306 46.39 -9.81 -8.86
CA GLU D 306 47.47 -10.08 -9.78
C GLU D 306 47.68 -8.92 -10.76
N PHE D 307 46.60 -8.21 -11.12
CA PHE D 307 46.63 -7.13 -12.12
C PHE D 307 46.06 -5.80 -11.64
N SER D 308 45.05 -5.84 -10.76
CA SER D 308 44.41 -4.59 -10.33
C SER D 308 45.43 -3.75 -9.54
N THR D 309 45.26 -2.44 -9.60
CA THR D 309 46.26 -1.51 -9.12
C THR D 309 45.74 -0.66 -7.98
N VAL D 310 46.66 -0.02 -7.26
CA VAL D 310 46.34 0.90 -6.19
C VAL D 310 45.44 2.03 -6.66
N GLY D 311 45.76 2.55 -7.84
CA GLY D 311 44.93 3.55 -8.46
C GLY D 311 43.56 3.02 -8.82
N GLY D 312 43.47 1.76 -9.27
CA GLY D 312 42.13 1.17 -9.58
C GLY D 312 41.26 1.00 -8.32
N TRP D 313 41.85 0.44 -7.25
CA TRP D 313 41.13 0.24 -5.99
C TRP D 313 40.47 1.46 -5.45
N ILE D 314 41.21 2.57 -5.37
CA ILE D 314 40.68 3.85 -4.93
C ILE D 314 39.52 4.26 -5.82
N SER D 315 39.71 4.12 -7.13
CA SER D 315 38.72 4.62 -8.09
C SER D 315 37.40 3.85 -8.04
N THR D 316 37.46 2.58 -7.67
CA THR D 316 36.28 1.76 -7.73
C THR D 316 35.79 1.29 -6.36
N ARG D 317 36.36 1.85 -5.28
CA ARG D 317 36.11 1.44 -3.90
CA ARG D 317 36.14 1.43 -3.88
C ARG D 317 36.27 -0.09 -3.70
N ALA D 318 37.46 -0.62 -3.95
CA ALA D 318 37.64 -2.09 -3.96
C ALA D 318 37.63 -2.63 -2.57
N SER D 319 37.36 -3.93 -2.49
CA SER D 319 37.27 -4.62 -1.22
C SER D 319 38.09 -5.89 -1.27
N GLY D 320 38.74 -6.23 -0.16
CA GLY D 320 39.64 -7.36 -0.19
C GLY D 320 39.22 -8.52 0.65
N MET D 321 39.86 -9.66 0.41
CA MET D 321 39.50 -10.85 1.17
C MET D 321 39.64 -10.72 2.69
N LYS D 322 40.64 -9.97 3.16
CA LYS D 322 40.85 -9.86 4.60
C LYS D 322 40.53 -8.47 5.15
N LYS D 323 39.46 -7.87 4.61
CA LYS D 323 39.06 -6.53 5.04
C LYS D 323 38.75 -6.54 6.52
N ASN D 324 38.43 -7.72 7.04
CA ASN D 324 38.10 -7.86 8.47
C ASN D 324 39.22 -7.41 9.37
N ILE D 325 40.47 -7.57 8.92
CA ILE D 325 41.68 -7.24 9.70
C ILE D 325 42.32 -6.00 9.14
N TYR D 326 42.41 -5.92 7.82
CA TYR D 326 43.17 -4.85 7.24
C TYR D 326 42.32 -3.67 6.89
N GLY D 327 41.02 -3.87 6.69
CA GLY D 327 40.19 -2.79 6.16
C GLY D 327 39.96 -2.92 4.65
N ASN D 328 38.98 -2.15 4.17
CA ASN D 328 38.69 -1.99 2.75
C ASN D 328 39.54 -0.76 2.32
N ILE D 329 39.49 -0.40 1.04
CA ILE D 329 40.37 0.60 0.49
C ILE D 329 40.15 1.95 1.17
N GLU D 330 38.93 2.27 1.62
CA GLU D 330 38.66 3.56 2.34
C GLU D 330 39.30 3.63 3.72
N ASP D 331 39.54 2.44 4.26
CA ASP D 331 40.18 2.25 5.56
C ASP D 331 41.71 2.28 5.42
N LEU D 332 42.18 1.85 4.25
CA LEU D 332 43.57 1.67 3.93
C LEU D 332 44.27 2.91 3.45
N VAL D 333 43.58 3.77 2.70
CA VAL D 333 44.15 5.01 2.20
C VAL D 333 44.37 6.10 3.26
N VAL D 334 45.59 6.61 3.37
CA VAL D 334 45.91 7.72 4.31
C VAL D 334 46.09 9.08 3.62
N HIS D 335 46.49 9.04 2.36
CA HIS D 335 46.80 10.21 1.59
C HIS D 335 46.82 9.85 0.14
N MET D 336 46.51 10.81 -0.72
CA MET D 336 46.57 10.61 -2.18
C MET D 336 46.90 11.91 -2.85
N LYS D 337 47.41 11.78 -4.07
CA LYS D 337 47.69 12.91 -4.96
C LYS D 337 46.96 12.62 -6.26
N VAL D 338 46.34 13.64 -6.82
CA VAL D 338 45.45 13.49 -7.96
C VAL D 338 45.64 14.64 -8.93
N VAL D 339 45.86 14.31 -10.20
CA VAL D 339 45.96 15.30 -11.30
C VAL D 339 44.62 15.47 -11.99
N THR D 340 44.11 16.69 -11.95
CA THR D 340 42.86 17.04 -12.61
C THR D 340 43.15 18.16 -13.64
N PRO D 341 42.26 18.35 -14.63
CA PRO D 341 42.40 19.51 -15.51
C PRO D 341 42.59 20.80 -14.74
N ARG D 342 41.99 20.90 -13.56
CA ARG D 342 42.08 22.11 -12.76
C ARG D 342 43.38 22.28 -11.95
N GLY D 343 44.17 21.22 -11.85
CA GLY D 343 45.30 21.23 -10.95
C GLY D 343 45.38 19.97 -10.09
N VAL D 344 46.30 20.01 -9.13
CA VAL D 344 46.60 18.84 -8.31
C VAL D 344 45.83 18.90 -6.99
N ILE D 345 45.19 17.77 -6.66
CA ILE D 345 44.55 17.63 -5.35
C ILE D 345 45.41 16.76 -4.47
N GLU D 346 45.82 17.32 -3.34
CA GLU D 346 46.34 16.52 -2.26
C GLU D 346 46.16 17.30 -0.99
N LYS D 347 45.90 16.61 0.11
CA LYS D 347 45.91 17.26 1.44
C LYS D 347 47.33 17.63 1.85
N SER D 348 47.48 18.64 2.70
CA SER D 348 48.81 19.12 3.13
C SER D 348 49.52 18.21 4.16
N CYS D 349 48.82 17.30 4.81
CA CYS D 349 49.48 16.56 5.86
C CYS D 349 49.01 15.14 5.96
N GLN D 350 49.73 14.36 6.75
CA GLN D 350 49.60 12.91 6.78
C GLN D 350 48.96 12.47 8.09
N GLY D 351 48.20 13.38 8.71
CA GLY D 351 47.39 13.04 9.89
C GLY D 351 46.53 11.77 9.66
N PRO D 352 46.32 10.98 10.74
CA PRO D 352 45.57 9.76 10.58
C PRO D 352 44.07 10.03 10.42
N ARG D 353 43.55 11.10 11.03
CA ARG D 353 42.12 11.34 11.02
C ARG D 353 41.92 12.81 11.25
N MET D 354 41.25 13.50 10.33
CA MET D 354 40.98 14.94 10.55
C MET D 354 39.54 15.38 10.48
N SER D 355 39.35 16.63 10.85
CA SER D 355 38.05 17.27 10.76
C SER D 355 38.27 18.63 10.09
N THR D 356 38.31 18.61 8.76
CA THR D 356 38.53 19.84 8.04
C THR D 356 37.58 19.80 6.86
N GLY D 357 36.29 19.72 7.16
CA GLY D 357 35.26 19.79 6.12
C GLY D 357 34.95 18.42 5.53
N PRO D 358 34.03 18.34 4.57
CA PRO D 358 33.83 17.05 3.89
C PRO D 358 35.19 16.54 3.44
N ASP D 359 35.43 15.26 3.64
CA ASP D 359 36.71 14.62 3.29
C ASP D 359 36.81 14.43 1.77
N ILE D 360 37.69 15.23 1.14
CA ILE D 360 37.92 15.20 -0.32
C ILE D 360 38.47 13.86 -0.83
N HIS D 361 39.11 13.08 0.03
CA HIS D 361 39.47 11.71 -0.36
C HIS D 361 38.25 10.94 -0.82
N HIS D 362 37.11 11.28 -0.26
CA HIS D 362 35.86 10.57 -0.58
C HIS D 362 35.16 11.09 -1.79
N PHE D 363 35.56 12.27 -2.25
CA PHE D 363 35.08 12.75 -3.52
C PHE D 363 35.84 12.04 -4.62
N ILE D 364 37.03 11.58 -4.30
CA ILE D 364 37.82 10.85 -5.29
C ILE D 364 37.64 9.32 -5.26
N MET D 365 37.39 8.76 -4.08
CA MET D 365 37.20 7.32 -4.00
C MET D 365 35.87 6.96 -4.64
N GLY D 366 35.92 5.97 -5.50
CA GLY D 366 34.77 5.64 -6.34
C GLY D 366 34.46 6.67 -7.43
N SER D 367 35.44 7.50 -7.84
CA SER D 367 35.15 8.44 -8.93
C SER D 367 35.36 7.82 -10.30
N GLU D 368 35.91 6.61 -10.34
CA GLU D 368 35.88 5.83 -11.59
C GLU D 368 36.41 6.55 -12.86
N GLY D 369 37.56 7.22 -12.73
CA GLY D 369 38.23 7.86 -13.87
C GLY D 369 37.55 9.04 -14.53
N THR D 370 36.55 9.62 -13.87
CA THR D 370 35.78 10.70 -14.46
C THR D 370 36.34 12.08 -14.00
N LEU D 371 37.29 12.07 -13.10
CA LEU D 371 37.70 13.31 -12.45
C LEU D 371 39.12 13.73 -12.78
N GLY D 372 40.02 12.77 -12.91
CA GLY D 372 41.43 13.06 -13.11
C GLY D 372 42.18 11.77 -12.87
N VAL D 373 43.50 11.87 -12.72
CA VAL D 373 44.40 10.72 -12.58
C VAL D 373 44.97 10.66 -11.17
N ILE D 374 44.75 9.56 -10.49
CA ILE D 374 45.40 9.31 -9.20
C ILE D 374 46.84 8.81 -9.49
N THR D 375 47.85 9.62 -9.10
CA THR D 375 49.28 9.28 -9.29
C THR D 375 49.93 8.63 -8.08
N GLU D 376 49.61 9.12 -6.90
CA GLU D 376 50.23 8.64 -5.68
C GLU D 376 49.23 8.43 -4.52
N ALA D 377 49.54 7.49 -3.66
CA ALA D 377 48.70 7.19 -2.53
C ALA D 377 49.59 6.67 -1.41
N THR D 378 49.20 6.98 -0.18
CA THR D 378 49.93 6.48 0.96
C THR D 378 48.94 5.52 1.55
N ILE D 379 49.41 4.33 1.90
CA ILE D 379 48.60 3.22 2.37
C ILE D 379 49.20 2.62 3.64
N LYS D 380 48.34 2.29 4.61
CA LYS D 380 48.76 1.61 5.82
C LYS D 380 49.37 0.26 5.49
N ILE D 381 50.42 -0.10 6.24
CA ILE D 381 50.96 -1.46 6.19
C ILE D 381 50.99 -2.05 7.59
N ARG D 382 51.27 -3.34 7.67
CA ARG D 382 51.21 -4.02 8.93
C ARG D 382 52.33 -5.01 8.86
N PRO D 383 52.89 -5.41 10.03
CA PRO D 383 53.83 -6.53 10.00
C PRO D 383 53.11 -7.75 9.56
N THR D 384 53.71 -8.45 8.60
CA THR D 384 53.35 -9.83 8.27
C THR D 384 52.84 -10.57 9.49
N PRO D 385 51.70 -11.27 9.37
CA PRO D 385 51.19 -12.04 10.52
C PRO D 385 52.17 -13.17 11.00
N GLU D 386 52.13 -13.50 12.30
CA GLU D 386 52.95 -14.58 12.86
C GLU D 386 52.51 -15.94 12.30
N TYR D 387 51.21 -16.18 12.30
CA TYR D 387 50.71 -17.50 12.06
C TYR D 387 49.45 -17.36 11.25
N GLN D 388 49.12 -18.36 10.41
CA GLN D 388 47.78 -18.48 9.82
C GLN D 388 47.18 -19.88 9.84
N LYS D 389 45.86 -19.97 9.70
CA LYS D 389 45.17 -21.22 9.81
C LYS D 389 43.82 -21.26 9.14
N TYR D 390 43.57 -22.36 8.45
CA TYR D 390 42.36 -22.51 7.68
C TYR D 390 41.41 -23.35 8.46
N GLY D 391 40.13 -23.20 8.16
CA GLY D 391 39.11 -24.09 8.70
C GLY D 391 37.87 -24.11 7.84
N SER D 392 36.91 -24.93 8.24
CA SER D 392 35.65 -24.94 7.54
C SER D 392 34.57 -25.44 8.47
N VAL D 393 33.33 -25.24 8.06
CA VAL D 393 32.19 -25.60 8.88
C VAL D 393 31.09 -26.05 7.97
N ALA D 394 30.31 -27.00 8.46
CA ALA D 394 29.14 -27.51 7.79
C ALA D 394 27.92 -27.05 8.57
N PHE D 395 26.87 -26.65 7.84
CA PHE D 395 25.58 -26.28 8.44
C PHE D 395 24.48 -27.14 7.86
N PRO D 396 23.38 -27.38 8.63
CA PRO D 396 22.32 -28.23 8.10
C PRO D 396 21.64 -27.59 6.90
N ASN D 397 21.66 -26.26 6.85
CA ASN D 397 21.27 -25.51 5.65
C ASN D 397 21.90 -24.12 5.58
N PHE D 398 21.83 -23.53 4.39
CA PHE D 398 22.22 -22.13 4.18
C PHE D 398 21.72 -21.11 5.23
N GLU D 399 20.44 -21.22 5.61
CA GLU D 399 19.79 -20.27 6.54
C GLU D 399 20.47 -20.24 7.90
N GLN D 400 20.84 -21.41 8.42
CA GLN D 400 21.55 -21.56 9.68
C GLN D 400 22.97 -21.04 9.59
N GLY D 401 23.59 -21.19 8.41
CA GLY D 401 24.84 -20.53 8.10
C GLY D 401 24.75 -19.00 8.23
N VAL D 402 23.70 -18.41 7.66
CA VAL D 402 23.57 -16.95 7.64
C VAL D 402 23.41 -16.46 9.06
N ALA D 403 22.61 -17.19 9.83
CA ALA D 403 22.34 -16.89 11.24
C ALA D 403 23.64 -16.89 12.05
N CYS D 404 24.49 -17.84 11.70
CA CYS D 404 25.75 -18.02 12.38
C CYS D 404 26.72 -16.87 12.06
N LEU D 405 26.87 -16.58 10.77
CA LEU D 405 27.61 -15.38 10.36
C LEU D 405 27.10 -14.05 11.00
N ARG D 406 25.80 -13.95 11.20
CA ARG D 406 25.22 -12.73 11.76
C ARG D 406 25.62 -12.66 13.23
N GLU D 407 25.67 -13.83 13.86
CA GLU D 407 26.02 -13.94 15.26
C GLU D 407 27.52 -13.69 15.45
N ILE D 408 28.30 -14.16 14.49
CA ILE D 408 29.70 -13.84 14.47
C ILE D 408 29.90 -12.33 14.35
N ALA D 409 29.21 -11.69 13.42
CA ALA D 409 29.37 -10.25 13.31
C ALA D 409 28.86 -9.55 14.57
N LYS D 410 27.80 -10.08 15.17
CA LYS D 410 27.26 -9.50 16.39
C LYS D 410 28.23 -9.58 17.56
N GLN D 411 29.02 -10.65 17.63
CA GLN D 411 30.05 -10.73 18.64
C GLN D 411 31.32 -10.03 18.20
N ARG D 412 31.32 -9.55 16.95
CA ARG D 412 32.48 -8.89 16.35
C ARG D 412 33.75 -9.74 16.43
N CYS D 413 33.62 -11.00 16.08
CA CYS D 413 34.77 -11.86 16.12
C CYS D 413 34.94 -12.60 14.80
N ALA D 414 34.59 -11.94 13.70
CA ALA D 414 34.96 -12.44 12.39
C ALA D 414 36.47 -12.65 12.22
N PRO D 415 36.85 -13.84 11.71
CA PRO D 415 38.25 -14.12 11.42
C PRO D 415 38.67 -13.41 10.15
N ALA D 416 39.91 -13.59 9.74
CA ALA D 416 40.44 -12.84 8.62
C ALA D 416 39.49 -12.90 7.41
N SER D 417 38.90 -14.05 7.20
CA SER D 417 38.01 -14.23 6.08
C SER D 417 37.07 -15.31 6.50
N ILE D 418 35.80 -15.07 6.20
CA ILE D 418 34.74 -16.00 6.50
C ILE D 418 33.75 -15.91 5.33
N ARG D 419 33.43 -17.06 4.75
CA ARG D 419 32.62 -17.12 3.54
C ARG D 419 31.66 -18.29 3.52
N LEU D 420 30.38 -17.98 3.41
CA LEU D 420 29.38 -19.04 3.43
C LEU D 420 28.96 -19.41 2.02
N MET D 421 29.13 -20.67 1.63
CA MET D 421 28.68 -21.13 0.30
C MET D 421 27.34 -21.87 0.39
N ASP D 422 26.44 -21.67 -0.57
CA ASP D 422 25.23 -22.50 -0.60
C ASP D 422 25.55 -23.92 -1.13
N ASN D 423 24.54 -24.80 -1.16
CA ASN D 423 24.75 -26.20 -1.53
C ASN D 423 25.32 -26.40 -2.94
N GLN D 424 24.73 -25.70 -3.92
CA GLN D 424 25.21 -25.79 -5.30
C GLN D 424 26.69 -25.55 -5.39
N GLN D 425 27.16 -24.45 -4.75
CA GLN D 425 28.61 -24.17 -4.64
C GLN D 425 29.35 -25.20 -3.86
N PHE D 426 28.79 -25.67 -2.76
CA PHE D 426 29.47 -26.77 -2.06
C PHE D 426 29.74 -27.93 -3.03
N GLN D 427 28.70 -28.38 -3.72
CA GLN D 427 28.82 -29.48 -4.71
C GLN D 427 29.80 -29.14 -5.82
N PHE D 428 29.88 -27.87 -6.19
CA PHE D 428 30.88 -27.41 -7.15
C PHE D 428 32.30 -27.58 -6.64
N GLY D 429 32.54 -27.11 -5.41
CA GLY D 429 33.84 -27.30 -4.77
C GLY D 429 34.25 -28.77 -4.71
N HIS D 430 33.26 -29.65 -4.64
CA HIS D 430 33.47 -31.11 -4.53
C HIS D 430 34.10 -31.68 -5.77
N ALA D 431 33.67 -31.19 -6.92
CA ALA D 431 34.11 -31.67 -8.20
C ALA D 431 35.58 -31.37 -8.51
N LEU D 432 36.31 -30.81 -7.55
CA LEU D 432 37.72 -30.49 -7.75
C LEU D 432 38.58 -30.91 -6.53
N ASN D 461 21.98 -32.26 1.18
CA ASN D 461 21.45 -31.68 -0.06
C ASN D 461 21.01 -30.22 0.05
N GLN D 462 20.57 -29.79 1.24
CA GLN D 462 20.29 -28.35 1.47
C GLN D 462 21.44 -27.76 2.30
N LEU D 463 22.46 -28.60 2.49
CA LEU D 463 23.57 -28.35 3.41
C LEU D 463 24.58 -27.34 2.84
N SER D 464 25.11 -26.46 3.68
CA SER D 464 25.94 -25.35 3.21
C SER D 464 27.28 -25.31 3.96
N VAL D 465 28.24 -24.56 3.41
CA VAL D 465 29.60 -24.53 3.96
C VAL D 465 30.27 -23.14 4.02
N ALA D 466 30.76 -22.84 5.22
CA ALA D 466 31.59 -21.69 5.45
C ALA D 466 33.03 -22.13 5.37
N THR D 467 33.86 -21.35 4.73
CA THR D 467 35.30 -21.55 4.87
C THR D 467 35.88 -20.45 5.69
N LEU D 468 36.91 -20.77 6.46
CA LEU D 468 37.51 -19.80 7.37
C LEU D 468 39.00 -19.62 7.13
N LEU D 469 39.48 -18.39 7.32
CA LEU D 469 40.90 -18.15 7.45
C LEU D 469 41.22 -17.25 8.68
N PHE D 470 42.14 -17.71 9.52
CA PHE D 470 42.58 -16.95 10.70
C PHE D 470 44.02 -16.49 10.54
N GLU D 471 44.32 -15.26 10.94
CA GLU D 471 45.72 -14.81 11.00
C GLU D 471 45.97 -13.70 12.02
N GLY D 472 47.22 -13.61 12.48
CA GLY D 472 47.63 -12.75 13.56
C GLY D 472 48.54 -13.59 14.47
N ASP D 473 48.64 -13.21 15.75
CA ASP D 473 49.47 -13.97 16.65
C ASP D 473 49.00 -15.41 16.83
N ARG D 474 49.95 -16.31 16.88
CA ARG D 474 49.71 -17.71 17.17
C ARG D 474 48.74 -17.98 18.32
N GLU D 475 48.95 -17.33 19.46
CA GLU D 475 48.12 -17.57 20.64
C GLU D 475 46.67 -17.12 20.33
N LYS D 476 46.57 -15.92 19.76
CA LYS D 476 45.30 -15.32 19.41
C LYS D 476 44.48 -16.16 18.39
N VAL D 477 45.16 -16.72 17.39
CA VAL D 477 44.45 -17.55 16.37
C VAL D 477 43.67 -18.67 17.04
N LEU D 478 44.36 -19.37 17.94
CA LEU D 478 43.78 -20.49 18.64
C LEU D 478 42.60 -20.13 19.53
N GLN D 479 42.65 -18.97 20.19
CA GLN D 479 41.50 -18.50 20.97
C GLN D 479 40.39 -18.22 19.99
N HIS D 480 40.69 -17.32 19.06
CA HIS D 480 39.75 -16.92 18.03
C HIS D 480 39.08 -18.10 17.38
N GLU D 481 39.85 -19.13 17.09
CA GLU D 481 39.35 -20.33 16.40
C GLU D 481 38.28 -21.06 17.26
N LYS D 482 38.60 -21.25 18.54
CA LYS D 482 37.69 -21.81 19.55
C LYS D 482 36.35 -21.06 19.68
N GLN D 483 36.43 -19.75 19.76
CA GLN D 483 35.24 -18.93 19.84
C GLN D 483 34.32 -19.18 18.62
N VAL D 484 34.90 -19.07 17.43
CA VAL D 484 34.11 -19.26 16.22
C VAL D 484 33.43 -20.65 16.19
N TYR D 485 34.18 -21.70 16.50
CA TYR D 485 33.56 -23.05 16.47
C TYR D 485 32.45 -23.24 17.51
N ASP D 486 32.64 -22.66 18.69
CA ASP D 486 31.58 -22.70 19.69
C ASP D 486 30.34 -22.00 19.20
N ILE D 487 30.48 -20.75 18.74
CA ILE D 487 29.32 -20.04 18.16
C ILE D 487 28.60 -20.86 17.09
N ALA D 488 29.38 -21.35 16.11
CA ALA D 488 28.76 -22.14 15.02
C ALA D 488 28.08 -23.37 15.54
N ALA D 489 28.67 -24.03 16.53
CA ALA D 489 28.05 -25.21 17.19
C ALA D 489 26.63 -24.94 17.63
N LYS D 490 26.32 -23.65 17.89
CA LYS D 490 24.95 -23.26 18.24
C LYS D 490 23.95 -23.31 17.09
N PHE D 491 24.45 -23.34 15.83
CA PHE D 491 23.60 -23.31 14.62
C PHE D 491 23.66 -24.58 13.77
N GLY D 492 23.97 -25.68 14.43
CA GLY D 492 24.07 -26.95 13.74
C GLY D 492 25.41 -27.00 13.09
N GLY D 493 26.33 -26.11 13.51
CA GLY D 493 27.64 -26.04 12.88
C GLY D 493 28.67 -27.02 13.41
N LEU D 494 29.16 -27.91 12.54
CA LEU D 494 30.23 -28.87 12.89
C LEU D 494 31.50 -28.59 12.08
N ALA D 495 32.65 -28.57 12.74
CA ALA D 495 33.93 -28.44 12.04
C ALA D 495 34.00 -29.42 10.89
N ALA D 496 34.35 -28.94 9.69
CA ALA D 496 34.47 -29.81 8.52
C ALA D 496 35.93 -29.97 8.10
N GLY D 497 36.85 -29.44 8.90
CA GLY D 497 38.26 -29.67 8.68
C GLY D 497 39.07 -28.53 8.13
N GLU D 498 40.31 -28.46 8.61
CA GLU D 498 41.32 -27.47 8.28
C GLU D 498 41.81 -27.54 6.83
N ASP D 499 41.88 -28.75 6.29
CA ASP D 499 42.31 -28.92 4.92
C ASP D 499 41.21 -28.60 3.92
N ASN D 500 39.96 -28.93 4.26
CA ASN D 500 38.84 -28.53 3.41
C ASN D 500 38.87 -27.02 3.24
N GLY D 501 39.09 -26.33 4.36
CA GLY D 501 39.20 -24.87 4.36
C GLY D 501 40.34 -24.32 3.53
N GLN D 502 41.32 -25.15 3.23
CA GLN D 502 42.43 -24.66 2.40
C GLN D 502 42.07 -24.76 0.92
N ARG D 503 41.44 -25.89 0.52
CA ARG D 503 40.92 -26.10 -0.85
C ARG D 503 40.13 -24.88 -1.38
N GLY D 504 39.09 -24.47 -0.66
CA GLY D 504 38.31 -23.25 -1.00
C GLY D 504 39.12 -21.97 -1.23
N TYR D 505 40.20 -21.79 -0.48
CA TYR D 505 41.08 -20.64 -0.71
C TYR D 505 42.08 -20.84 -1.82
N LEU D 506 42.88 -21.90 -1.74
CA LEU D 506 43.79 -22.29 -2.86
C LEU D 506 43.10 -22.15 -4.23
N LEU D 507 41.79 -22.33 -4.23
CA LEU D 507 40.97 -22.28 -5.40
C LEU D 507 40.65 -20.89 -5.94
N THR D 508 40.90 -19.84 -5.17
CA THR D 508 40.27 -18.53 -5.42
C THR D 508 40.63 -17.91 -6.77
N TYR D 509 41.94 -17.99 -7.08
CA TYR D 509 42.54 -17.28 -8.18
C TYR D 509 42.42 -18.03 -9.52
N VAL D 510 41.68 -19.15 -9.51
CA VAL D 510 41.50 -19.95 -10.70
C VAL D 510 40.05 -19.99 -11.14
N ILE D 511 39.12 -19.61 -10.25
CA ILE D 511 37.70 -19.50 -10.64
C ILE D 511 37.52 -18.61 -11.88
N ALA D 512 38.27 -17.53 -11.95
CA ALA D 512 38.15 -16.58 -13.07
C ALA D 512 38.58 -17.16 -14.44
N TYR D 513 39.38 -18.22 -14.39
CA TYR D 513 39.80 -18.89 -15.61
C TYR D 513 38.72 -19.82 -16.11
N MET D 514 37.74 -20.14 -15.26
CA MET D 514 36.71 -21.09 -15.65
C MET D 514 35.60 -20.48 -16.47
N ARG D 515 35.49 -19.16 -16.41
CA ARG D 515 34.56 -18.47 -17.29
C ARG D 515 35.04 -18.60 -18.74
N ASP D 516 36.34 -18.38 -18.98
CA ASP D 516 36.92 -18.60 -20.30
C ASP D 516 36.68 -20.05 -20.77
N LEU D 517 37.00 -21.04 -19.92
CA LEU D 517 36.61 -22.44 -20.17
C LEU D 517 35.13 -22.60 -20.55
N GLY D 518 34.22 -22.13 -19.71
CA GLY D 518 32.79 -22.22 -19.99
C GLY D 518 32.38 -21.58 -21.31
N LEU D 519 33.13 -20.60 -21.78
CA LEU D 519 32.77 -19.99 -23.05
C LEU D 519 33.09 -20.89 -24.22
N GLU D 520 34.18 -21.67 -24.11
CA GLU D 520 34.58 -22.61 -25.15
C GLU D 520 33.49 -23.65 -25.40
N TYR D 521 32.65 -23.92 -24.39
CA TYR D 521 31.56 -24.91 -24.52
C TYR D 521 30.16 -24.29 -24.47
N TYR D 522 30.03 -23.09 -25.01
CA TYR D 522 28.70 -22.48 -25.15
C TYR D 522 27.99 -22.20 -23.81
N ILE D 523 28.74 -21.89 -22.76
CA ILE D 523 28.11 -21.53 -21.47
C ILE D 523 28.47 -20.11 -21.15
N ILE D 524 27.47 -19.26 -20.93
CA ILE D 524 27.75 -17.87 -20.51
C ILE D 524 27.44 -17.69 -19.06
N GLY D 525 28.44 -17.18 -18.33
CA GLY D 525 28.30 -16.96 -16.91
C GLY D 525 28.95 -15.67 -16.42
N GLU D 526 28.42 -15.15 -15.32
CA GLU D 526 28.96 -13.94 -14.67
C GLU D 526 28.61 -14.00 -13.20
N SER D 527 29.45 -13.35 -12.41
CA SER D 527 29.15 -13.15 -11.00
C SER D 527 28.78 -11.69 -10.84
N PHE D 528 27.82 -11.41 -9.98
CA PHE D 528 27.50 -10.03 -9.62
C PHE D 528 27.18 -9.95 -8.12
N GLU D 529 27.38 -8.78 -7.53
CA GLU D 529 27.24 -8.70 -6.12
C GLU D 529 26.32 -7.58 -5.59
N THR D 530 25.96 -7.68 -4.32
CA THR D 530 25.36 -6.55 -3.58
C THR D 530 25.78 -6.57 -2.10
N SER D 531 25.43 -5.51 -1.39
CA SER D 531 25.40 -5.53 0.07
C SER D 531 23.97 -5.30 0.50
N ALA D 532 23.58 -5.93 1.61
CA ALA D 532 22.23 -5.79 2.17
C ALA D 532 22.21 -5.91 3.71
N PRO D 533 21.22 -5.28 4.36
CA PRO D 533 20.94 -5.47 5.79
C PRO D 533 20.84 -6.93 6.17
N TRP D 534 21.25 -7.23 7.40
CA TRP D 534 21.13 -8.58 7.93
C TRP D 534 19.75 -9.17 7.78
N ASP D 535 18.72 -8.35 7.99
CA ASP D 535 17.37 -8.87 8.03
C ASP D 535 16.76 -9.07 6.64
N ARG D 536 17.57 -8.85 5.60
CA ARG D 536 17.14 -9.03 4.21
C ARG D 536 17.92 -10.11 3.51
N VAL D 537 19.07 -10.48 4.07
CA VAL D 537 19.99 -11.45 3.44
C VAL D 537 19.33 -12.76 2.91
N VAL D 538 18.59 -13.46 3.78
CA VAL D 538 17.97 -14.73 3.38
C VAL D 538 16.96 -14.57 2.24
N ASP D 539 16.03 -13.61 2.39
CA ASP D 539 14.96 -13.36 1.39
C ASP D 539 15.51 -12.96 0.03
N LEU D 540 16.56 -12.14 0.05
CA LEU D 540 17.19 -11.65 -1.17
C LEU D 540 17.85 -12.80 -1.89
N CYS D 541 18.61 -13.60 -1.15
CA CYS D 541 19.22 -14.78 -1.73
C CYS D 541 18.19 -15.69 -2.41
N ARG D 542 17.13 -16.02 -1.67
CA ARG D 542 16.07 -16.87 -2.20
C ARG D 542 15.44 -16.19 -3.44
N ASN D 543 14.98 -14.95 -3.28
CA ASN D 543 14.25 -14.31 -4.35
C ASN D 543 15.07 -14.03 -5.61
N VAL D 544 16.39 -13.85 -5.46
CA VAL D 544 17.22 -13.48 -6.62
C VAL D 544 17.51 -14.73 -7.44
N LYS D 545 17.77 -15.86 -6.79
CA LYS D 545 18.02 -17.11 -7.52
C LYS D 545 16.76 -17.51 -8.30
N GLU D 546 15.62 -17.47 -7.62
CA GLU D 546 14.32 -17.71 -8.24
C GLU D 546 14.09 -16.84 -9.47
N ARG D 547 14.31 -15.52 -9.32
CA ARG D 547 14.10 -14.55 -10.38
C ARG D 547 14.91 -14.88 -11.64
N ILE D 548 16.17 -15.26 -11.45
CA ILE D 548 17.04 -15.68 -12.55
C ILE D 548 16.54 -16.96 -13.22
N ARG D 549 16.06 -17.94 -12.45
CA ARG D 549 15.52 -19.18 -13.00
C ARG D 549 14.32 -18.92 -13.88
N ARG D 550 13.49 -17.99 -13.44
CA ARG D 550 12.30 -17.54 -14.14
C ARG D 550 12.64 -16.78 -15.41
N GLU D 551 13.24 -15.60 -15.27
CA GLU D 551 13.74 -14.83 -16.41
C GLU D 551 14.47 -15.65 -17.48
N CYS D 552 15.04 -16.77 -17.06
CA CYS D 552 15.66 -17.73 -17.97
C CYS D 552 14.66 -18.65 -18.68
N LYS D 553 13.76 -19.31 -17.95
CA LYS D 553 12.75 -20.17 -18.59
C LYS D 553 11.92 -19.38 -19.61
N GLU D 554 11.53 -18.15 -19.24
CA GLU D 554 10.70 -17.27 -20.08
C GLU D 554 11.38 -16.76 -21.35
N LYS D 555 12.70 -16.82 -21.38
CA LYS D 555 13.43 -16.36 -22.54
C LYS D 555 13.88 -17.53 -23.42
N GLY D 556 13.39 -18.72 -23.08
CA GLY D 556 13.55 -19.90 -23.92
C GLY D 556 14.68 -20.86 -23.59
N VAL D 557 15.29 -20.69 -22.42
CA VAL D 557 16.43 -21.51 -22.00
C VAL D 557 15.97 -22.93 -21.60
N GLN D 558 16.67 -23.95 -22.12
CA GLN D 558 16.31 -25.36 -21.92
C GLN D 558 16.53 -25.83 -20.49
N PHE D 559 17.73 -26.30 -20.16
CA PHE D 559 18.02 -26.66 -18.77
C PHE D 559 18.02 -25.40 -17.87
N PRO D 560 17.47 -25.50 -16.64
CA PRO D 560 17.40 -24.33 -15.74
C PRO D 560 18.82 -23.84 -15.40
N PRO D 561 19.00 -22.53 -15.24
CA PRO D 561 20.38 -22.07 -15.08
C PRO D 561 21.05 -22.67 -13.85
N LEU D 562 22.38 -22.56 -13.81
CA LEU D 562 23.12 -22.63 -12.57
C LEU D 562 22.97 -21.24 -11.96
N SER D 563 22.63 -21.23 -10.68
CA SER D 563 22.29 -20.01 -9.92
C SER D 563 22.72 -20.24 -8.45
N THR D 564 23.91 -19.74 -8.08
CA THR D 564 24.42 -19.87 -6.70
C THR D 564 24.61 -18.53 -5.99
N CYS D 565 24.84 -18.61 -4.68
CA CYS D 565 25.22 -17.46 -3.91
C CYS D 565 26.10 -17.77 -2.70
N ARG D 566 26.89 -16.77 -2.29
CA ARG D 566 27.67 -16.87 -1.07
C ARG D 566 27.82 -15.57 -0.26
N VAL D 567 27.79 -15.68 1.06
CA VAL D 567 28.12 -14.52 1.85
C VAL D 567 29.63 -14.42 1.89
N THR D 568 30.13 -13.26 1.51
CA THR D 568 31.54 -13.05 1.23
C THR D 568 32.19 -12.12 2.27
N GLN D 569 31.43 -11.16 2.79
CA GLN D 569 31.90 -10.32 3.86
C GLN D 569 30.76 -10.18 4.86
N THR D 570 31.12 -9.88 6.11
CA THR D 570 30.17 -9.51 7.14
C THR D 570 30.51 -8.10 7.70
N TYR D 571 29.48 -7.44 8.23
CA TYR D 571 29.61 -6.09 8.75
C TYR D 571 28.70 -6.05 9.94
N ASP D 572 28.88 -5.03 10.79
CA ASP D 572 27.90 -4.66 11.82
C ASP D 572 26.51 -4.65 11.21
N ALA D 573 26.28 -3.79 10.20
CA ALA D 573 24.92 -3.56 9.59
C ALA D 573 24.42 -4.53 8.48
N GLY D 574 25.23 -5.53 8.11
CA GLY D 574 24.78 -6.55 7.15
C GLY D 574 25.91 -7.21 6.37
N ALA D 575 25.60 -7.77 5.20
CA ALA D 575 26.51 -8.66 4.54
C ALA D 575 26.73 -8.29 3.08
N CYS D 576 27.81 -8.79 2.50
CA CYS D 576 28.04 -8.75 1.04
C CYS D 576 27.67 -10.09 0.42
N ILE D 577 26.78 -10.07 -0.57
CA ILE D 577 26.35 -11.30 -1.22
C ILE D 577 26.83 -11.36 -2.67
N TYR D 578 27.37 -12.50 -3.03
CA TYR D 578 27.76 -12.77 -4.39
C TYR D 578 26.87 -13.81 -5.02
N PHE D 579 26.44 -13.56 -6.26
CA PHE D 579 25.73 -14.54 -7.08
C PHE D 579 26.58 -14.94 -8.28
N TYR D 580 26.49 -16.20 -8.64
CA TYR D 580 27.02 -16.63 -9.91
C TYR D 580 25.88 -17.31 -10.68
N PHE D 581 25.70 -16.92 -11.93
CA PHE D 581 24.77 -17.63 -12.80
C PHE D 581 25.33 -17.83 -14.18
N ALA D 582 24.98 -18.98 -14.74
CA ALA D 582 25.53 -19.39 -16.01
C ALA D 582 24.48 -20.31 -16.60
N PHE D 583 24.35 -20.25 -17.93
CA PHE D 583 23.53 -21.21 -18.65
C PHE D 583 24.21 -21.54 -19.96
N ASN D 584 24.09 -22.79 -20.39
CA ASN D 584 24.51 -23.16 -21.75
C ASN D 584 23.53 -22.59 -22.79
N TYR D 585 24.08 -22.01 -23.86
CA TYR D 585 23.27 -21.21 -24.76
C TYR D 585 23.11 -21.75 -26.19
N ARG D 586 23.63 -22.94 -26.49
CA ARG D 586 23.45 -23.52 -27.86
C ARG D 586 21.94 -23.64 -28.20
N GLY D 587 21.53 -22.97 -29.28
CA GLY D 587 20.12 -22.92 -29.67
C GLY D 587 19.46 -21.54 -29.53
N ILE D 588 19.96 -20.72 -28.60
CA ILE D 588 19.38 -19.41 -28.39
C ILE D 588 19.75 -18.51 -29.54
N SER D 589 18.75 -17.76 -30.01
CA SER D 589 18.89 -16.89 -31.16
C SER D 589 19.97 -15.85 -30.89
N ASP D 590 19.75 -15.06 -29.83
CA ASP D 590 20.66 -13.99 -29.43
C ASP D 590 21.08 -14.24 -27.99
N PRO D 591 22.25 -14.89 -27.81
CA PRO D 591 22.69 -15.29 -26.49
C PRO D 591 23.01 -14.08 -25.61
N LEU D 592 23.71 -13.09 -26.19
CA LEU D 592 24.05 -11.85 -25.49
C LEU D 592 22.88 -11.02 -24.96
N ALA D 593 21.76 -11.05 -25.65
CA ALA D 593 20.57 -10.30 -25.21
C ALA D 593 19.85 -10.98 -24.06
N VAL D 594 19.73 -12.31 -24.13
CA VAL D 594 19.10 -13.09 -23.07
C VAL D 594 19.82 -12.85 -21.74
N PHE D 595 21.12 -13.15 -21.72
CA PHE D 595 21.94 -12.96 -20.54
C PHE D 595 21.83 -11.53 -19.98
N GLU D 596 22.13 -10.54 -20.81
CA GLU D 596 22.06 -9.15 -20.42
C GLU D 596 20.71 -8.71 -19.81
N GLN D 597 19.61 -9.22 -20.35
CA GLN D 597 18.29 -8.86 -19.82
C GLN D 597 18.03 -9.57 -18.51
N THR D 598 18.57 -10.79 -18.39
CA THR D 598 18.44 -11.57 -17.16
C THR D 598 19.28 -10.97 -16.03
N GLU D 599 20.49 -10.53 -16.37
CA GLU D 599 21.30 -9.77 -15.43
C GLU D 599 20.60 -8.52 -14.96
N ALA D 600 20.05 -7.76 -15.90
CA ALA D 600 19.44 -6.50 -15.54
C ALA D 600 18.18 -6.76 -14.68
N ALA D 601 17.52 -7.89 -14.92
CA ALA D 601 16.39 -8.27 -14.09
C ALA D 601 16.83 -8.66 -12.67
N ALA D 602 17.88 -9.46 -12.56
CA ALA D 602 18.37 -9.89 -11.26
C ALA D 602 18.82 -8.71 -10.38
N ARG D 603 19.26 -7.63 -11.04
CA ARG D 603 19.51 -6.35 -10.40
C ARG D 603 18.26 -5.70 -9.80
N GLU D 604 17.18 -5.66 -10.60
CA GLU D 604 15.91 -5.18 -10.14
C GLU D 604 15.52 -5.96 -8.91
N GLU D 605 15.66 -7.28 -8.98
CA GLU D 605 15.29 -8.10 -7.84
C GLU D 605 16.13 -7.73 -6.63
N ILE D 606 17.44 -7.58 -6.85
CA ILE D 606 18.35 -7.15 -5.76
C ILE D 606 17.88 -5.85 -5.14
N LEU D 607 17.70 -4.80 -5.96
CA LEU D 607 17.25 -3.50 -5.43
C LEU D 607 15.92 -3.55 -4.69
N ALA D 608 15.04 -4.45 -5.14
CA ALA D 608 13.71 -4.51 -4.58
C ALA D 608 13.72 -5.30 -3.25
N ASN D 609 14.73 -6.16 -3.07
CA ASN D 609 14.89 -6.93 -1.84
C ASN D 609 15.80 -6.24 -0.84
N GLY D 610 16.02 -4.93 -1.04
CA GLY D 610 16.69 -4.10 -0.03
C GLY D 610 18.19 -3.96 -0.21
N GLY D 611 18.73 -4.72 -1.17
CA GLY D 611 20.14 -4.70 -1.51
C GLY D 611 20.58 -3.48 -2.28
N SER D 612 21.89 -3.21 -2.19
CA SER D 612 22.47 -2.02 -2.77
C SER D 612 22.87 -2.27 -4.25
N LEU D 613 23.26 -1.19 -4.93
CA LEU D 613 23.55 -1.26 -6.36
C LEU D 613 24.83 -2.06 -6.57
N SER D 614 25.88 -1.72 -5.82
CA SER D 614 27.12 -2.49 -5.76
C SER D 614 27.74 -2.48 -4.37
N HIS D 615 28.37 -3.60 -3.98
CA HIS D 615 29.24 -3.58 -2.81
C HIS D 615 30.65 -3.15 -3.17
N HIS D 616 31.20 -3.70 -4.26
CA HIS D 616 32.55 -3.32 -4.73
C HIS D 616 32.72 -3.26 -6.25
N HIS D 617 31.84 -3.85 -7.05
CA HIS D 617 32.08 -3.74 -8.49
C HIS D 617 32.12 -2.31 -8.96
N GLY D 618 31.44 -1.42 -8.23
CA GLY D 618 31.29 -0.04 -8.66
C GLY D 618 30.18 0.06 -9.70
N VAL D 619 30.12 1.22 -10.37
CA VAL D 619 28.99 1.60 -11.24
C VAL D 619 29.34 1.65 -12.73
N GLY D 620 30.39 2.38 -13.09
CA GLY D 620 30.84 2.44 -14.49
C GLY D 620 29.77 2.96 -15.42
N LYS D 621 29.38 2.12 -16.39
CA LYS D 621 28.30 2.42 -17.31
C LYS D 621 27.26 1.32 -17.29
N LEU D 622 27.55 0.23 -16.58
CA LEU D 622 26.64 -0.93 -16.52
C LEU D 622 25.47 -0.65 -15.60
N ARG D 623 25.70 0.09 -14.52
CA ARG D 623 24.67 0.35 -13.51
C ARG D 623 24.24 1.81 -13.45
N LYS D 624 24.69 2.63 -14.41
CA LYS D 624 24.33 4.07 -14.43
C LYS D 624 22.83 4.37 -14.26
N GLN D 625 21.97 3.60 -14.93
CA GLN D 625 20.55 3.86 -14.98
C GLN D 625 19.86 3.87 -13.58
N TRP D 626 20.55 3.36 -12.55
CA TRP D 626 19.92 3.25 -11.20
C TRP D 626 20.55 4.19 -10.21
N LEU D 627 21.73 4.70 -10.55
CA LEU D 627 22.46 5.59 -9.63
C LEU D 627 21.65 6.72 -8.96
N LYS D 628 20.90 7.45 -9.76
CA LYS D 628 20.09 8.56 -9.30
C LYS D 628 19.04 8.17 -8.27
N GLU D 629 18.48 6.97 -8.38
CA GLU D 629 17.58 6.49 -7.34
C GLU D 629 18.38 6.11 -6.08
N SER D 630 19.59 5.61 -6.28
CA SER D 630 20.39 5.07 -5.19
C SER D 630 20.84 6.14 -4.22
N ILE D 631 21.22 7.26 -4.78
CA ILE D 631 21.59 8.42 -3.98
C ILE D 631 20.39 9.26 -4.32
N SER D 632 20.21 10.41 -3.74
CA SER D 632 19.00 11.18 -4.16
C SER D 632 19.27 11.92 -5.50
N ASP D 633 18.26 12.63 -6.05
CA ASP D 633 18.52 13.53 -7.18
C ASP D 633 19.54 14.58 -6.77
N VAL D 634 19.42 15.12 -5.55
CA VAL D 634 20.35 16.15 -5.11
C VAL D 634 21.74 15.49 -4.95
N GLY D 635 21.70 14.27 -4.40
CA GLY D 635 22.91 13.45 -4.32
C GLY D 635 23.59 13.40 -5.67
N PHE D 636 22.85 12.97 -6.66
CA PHE D 636 23.40 12.96 -8.01
C PHE D 636 23.85 14.36 -8.51
N GLY D 637 23.03 15.39 -8.33
CA GLY D 637 23.43 16.73 -8.69
C GLY D 637 24.76 17.17 -8.10
N MET D 638 25.05 16.77 -6.85
CA MET D 638 26.31 17.19 -6.17
C MET D 638 27.57 16.61 -6.85
N LEU D 639 27.48 15.35 -7.27
CA LEU D 639 28.58 14.73 -8.00
C LEU D 639 28.81 15.50 -9.28
N LYS D 640 27.68 15.88 -9.91
CA LYS D 640 27.68 16.56 -11.21
C LYS D 640 28.45 17.84 -11.09
N SER D 641 28.23 18.52 -10.00
CA SER D 641 28.80 19.81 -9.74
C SER D 641 30.28 19.70 -9.39
N VAL D 642 30.74 18.51 -8.98
CA VAL D 642 32.20 18.32 -8.76
C VAL D 642 32.84 18.01 -10.09
N LYS D 643 32.19 17.15 -10.89
CA LYS D 643 32.65 16.84 -12.24
C LYS D 643 32.90 18.16 -13.00
N ASP D 644 31.89 19.03 -12.96
CA ASP D 644 31.87 20.26 -13.75
C ASP D 644 32.87 21.32 -13.33
N TYR D 645 33.33 21.28 -12.09
CA TYR D 645 34.36 22.22 -11.67
C TYR D 645 35.78 21.64 -11.89
N VAL D 646 35.92 20.36 -11.63
CA VAL D 646 37.21 19.72 -11.74
C VAL D 646 37.55 19.54 -13.22
N ASP D 647 36.56 19.08 -13.99
CA ASP D 647 36.72 18.76 -15.41
C ASP D 647 35.58 19.45 -16.28
N PRO D 648 35.64 20.80 -16.36
CA PRO D 648 34.65 21.58 -17.09
C PRO D 648 34.40 21.15 -18.54
N THR D 649 35.44 20.68 -19.26
CA THR D 649 35.35 20.39 -20.69
C THR D 649 35.28 18.86 -20.89
N ASN D 650 35.04 18.15 -19.79
CA ASN D 650 34.88 16.72 -19.79
C ASN D 650 36.01 15.90 -20.47
N ILE D 651 37.24 16.36 -20.25
CA ILE D 651 38.46 15.63 -20.67
C ILE D 651 38.54 14.17 -20.18
N PHE D 652 38.07 13.91 -18.94
CA PHE D 652 38.01 12.56 -18.40
C PHE D 652 36.65 11.98 -18.72
N GLY D 653 36.53 11.51 -19.97
CA GLY D 653 35.23 11.33 -20.61
C GLY D 653 34.76 9.92 -20.79
N ASN D 654 35.16 9.02 -19.88
CA ASN D 654 34.66 7.62 -19.97
C ASN D 654 33.17 7.56 -19.75
N ARG D 655 32.63 8.64 -19.14
CA ARG D 655 31.18 8.81 -18.83
C ARG D 655 30.65 7.79 -17.82
N ASN D 656 31.51 7.32 -16.93
CA ASN D 656 31.03 6.52 -15.82
C ASN D 656 30.11 7.39 -14.91
N LEU D 657 29.11 6.73 -14.31
CA LEU D 657 28.31 7.28 -13.18
C LEU D 657 27.22 8.25 -13.64
N LEU D 658 27.67 9.43 -14.08
CA LEU D 658 26.81 10.52 -14.57
C LEU D 658 26.71 10.49 -16.10
NAB CNV E . -16.49 -0.53 -2.45
CAC CNV E . -16.46 -0.86 -1.34
CAD CNV E . -16.42 -1.20 0.11
CAA CNV E . -15.10 -2.02 0.27
PA FAD F . -21.81 9.92 -1.09
O1A FAD F . -21.99 11.12 -0.22
O2A FAD F . -20.42 9.38 -1.41
O5B FAD F . -22.59 10.16 -2.48
C5B FAD F . -22.59 9.14 -3.48
C4B FAD F . -23.51 9.51 -4.63
O4B FAD F . -24.85 9.58 -4.14
C3B FAD F . -23.24 10.89 -5.23
O3B FAD F . -23.62 10.82 -6.63
C2B FAD F . -24.15 11.80 -4.45
O2B FAD F . -24.47 13.02 -5.13
C1B FAD F . -25.35 10.89 -4.34
N9A FAD F . -26.14 11.11 -3.14
C8A FAD F . -25.67 11.06 -1.89
N7A FAD F . -26.65 11.32 -1.02
C5A FAD F . -27.80 11.49 -1.73
C6A FAD F . -29.24 11.74 -1.40
N6A FAD F . -29.65 11.87 -0.12
N1A FAD F . -30.08 11.90 -2.46
C2A FAD F . -29.64 11.79 -3.75
N3A FAD F . -28.37 11.55 -4.08
C4A FAD F . -27.44 11.34 -3.13
N1 FAD F . -20.24 0.38 -1.22
C2 FAD F . -20.98 -0.74 -1.06
O2 FAD F . -22.09 -0.85 -1.67
N3 FAD F . -20.54 -1.73 -0.24
C4 FAD F . -19.39 -1.67 0.44
O4 FAD F . -19.01 -2.62 1.16
C4X FAD F . -18.54 -0.48 0.32
N5 FAD F . -17.35 -0.38 0.96
C5X FAD F . -16.54 0.81 0.86
C6 FAD F . -15.32 0.95 1.55
C7 FAD F . -14.57 2.12 1.41
C7M FAD F . -13.24 2.32 2.12
C8 FAD F . -15.06 3.22 0.51
C8M FAD F . -14.27 4.47 0.33
C9 FAD F . -16.27 3.07 -0.18
C9A FAD F . -17.06 1.90 -0.05
N10 FAD F . -18.31 1.76 -0.75
C10 FAD F . -19.06 0.57 -0.59
C1' FAD F . -18.84 2.79 -1.67
C2' FAD F . -19.75 3.82 -1.04
O2' FAD F . -19.44 3.98 0.35
C3' FAD F . -21.22 3.40 -1.24
O3' FAD F . -21.56 3.54 -2.65
C4' FAD F . -22.17 4.20 -0.35
O4' FAD F . -23.49 3.73 -0.61
C5' FAD F . -22.15 5.68 -0.62
O5' FAD F . -22.89 6.36 0.40
P FAD F . -22.35 7.85 0.79
O1P FAD F . -20.86 7.95 0.96
O2P FAD F . -23.25 8.30 1.90
O3P FAD F . -22.65 8.64 -0.58
S SO4 G . -30.16 -14.72 -4.00
O1 SO4 G . -30.33 -14.97 -5.46
O2 SO4 G . -30.18 -13.26 -3.68
O3 SO4 G . -28.87 -15.27 -3.54
O4 SO4 G . -31.22 -15.42 -3.20
NAB CNV H . -55.67 -13.07 -9.26
CAC CNV H . -55.36 -14.26 -9.11
CAD CNV H . -55.09 -15.71 -8.99
CAA CNV H . -55.93 -16.15 -7.77
PA FAD I . -52.59 -11.90 -20.27
O1A FAD I . -52.49 -12.47 -21.62
O2A FAD I . -53.87 -11.95 -19.48
O5B FAD I . -52.06 -10.37 -20.31
C5B FAD I . -51.73 -9.60 -19.14
C4B FAD I . -51.29 -8.19 -19.56
O4B FAD I . -49.93 -8.27 -19.99
C3B FAD I . -52.04 -7.51 -20.72
O3B FAD I . -51.83 -6.09 -20.60
C2B FAD I . -51.21 -7.92 -21.91
O2B FAD I . -51.36 -7.10 -23.08
C1B FAD I . -49.78 -7.87 -21.34
N9A FAD I . -48.91 -8.92 -21.94
C8A FAD I . -49.18 -10.24 -22.11
N7A FAD I . -48.16 -10.90 -22.69
C5A FAD I . -47.21 -9.98 -22.89
C6A FAD I . -45.85 -9.97 -23.42
N6A FAD I . -45.33 -11.10 -23.91
N1A FAD I . -45.17 -8.78 -23.44
C2A FAD I . -45.69 -7.63 -22.95
N3A FAD I . -46.91 -7.54 -22.44
C4A FAD I . -47.70 -8.66 -22.40
N1 FAD I . -52.03 -13.56 -10.79
C2 FAD I . -51.01 -13.71 -9.91
O2 FAD I . -50.08 -12.85 -9.91
N3 FAD I . -51.01 -14.71 -9.02
C4 FAD I . -51.98 -15.63 -8.96
O4 FAD I . -51.92 -16.56 -8.11
C4X FAD I . -53.12 -15.55 -9.93
N5 FAD I . -54.16 -16.41 -9.93
C5X FAD I . -55.23 -16.29 -10.92
C6 FAD I . -56.28 -17.23 -10.95
C7 FAD I . -57.27 -17.07 -11.90
C7M FAD I . -58.44 -18.03 -11.99
C8 FAD I . -57.23 -15.92 -12.85
C8M FAD I . -58.32 -15.73 -13.88
C9 FAD I . -56.18 -15.02 -12.82
C9A FAD I . -55.17 -15.15 -11.88
N10 FAD I . -54.08 -14.24 -11.85
C10 FAD I . -53.07 -14.42 -10.88
C1' FAD I . -54.01 -13.06 -12.75
C2' FAD I . -53.20 -13.38 -14.02
O2' FAD I . -53.20 -14.81 -14.20
C3' FAD I . -51.78 -12.81 -13.94
O3' FAD I . -51.80 -11.37 -13.86
C4' FAD I . -50.89 -13.28 -15.08
O4' FAD I . -49.59 -12.84 -14.80
C5' FAD I . -51.29 -12.85 -16.49
O5' FAD I . -50.71 -13.80 -17.37
P FAD I . -51.24 -13.99 -18.88
O1P FAD I . -52.56 -14.71 -18.85
O2P FAD I . -50.10 -14.55 -19.72
O3P FAD I . -51.41 -12.47 -19.38
S SO4 J . -39.79 -10.90 2.33
O1 SO4 J . -39.97 -10.67 0.87
O2 SO4 J . -39.91 -9.58 3.00
O3 SO4 J . -38.46 -11.57 2.61
O4 SO4 J . -40.84 -11.86 2.76
NAB CNV K . 36.99 19.94 22.04
CAC CNV K . 36.40 19.11 22.76
CAD CNV K . 35.75 18.04 23.53
CAA CNV K . 36.84 17.56 24.48
PA FAD L . 26.31 22.85 17.52
O1A FAD L . 24.92 23.19 17.94
O2A FAD L . 27.43 23.49 18.30
O5B FAD L . 26.50 23.09 15.92
C5B FAD L . 27.64 22.56 15.21
C4B FAD L . 27.69 23.02 13.77
O4B FAD L . 26.82 22.21 12.92
C3B FAD L . 27.21 24.44 13.58
O3B FAD L . 27.93 25.10 12.52
C2B FAD L . 25.73 24.29 13.17
O2B FAD L . 25.32 25.42 12.37
C1B FAD L . 25.69 22.94 12.44
N9A FAD L . 24.61 22.03 12.81
C8A FAD L . 24.19 21.70 14.05
N7A FAD L . 23.18 20.78 13.95
C5A FAD L . 22.95 20.49 12.65
C6A FAD L . 22.04 19.62 11.90
N6A FAD L . 21.12 18.82 12.54
N1A FAD L . 22.13 19.63 10.54
C2A FAD L . 23.03 20.42 9.92
N3A FAD L . 23.89 21.25 10.55
C4A FAD L . 23.91 21.30 11.90
N1 FAD L . 33.83 17.38 19.81
C2 FAD L . 34.22 16.10 19.61
O2 FAD L . 34.22 15.69 18.44
N3 FAD L . 34.68 15.28 20.61
C4 FAD L . 34.75 15.71 21.89
O4 FAD L . 35.19 14.98 22.85
C4X FAD L . 34.30 17.09 22.17
N5 FAD L . 34.33 17.59 23.38
C5X FAD L . 33.82 18.86 23.70
C6 FAD L . 33.86 19.32 25.02
C7 FAD L . 33.43 20.61 25.34
C7M FAD L . 33.45 21.09 26.78
C8 FAD L . 32.93 21.49 24.25
C8M FAD L . 32.44 22.90 24.53
C9 FAD L . 32.91 20.99 22.94
C9A FAD L . 33.33 19.72 22.59
N10 FAD L . 33.32 19.19 21.25
C10 FAD L . 33.82 17.91 21.04
C1' FAD L . 32.92 19.94 20.03
C2' FAD L . 31.47 19.89 19.75
O2' FAD L . 30.89 19.56 21.02
C3' FAD L . 31.24 18.84 18.62
O3' FAD L . 31.74 19.40 17.40
C4' FAD L . 29.79 18.46 18.44
O4' FAD L . 29.57 17.62 17.29
C5' FAD L . 28.89 19.69 18.34
O5' FAD L . 27.53 19.29 18.28
P FAD L . 26.35 20.28 18.74
O1P FAD L . 26.79 21.03 19.96
O2P FAD L . 25.00 19.56 18.70
O3P FAD L . 26.52 21.25 17.47
NAB CNV M . 34.38 -9.19 -8.85
CAC CNV M . 35.27 -9.50 -8.22
CAD CNV M . 36.51 -9.96 -7.54
CAA CNV M . 36.04 -11.31 -6.98
PA FAD N . 40.96 -0.52 -14.13
O1A FAD N . 42.15 -0.48 -15.06
O2A FAD N . 39.86 -1.54 -14.34
O5B FAD N . 40.33 0.96 -13.99
C5B FAD N . 39.16 1.01 -13.17
C4B FAD N . 38.40 2.30 -13.24
O4B FAD N . 39.18 3.29 -12.55
C3B FAD N . 38.23 2.77 -14.65
O3B FAD N . 37.02 3.54 -14.69
C2B FAD N . 39.45 3.65 -14.86
O2B FAD N . 39.20 4.66 -15.86
C1B FAD N . 39.72 4.25 -13.48
N9A FAD N . 41.14 4.32 -13.09
C8A FAD N . 42.09 3.32 -13.07
N7A FAD N . 43.28 3.79 -12.63
C5A FAD N . 43.10 5.10 -12.34
C6A FAD N . 43.96 6.19 -11.82
N6A FAD N . 45.24 5.94 -11.51
N1A FAD N . 43.38 7.40 -11.66
C2A FAD N . 42.08 7.66 -11.96
N3A FAD N . 41.24 6.72 -12.44
C4A FAD N . 41.70 5.46 -12.64
N1 FAD N . 37.12 -5.90 -7.09
C2 FAD N . 37.13 -5.86 -5.74
O2 FAD N . 36.88 -4.75 -5.20
N3 FAD N . 37.41 -6.95 -5.01
C4 FAD N . 37.66 -8.16 -5.59
O4 FAD N . 37.91 -9.23 -4.93
C4X FAD N . 37.65 -8.23 -7.07
N5 FAD N . 37.89 -9.43 -7.79
C5X FAD N . 37.93 -9.43 -9.21
C6 FAD N . 38.20 -10.61 -9.91
C7 FAD N . 38.21 -10.66 -11.30
C7M FAD N . 38.50 -11.95 -12.00
C8 FAD N . 37.90 -9.40 -12.05
C8M FAD N . 37.87 -9.41 -13.55
C9 FAD N . 37.65 -8.21 -11.34
C9A FAD N . 37.63 -8.17 -9.94
N10 FAD N . 37.34 -6.97 -9.19
C10 FAD N . 37.36 -7.00 -7.80
C1' FAD N . 37.04 -5.69 -9.83
C2' FAD N . 38.28 -4.86 -10.12
O2' FAD N . 39.46 -5.63 -9.91
C3' FAD N . 38.32 -3.67 -9.20
O3' FAD N . 37.21 -2.84 -9.61
C4' FAD N . 39.69 -2.98 -9.22
O4' FAD N . 39.63 -1.89 -8.30
C5' FAD N . 40.11 -2.40 -10.58
O5' FAD N . 41.51 -2.05 -10.56
P FAD N . 42.31 -1.84 -11.95
O1P FAD N . 42.04 -3.03 -12.83
O2P FAD N . 43.72 -1.33 -11.65
O3P FAD N . 41.49 -0.60 -12.59
S SO4 O . 32.19 -3.26 10.05
O1 SO4 O . 32.37 -4.76 10.10
O2 SO4 O . 32.89 -2.69 8.84
O3 SO4 O . 32.86 -2.75 11.27
O4 SO4 O . 30.76 -2.85 10.08
#